data_9OGB
#
_entry.id   9OGB
#
_cell.length_a   1.00
_cell.length_b   1.00
_cell.length_c   1.00
_cell.angle_alpha   90.00
_cell.angle_beta   90.00
_cell.angle_gamma   90.00
#
_symmetry.space_group_name_H-M   'P 1'
#
loop_
_entity.id
_entity.type
_entity.pdbx_description
1 polymer Exportin-1
2 polymer 'GTP-binding nuclear protein GSP1/CNR1'
3 polymer 'Ankyrin repeat and SOCS box protein 8'
4 polymer Elongin-C
5 polymer Elongin-B
6 non-polymer 'selinexor, bound form'
7 non-polymer "GUANOSINE-5'-TRIPHOSPHATE"
8 non-polymer 'MAGNESIUM ION'
#
loop_
_entity_poly.entity_id
_entity_poly.type
_entity_poly.pdbx_seq_one_letter_code
_entity_poly.pdbx_strand_id
1 'polypeptide(L)'
;GSMPAIMTMLADHAARQLLDFSQKLDINLLDNVVNCLYHGEGAQQRMAQEVLTHLKEHPDAWTRVDTILEFSQNMNTKYY
GLQILENVIKTRWKILPRNQCEGIKKYVVGLIIKTSSDPTCVEKEKVYIGKLNMILVQILKQEWPKHWPTFISDIVGASR
TSESLCQNNMVILKLLSEEVFDFSSGQITQVKSKHLKDSMCNEFSQIFQLCQFVMENSQNAPLVHATLETLLRFLNWIPL
GYIFETKLISTLIYKFLNVPMFRNVSLKCLTEIAGVSVSQYEEQFVTLFTLTMMQLKQMLPLNTNIRLAYSNGKDDEQNF
IQNLSLFLCTFLKEHDQLIEKRLNLRETLMEALHYMLLVSEVEETEIFKICLEYWNHLAAELYRESPFSTSASPLLSGSQ
HFDVPPRRQLYLPMLFKVRLLMVSRMAKPEEVLVVENDQGEVVREFMKDTDSINLYKNMRETLVYLTHLDYVDTERIMTE
KLHNQVNGTEWSWKNLNTLCWAIGSISGAMHEEDEKRFLVTVIKDLLGLCEQKRGKDNKAIIASNIMYIVGQYPRFLRAH
WKFLKTVVNKLFEFMHETHDGVQDMACDTFIKIAQKCRRHFVQVQVGEVMPFIDEILNNINTIICDLQPQQVHTFYEAVG
YMIGAQTDQTVQEHLIEKYMLLPNQVWDSIIQQATKNVDILKDPETVKQLGSILKTNVRACKAVGHPFVIQLGRIYLDML
NVYKCLSENISAAIQANGEMVTKQPLIRSMRTVKRETLKLISGWVSRSNDPQMVAENFVPPLLDAVLIDYQRNVPAAREP
EVLSTMAIIVNKLGGHITAEIPQIFDAVFECTLNMINKDFEEYPEHRTNFFLLLQAVNSHCFPAFLAIPPTQFKLVLDSI
IWAFKHTMRNVADTGLQILFTLLQNVAQEEAAAQSFYQTYFCDILQHIFSVVTDTSHTAGLTMHASILAYMFNLVEEGKI
STSLNPGNPVNNQIFLQEYVANLLKSAFPHLQDAQVKLFVTGLFSLNQDIPAFKEHLRDFLVQIKEFAGEDTSDLFLEER
EIALRQADEEKHKRQMSVPGIFNPHEIPEEMCD
;
A
2 'polypeptide(L)'
;GSMSAPAANGEVPTFKLVLVGDGGTGKTTFVKRHLTGEFEKKYIATIGVEVHPLSFYTNFGEIKFDVWDTAGLEKFGGLR
DGYYINAQCAIIMFDVTSRITYKNVPNWHRDLVRVCENIPIVLCGNKVDVKERKVKAKTITFHRKKNLQYYDISAKSNYN
FEKPFLWLARKLAGNPQLEFV
;
B
3 'polypeptide(L)'
;GSSLSERLIRTIAAIRSFPHDNVEDLIRGGADVNCTHGTLKPLHCACMVSDADCVELLLEKGAEVNALDGYNRTALHYAA
EKDEACVEVLLEYGANPNALDGNRDTPLHWAAFKNNAECVRALLESGASVNALDYNNDTPLSWAAMKGNLESVSILLDYG
AEVRVINLIGQTPISRLVALLVRGLGTEKEDSCFELLHRAVGHFELRKNGTMPREVARDPQLCEKLTVLCSAPGTLKTLA
RYAVRRSLGLQYLPDAVKGLPLPASLKEYLLLLE
;
C
4 'polypeptide(L)'
;MMYVKLISSDGHEFIVKREHALTSGTIKAMLSGPGQFAENETNEVNFREIPSHVLSKVCMYFTYKVRYTNSSTEIPEFPI
APEIALELLMAANFLDC
;
E
5 'polypeptide(L)'
;MDVFLMIRRHKTTIFTDAKESSTVFELKRIVEGILKRPPDEQRLYKDDQLLDDGKTLGECGFTSQTARPQAPATVGLAFR
ADDTFEALCIEPFSSPPELPDVMKPQDSGSSANEQAVQ
;
F
#
loop_
_chem_comp.id
_chem_comp.type
_chem_comp.name
_chem_comp.formula
GTP non-polymer GUANOSINE-5'-TRIPHOSPHATE 'C10 H16 N5 O14 P3'
MG non-polymer 'MAGNESIUM ION' 'Mg 2'
V6A non-polymer 'selinexor, bound form' 'C17 H13 F6 N7 O'
#
# COMPACT_ATOMS: atom_id res chain seq x y z
N LEU A 10 15.16 44.88 -31.32
CA LEU A 10 15.38 43.43 -31.28
C LEU A 10 16.88 43.13 -31.35
N ALA A 11 17.57 43.83 -32.25
CA ALA A 11 19.03 43.77 -32.35
C ALA A 11 19.53 42.41 -32.85
N ASP A 12 18.79 41.79 -33.77
CA ASP A 12 19.31 40.59 -34.43
C ASP A 12 20.39 40.95 -35.44
N HIS A 13 20.25 42.10 -36.09
CA HIS A 13 21.27 42.58 -37.03
C HIS A 13 22.61 42.75 -36.35
N ALA A 14 22.61 43.23 -35.10
CA ALA A 14 23.84 43.24 -34.32
C ALA A 14 24.21 41.85 -33.84
N ALA A 15 23.20 41.00 -33.60
CA ALA A 15 23.44 39.69 -33.01
C ALA A 15 24.25 38.79 -33.93
N ARG A 16 23.89 38.74 -35.22
CA ARG A 16 24.45 37.69 -36.07
C ARG A 16 25.93 37.95 -36.37
N GLN A 17 26.44 39.14 -36.03
CA GLN A 17 27.88 39.37 -36.16
C GLN A 17 28.72 38.48 -35.25
N LEU A 18 28.16 37.99 -34.14
CA LEU A 18 28.97 37.20 -33.21
C LEU A 18 29.59 35.99 -33.90
N LEU A 19 28.95 35.49 -34.95
CA LEU A 19 29.50 34.40 -35.73
C LEU A 19 30.46 34.87 -36.81
N ASP A 20 30.64 36.19 -36.97
CA ASP A 20 31.55 36.74 -37.96
C ASP A 20 32.98 36.57 -37.47
N PHE A 21 33.58 35.43 -37.83
CA PHE A 21 34.95 35.13 -37.42
C PHE A 21 35.99 35.71 -38.37
N SER A 22 35.57 36.25 -39.52
CA SER A 22 36.51 36.94 -40.40
C SER A 22 37.04 38.23 -39.78
N GLN A 23 36.36 38.74 -38.76
CA GLN A 23 36.77 39.96 -38.08
C GLN A 23 36.92 39.68 -36.59
N LYS A 24 37.65 40.57 -35.91
CA LYS A 24 37.89 40.39 -34.49
C LYS A 24 36.59 40.48 -33.72
N LEU A 25 36.49 39.67 -32.66
CA LEU A 25 35.32 39.68 -31.81
C LEU A 25 35.15 41.03 -31.12
N ASP A 26 33.89 41.46 -30.97
CA ASP A 26 33.56 42.63 -30.16
C ASP A 26 33.20 42.13 -28.77
N ILE A 27 34.13 42.25 -27.83
CA ILE A 27 33.94 41.67 -26.51
C ILE A 27 32.72 42.29 -25.84
N ASN A 28 32.50 43.59 -26.05
CA ASN A 28 31.35 44.26 -25.44
C ASN A 28 30.05 43.63 -25.91
N LEU A 29 29.91 43.43 -27.21
CA LEU A 29 28.66 42.88 -27.75
C LEU A 29 28.49 41.43 -27.30
N LEU A 30 29.57 40.66 -27.30
CA LEU A 30 29.50 39.29 -26.81
C LEU A 30 29.04 39.23 -25.37
N ASP A 31 29.60 40.10 -24.52
CA ASP A 31 29.20 40.11 -23.12
C ASP A 31 27.73 40.53 -22.99
N ASN A 32 27.31 41.52 -23.77
CA ASN A 32 25.92 41.95 -23.72
C ASN A 32 24.97 40.82 -24.09
N VAL A 33 25.29 40.08 -25.17
CA VAL A 33 24.42 38.99 -25.59
C VAL A 33 24.42 37.88 -24.55
N VAL A 34 25.60 37.55 -24.01
CA VAL A 34 25.67 36.48 -23.01
C VAL A 34 24.84 36.84 -21.79
N ASN A 35 24.90 38.10 -21.36
CA ASN A 35 24.11 38.51 -20.20
C ASN A 35 22.62 38.52 -20.53
N CYS A 36 22.25 39.01 -21.72
CA CYS A 36 20.84 39.00 -22.11
C CYS A 36 20.30 37.58 -22.17
N LEU A 37 21.14 36.61 -22.49
CA LEU A 37 20.71 35.21 -22.45
C LEU A 37 20.11 34.87 -21.09
N TYR A 38 20.82 35.22 -20.02
CA TYR A 38 20.32 34.99 -18.67
C TYR A 38 19.35 36.05 -18.20
N HIS A 39 19.16 37.12 -18.98
CA HIS A 39 18.22 38.18 -18.67
C HIS A 39 17.45 38.59 -19.92
N GLY A 40 17.01 37.60 -20.68
CA GLY A 40 16.20 37.82 -21.87
C GLY A 40 15.01 36.89 -21.92
N GLU A 41 14.26 36.92 -23.02
CA GLU A 41 13.07 36.09 -23.13
C GLU A 41 12.69 35.95 -24.59
N GLY A 42 11.88 34.93 -24.87
CA GLY A 42 11.31 34.77 -26.21
C GLY A 42 12.38 34.69 -27.28
N ALA A 43 12.14 35.41 -28.37
CA ALA A 43 13.07 35.41 -29.49
C ALA A 43 14.47 35.83 -29.06
N GLN A 44 14.57 36.76 -28.11
CA GLN A 44 15.88 37.18 -27.64
C GLN A 44 16.66 35.99 -27.11
N GLN A 45 16.08 35.24 -26.17
CA GLN A 45 16.76 34.07 -25.62
C GLN A 45 17.00 33.02 -26.69
N ARG A 46 16.01 32.78 -27.55
CA ARG A 46 16.14 31.77 -28.58
C ARG A 46 17.36 32.03 -29.46
N MET A 47 17.37 33.17 -30.14
CA MET A 47 18.47 33.46 -31.04
C MET A 47 19.77 33.71 -30.30
N ALA A 48 19.72 34.17 -29.05
CA ALA A 48 20.96 34.31 -28.28
C ALA A 48 21.61 32.96 -28.06
N GLN A 49 20.85 31.98 -27.55
CA GLN A 49 21.41 30.65 -27.34
C GLN A 49 21.85 30.03 -28.66
N GLU A 50 21.07 30.25 -29.73
CA GLU A 50 21.46 29.71 -31.03
C GLU A 50 22.81 30.27 -31.47
N VAL A 51 22.95 31.59 -31.44
CA VAL A 51 24.19 32.22 -31.89
C VAL A 51 25.36 31.77 -31.02
N LEU A 52 25.16 31.72 -29.71
CA LEU A 52 26.23 31.28 -28.83
C LEU A 52 26.65 29.85 -29.15
N THR A 53 25.69 28.97 -29.39
CA THR A 53 26.03 27.59 -29.73
C THR A 53 26.80 27.52 -31.04
N HIS A 54 26.34 28.24 -32.06
CA HIS A 54 27.09 28.29 -33.32
C HIS A 54 28.47 28.87 -33.09
N LEU A 55 28.56 29.93 -32.28
CA LEU A 55 29.86 30.55 -32.04
C LEU A 55 30.83 29.57 -31.39
N LYS A 56 30.35 28.78 -30.42
CA LYS A 56 31.23 27.87 -29.71
C LYS A 56 31.79 26.78 -30.61
N GLU A 57 31.23 26.60 -31.80
CA GLU A 57 31.61 25.48 -32.66
C GLU A 57 32.73 25.83 -33.64
N HIS A 58 32.91 27.10 -33.97
CA HIS A 58 33.84 27.47 -35.03
C HIS A 58 35.27 27.22 -34.60
N PRO A 59 36.20 27.09 -35.56
CA PRO A 59 37.56 26.66 -35.19
C PRO A 59 38.36 27.71 -34.45
N ASP A 60 38.27 28.98 -34.85
CA ASP A 60 39.10 30.02 -34.25
C ASP A 60 38.64 30.33 -32.83
N ALA A 61 38.79 29.36 -31.93
CA ALA A 61 38.41 29.56 -30.54
C ALA A 61 39.50 30.29 -29.75
N TRP A 62 40.75 30.15 -30.18
CA TRP A 62 41.86 30.75 -29.43
C TRP A 62 41.78 32.27 -29.46
N THR A 63 41.52 32.84 -30.64
CA THR A 63 41.41 34.28 -30.75
C THR A 63 40.28 34.82 -29.89
N ARG A 64 39.20 34.05 -29.78
CA ARG A 64 38.06 34.51 -28.99
C ARG A 64 38.35 34.38 -27.49
N VAL A 65 38.95 33.28 -27.07
CA VAL A 65 39.18 33.05 -25.63
C VAL A 65 40.20 34.04 -25.10
N ASP A 66 41.34 34.17 -25.79
CA ASP A 66 42.44 34.95 -25.24
C ASP A 66 42.05 36.42 -25.15
N THR A 67 40.95 36.80 -25.80
CA THR A 67 40.41 38.14 -25.75
C THR A 67 39.26 38.28 -24.75
N ILE A 68 38.36 37.31 -24.70
CA ILE A 68 37.24 37.39 -23.77
C ILE A 68 37.75 37.36 -22.34
N LEU A 69 38.65 36.43 -22.02
CA LEU A 69 39.13 36.34 -20.65
C LEU A 69 39.84 37.59 -20.18
N GLU A 70 40.26 38.46 -21.09
CA GLU A 70 40.92 39.70 -20.69
C GLU A 70 39.95 40.88 -20.66
N PHE A 71 39.27 41.13 -21.78
CA PHE A 71 38.43 42.33 -21.91
C PHE A 71 36.97 42.08 -21.54
N SER A 72 36.61 40.89 -21.10
CA SER A 72 35.25 40.65 -20.64
C SER A 72 34.98 41.39 -19.35
N GLN A 73 33.81 42.02 -19.25
CA GLN A 73 33.43 42.75 -18.06
C GLN A 73 32.65 41.88 -17.08
N ASN A 74 31.56 41.28 -17.53
CA ASN A 74 30.69 40.49 -16.67
C ASN A 74 31.19 39.06 -16.57
N MET A 75 30.99 38.46 -15.41
CA MET A 75 31.67 37.20 -15.08
C MET A 75 31.24 36.07 -16.01
N ASN A 76 29.94 35.95 -16.27
CA ASN A 76 29.47 34.82 -17.07
C ASN A 76 30.05 34.86 -18.48
N THR A 77 30.46 36.03 -18.97
CA THR A 77 31.10 36.08 -20.28
C THR A 77 32.47 35.42 -20.24
N LYS A 78 33.27 35.69 -19.20
CA LYS A 78 34.50 34.96 -19.01
C LYS A 78 34.21 33.48 -18.82
N TYR A 79 33.10 33.15 -18.17
CA TYR A 79 32.72 31.76 -18.01
C TYR A 79 32.47 31.09 -19.36
N TYR A 80 31.77 31.79 -20.26
CA TYR A 80 31.52 31.27 -21.59
C TYR A 80 32.81 31.10 -22.37
N GLY A 81 33.72 32.06 -22.25
CA GLY A 81 35.03 31.90 -22.85
C GLY A 81 35.76 30.67 -22.33
N LEU A 82 35.69 30.45 -21.01
CA LEU A 82 36.30 29.25 -20.45
C LEU A 82 35.64 27.99 -20.99
N GLN A 83 34.33 28.03 -21.19
CA GLN A 83 33.65 26.88 -21.79
C GLN A 83 34.18 26.61 -23.19
N ILE A 84 34.36 27.68 -23.98
CA ILE A 84 34.93 27.51 -25.32
C ILE A 84 36.31 26.89 -25.23
N LEU A 85 37.13 27.39 -24.32
CA LEU A 85 38.48 26.86 -24.18
C LEU A 85 38.47 25.41 -23.72
N GLU A 86 37.50 25.04 -22.88
CA GLU A 86 37.37 23.65 -22.48
C GLU A 86 37.00 22.77 -23.67
N ASN A 87 36.12 23.28 -24.54
CA ASN A 87 35.83 22.55 -25.77
C ASN A 87 37.10 22.36 -26.59
N VAL A 88 37.92 23.41 -26.69
CA VAL A 88 39.18 23.29 -27.43
C VAL A 88 40.08 22.23 -26.81
N ILE A 89 40.21 22.28 -25.48
CA ILE A 89 41.09 21.34 -24.79
C ILE A 89 40.58 19.91 -24.92
N LYS A 90 39.26 19.74 -25.01
CA LYS A 90 38.71 18.41 -25.15
C LYS A 90 38.86 17.88 -26.57
N THR A 91 38.72 18.75 -27.56
CA THR A 91 38.69 18.31 -28.95
C THR A 91 40.08 18.25 -29.58
N ARG A 92 40.80 19.36 -29.59
CA ARG A 92 41.99 19.52 -30.41
C ARG A 92 43.29 19.52 -29.62
N TRP A 93 43.28 19.07 -28.37
CA TRP A 93 44.44 19.27 -27.51
C TRP A 93 45.70 18.69 -28.11
N LYS A 94 45.66 17.42 -28.46
CA LYS A 94 46.89 16.73 -28.86
C LYS A 94 47.37 17.15 -30.25
N ILE A 95 46.57 17.92 -30.99
CA ILE A 95 46.98 18.42 -32.30
C ILE A 95 47.29 19.90 -32.28
N LEU A 96 47.28 20.53 -31.12
CA LEU A 96 47.74 21.92 -31.04
C LEU A 96 49.27 21.95 -31.13
N PRO A 97 49.83 23.03 -31.68
CA PRO A 97 51.29 23.19 -31.63
C PRO A 97 51.75 23.30 -30.17
N ARG A 98 52.89 22.66 -29.87
CA ARG A 98 53.37 22.66 -28.49
C ARG A 98 53.53 24.08 -27.96
N ASN A 99 53.84 25.03 -28.84
CA ASN A 99 53.90 26.43 -28.42
C ASN A 99 52.58 26.87 -27.81
N GLN A 100 51.48 26.66 -28.52
CA GLN A 100 50.19 27.04 -27.99
C GLN A 100 49.83 26.21 -26.77
N CYS A 101 50.28 24.96 -26.71
CA CYS A 101 50.06 24.15 -25.51
C CYS A 101 50.65 24.83 -24.28
N GLU A 102 51.93 25.19 -24.35
CA GLU A 102 52.58 25.81 -23.20
C GLU A 102 51.98 27.18 -22.92
N GLY A 103 51.67 27.93 -23.97
CA GLY A 103 51.05 29.24 -23.76
C GLY A 103 49.74 29.11 -23.01
N ILE A 104 48.90 28.14 -23.39
CA ILE A 104 47.63 27.94 -22.71
C ILE A 104 47.86 27.53 -21.27
N LYS A 105 48.77 26.58 -21.05
CA LYS A 105 49.02 26.14 -19.67
C LYS A 105 49.43 27.30 -18.79
N LYS A 106 50.41 28.09 -19.24
CA LYS A 106 50.89 29.20 -18.44
C LYS A 106 49.81 30.26 -18.26
N TYR A 107 49.04 30.55 -19.32
CA TYR A 107 47.99 31.55 -19.20
C TYR A 107 46.96 31.15 -18.18
N VAL A 108 46.53 29.89 -18.19
CA VAL A 108 45.49 29.46 -17.26
C VAL A 108 46.02 29.43 -15.84
N VAL A 109 47.24 28.92 -15.63
CA VAL A 109 47.76 28.89 -14.27
C VAL A 109 47.93 30.32 -13.74
N GLY A 110 48.35 31.24 -14.61
CA GLY A 110 48.47 32.62 -14.18
C GLY A 110 47.13 33.23 -13.82
N LEU A 111 46.11 32.98 -14.63
CA LEU A 111 44.77 33.49 -14.29
C LEU A 111 44.31 32.91 -12.96
N ILE A 112 44.55 31.62 -12.74
CA ILE A 112 44.11 30.98 -11.50
C ILE A 112 44.80 31.62 -10.30
N ILE A 113 46.13 31.80 -10.39
CA ILE A 113 46.86 32.39 -9.28
C ILE A 113 46.40 33.82 -9.04
N LYS A 114 46.19 34.60 -10.11
CA LYS A 114 45.77 35.98 -9.95
C LYS A 114 44.41 36.07 -9.28
N THR A 115 43.46 35.23 -9.70
CA THR A 115 42.10 35.32 -9.16
C THR A 115 42.01 34.76 -7.75
N SER A 116 42.66 33.62 -7.49
CA SER A 116 42.48 32.92 -6.23
C SER A 116 42.98 33.74 -5.04
N SER A 117 44.15 34.35 -5.17
CA SER A 117 44.81 34.98 -4.03
C SER A 117 44.36 36.41 -3.77
N ASP A 118 43.44 36.95 -4.58
CA ASP A 118 43.03 38.34 -4.40
C ASP A 118 42.48 38.59 -2.99
N PRO A 119 41.35 37.98 -2.58
CA PRO A 119 41.07 37.93 -1.14
C PRO A 119 41.83 36.82 -0.43
N THR A 120 41.52 36.60 0.84
CA THR A 120 42.22 35.59 1.62
C THR A 120 41.79 34.17 1.22
N CYS A 121 40.50 33.93 1.01
CA CYS A 121 40.03 32.57 0.74
C CYS A 121 39.15 32.47 -0.51
N VAL A 122 38.26 33.43 -0.75
CA VAL A 122 37.26 33.30 -1.81
C VAL A 122 36.87 34.68 -2.28
N GLU A 123 36.18 34.75 -3.41
CA GLU A 123 35.69 35.99 -3.98
C GLU A 123 34.43 35.71 -4.77
N LYS A 124 33.81 36.78 -5.27
CA LYS A 124 32.61 36.63 -6.11
C LYS A 124 32.85 35.79 -7.36
N GLU A 125 34.10 35.52 -7.70
CA GLU A 125 34.44 34.69 -8.86
C GLU A 125 34.23 33.20 -8.60
N LYS A 126 33.52 32.83 -7.53
CA LYS A 126 33.47 31.43 -7.11
C LYS A 126 33.12 30.50 -8.26
N VAL A 127 32.07 30.82 -9.01
CA VAL A 127 31.77 30.03 -10.21
C VAL A 127 32.87 30.20 -11.23
N TYR A 128 33.35 31.44 -11.42
CA TYR A 128 34.38 31.68 -12.42
C TYR A 128 35.67 30.97 -12.06
N ILE A 129 36.08 31.04 -10.79
CA ILE A 129 37.30 30.35 -10.36
C ILE A 129 37.11 28.84 -10.42
N GLY A 130 35.90 28.36 -10.10
CA GLY A 130 35.64 26.94 -10.23
C GLY A 130 35.80 26.45 -11.67
N LYS A 131 35.28 27.23 -12.62
CA LYS A 131 35.43 26.81 -14.01
C LYS A 131 36.87 26.94 -14.48
N LEU A 132 37.60 27.95 -13.99
CA LEU A 132 39.04 27.99 -14.25
C LEU A 132 39.70 26.72 -13.74
N ASN A 133 39.32 26.27 -12.55
CA ASN A 133 39.83 25.02 -12.01
C ASN A 133 39.49 23.87 -12.92
N MET A 134 38.28 23.85 -13.46
CA MET A 134 37.88 22.76 -14.36
C MET A 134 38.74 22.76 -15.63
N ILE A 135 39.01 23.95 -16.18
CA ILE A 135 39.87 24.04 -17.35
C ILE A 135 41.24 23.45 -17.03
N LEU A 136 41.82 23.88 -15.92
CA LEU A 136 43.12 23.36 -15.55
C LEU A 136 43.06 21.86 -15.31
N VAL A 137 41.91 21.36 -14.85
CA VAL A 137 41.78 19.93 -14.60
C VAL A 137 41.78 19.16 -15.91
N GLN A 138 41.12 19.70 -16.94
CA GLN A 138 41.21 19.07 -18.26
C GLN A 138 42.65 19.05 -18.76
N ILE A 139 43.33 20.19 -18.65
CA ILE A 139 44.71 20.26 -19.08
C ILE A 139 45.55 19.22 -18.33
N LEU A 140 45.32 19.10 -17.02
CA LEU A 140 46.06 18.13 -16.23
C LEU A 140 45.72 16.72 -16.66
N LYS A 141 44.45 16.42 -16.89
CA LYS A 141 44.07 15.10 -17.36
C LYS A 141 44.87 14.73 -18.60
N GLN A 142 45.06 15.68 -19.50
CA GLN A 142 45.72 15.37 -20.77
C GLN A 142 47.24 15.57 -20.73
N GLU A 143 47.81 16.08 -19.63
CA GLU A 143 49.24 16.37 -19.59
C GLU A 143 49.98 15.89 -18.35
N TRP A 144 49.30 15.31 -17.36
CA TRP A 144 49.88 15.24 -16.02
C TRP A 144 51.00 14.22 -15.91
N PRO A 145 50.78 12.92 -16.13
CA PRO A 145 51.76 11.93 -15.70
C PRO A 145 53.12 12.06 -16.36
N LYS A 146 53.21 12.73 -17.51
CA LYS A 146 54.47 12.83 -18.24
C LYS A 146 54.92 14.25 -18.51
N HIS A 147 54.01 15.15 -18.88
CA HIS A 147 54.43 16.50 -19.24
C HIS A 147 54.57 17.44 -18.05
N TRP A 148 53.95 17.12 -16.92
CA TRP A 148 54.11 17.90 -15.68
C TRP A 148 54.39 16.94 -14.53
N PRO A 149 55.55 16.28 -14.54
CA PRO A 149 55.88 15.38 -13.43
C PRO A 149 56.14 16.09 -12.12
N THR A 150 56.01 17.42 -12.07
CA THR A 150 56.25 18.19 -10.87
C THR A 150 55.04 18.99 -10.41
N PHE A 151 53.90 18.88 -11.09
CA PHE A 151 52.75 19.70 -10.73
C PHE A 151 52.31 19.46 -9.29
N ILE A 152 52.33 18.19 -8.85
CA ILE A 152 51.86 17.89 -7.51
C ILE A 152 52.75 18.56 -6.46
N SER A 153 54.07 18.50 -6.65
CA SER A 153 54.97 19.14 -5.71
C SER A 153 54.78 20.65 -5.68
N ASP A 154 54.60 21.26 -6.86
CA ASP A 154 54.36 22.70 -6.89
C ASP A 154 53.07 23.05 -6.17
N ILE A 155 52.02 22.24 -6.36
CA ILE A 155 50.76 22.50 -5.68
C ILE A 155 50.94 22.41 -4.17
N VAL A 156 51.65 21.38 -3.71
CA VAL A 156 51.88 21.24 -2.27
C VAL A 156 52.66 22.43 -1.73
N GLY A 157 53.70 22.85 -2.46
CA GLY A 157 54.49 23.99 -1.99
C GLY A 157 53.68 25.27 -1.93
N ALA A 158 52.93 25.56 -3.00
CA ALA A 158 52.10 26.75 -2.99
C ALA A 158 51.05 26.68 -1.90
N SER A 159 50.58 25.48 -1.58
CA SER A 159 49.62 25.31 -0.49
C SER A 159 50.27 25.69 0.84
N ARG A 160 51.48 25.19 1.09
CA ARG A 160 52.17 25.54 2.32
C ARG A 160 52.51 27.02 2.37
N THR A 161 52.70 27.65 1.21
CA THR A 161 53.10 29.05 1.19
C THR A 161 52.03 29.95 1.79
N SER A 162 50.79 29.83 1.32
CA SER A 162 49.72 30.72 1.74
C SER A 162 48.39 30.01 1.63
N GLU A 163 47.43 30.45 2.43
CA GLU A 163 46.11 29.85 2.43
C GLU A 163 45.27 30.27 1.23
N SER A 164 45.40 31.53 0.79
CA SER A 164 44.65 31.97 -0.38
C SER A 164 44.99 31.13 -1.60
N LEU A 165 46.14 30.47 -1.59
CA LEU A 165 46.45 29.46 -2.60
C LEU A 165 46.09 28.06 -2.13
N CYS A 166 46.22 27.78 -0.83
CA CYS A 166 45.98 26.43 -0.33
C CYS A 166 44.54 26.00 -0.52
N GLN A 167 43.59 26.89 -0.24
CA GLN A 167 42.17 26.52 -0.36
C GLN A 167 41.82 26.21 -1.81
N ASN A 168 42.23 27.09 -2.73
CA ASN A 168 41.93 26.83 -4.13
C ASN A 168 42.68 25.60 -4.64
N ASN A 169 43.87 25.33 -4.10
CA ASN A 169 44.56 24.11 -4.49
C ASN A 169 43.84 22.88 -3.99
N MET A 170 43.25 22.95 -2.80
CA MET A 170 42.44 21.84 -2.32
C MET A 170 41.21 21.63 -3.20
N VAL A 171 40.59 22.73 -3.63
CA VAL A 171 39.49 22.61 -4.58
C VAL A 171 39.95 21.93 -5.86
N ILE A 172 41.12 22.33 -6.35
CA ILE A 172 41.67 21.74 -7.57
C ILE A 172 41.87 20.25 -7.39
N LEU A 173 42.47 19.86 -6.26
CA LEU A 173 42.70 18.45 -6.01
C LEU A 173 41.41 17.67 -5.91
N LYS A 174 40.40 18.25 -5.26
CA LYS A 174 39.10 17.60 -5.20
C LYS A 174 38.55 17.34 -6.60
N LEU A 175 38.56 18.39 -7.43
CA LEU A 175 38.03 18.24 -8.78
C LEU A 175 38.80 17.18 -9.55
N LEU A 176 40.13 17.19 -9.44
CA LEU A 176 40.92 16.22 -10.17
C LEU A 176 40.64 14.80 -9.71
N SER A 177 40.55 14.61 -8.39
CA SER A 177 40.28 13.26 -7.87
C SER A 177 38.92 12.76 -8.33
N GLU A 178 37.91 13.63 -8.30
CA GLU A 178 36.64 13.28 -8.91
C GLU A 178 36.87 12.78 -10.34
N GLU A 179 37.39 13.67 -11.19
CA GLU A 179 37.47 13.37 -12.62
C GLU A 179 38.29 12.12 -12.89
N VAL A 180 39.18 11.74 -11.97
CA VAL A 180 40.06 10.62 -12.24
C VAL A 180 39.57 9.31 -11.63
N PHE A 181 38.74 9.35 -10.59
CA PHE A 181 38.36 8.13 -9.89
C PHE A 181 36.86 7.86 -9.82
N ASP A 182 36.00 8.78 -10.25
CA ASP A 182 34.57 8.54 -10.19
C ASP A 182 33.84 8.86 -11.48
N PHE A 183 34.40 9.67 -12.36
CA PHE A 183 33.75 10.08 -13.60
C PHE A 183 34.64 9.77 -14.80
N SER A 184 35.36 8.66 -14.74
CA SER A 184 36.28 8.29 -15.83
C SER A 184 35.54 7.55 -16.93
N SER A 185 34.86 6.47 -16.59
CA SER A 185 34.17 5.67 -17.59
C SER A 185 33.19 6.51 -18.38
N GLY A 186 33.24 6.39 -19.70
CA GLY A 186 32.36 7.14 -20.58
C GLY A 186 32.90 8.48 -21.01
N GLN A 187 34.00 8.95 -20.41
CA GLN A 187 34.61 10.21 -20.80
C GLN A 187 36.11 10.15 -20.94
N ILE A 188 36.75 9.03 -20.59
CA ILE A 188 38.19 8.86 -20.76
C ILE A 188 38.45 7.40 -21.10
N THR A 189 39.45 7.17 -21.94
CA THR A 189 39.74 5.81 -22.38
C THR A 189 40.16 4.95 -21.19
N GLN A 190 39.92 3.64 -21.31
CA GLN A 190 40.18 2.74 -20.21
C GLN A 190 41.66 2.75 -19.84
N VAL A 191 42.54 2.70 -20.83
CA VAL A 191 43.97 2.64 -20.55
C VAL A 191 44.46 3.97 -19.99
N LYS A 192 44.01 5.09 -20.56
CA LYS A 192 44.39 6.38 -20.03
C LYS A 192 43.88 6.55 -18.60
N SER A 193 42.65 6.09 -18.34
CA SER A 193 42.10 6.17 -16.99
C SER A 193 42.92 5.33 -16.02
N LYS A 194 43.30 4.13 -16.43
CA LYS A 194 44.14 3.29 -15.59
C LYS A 194 45.47 3.97 -15.29
N HIS A 195 46.07 4.59 -16.31
CA HIS A 195 47.33 5.30 -16.12
C HIS A 195 47.17 6.44 -15.12
N LEU A 196 46.11 7.24 -15.28
CA LEU A 196 45.90 8.35 -14.36
C LEU A 196 45.68 7.86 -12.93
N LYS A 197 44.90 6.80 -12.76
CA LYS A 197 44.67 6.28 -11.43
C LYS A 197 45.96 5.76 -10.81
N ASP A 198 46.80 5.10 -11.61
CA ASP A 198 48.09 4.66 -11.09
C ASP A 198 48.94 5.84 -10.66
N SER A 199 48.99 6.89 -11.48
CA SER A 199 49.77 8.07 -11.13
C SER A 199 49.27 8.68 -9.83
N MET A 200 47.94 8.79 -9.68
CA MET A 200 47.39 9.34 -8.44
C MET A 200 47.73 8.47 -7.25
N CYS A 201 47.66 7.15 -7.41
CA CYS A 201 48.05 6.25 -6.34
C CYS A 201 49.49 6.50 -5.94
N ASN A 202 50.35 6.83 -6.91
CA ASN A 202 51.75 7.10 -6.58
C ASN A 202 51.95 8.47 -5.97
N GLU A 203 51.13 9.45 -6.35
CA GLU A 203 51.33 10.85 -5.94
C GLU A 203 50.44 11.27 -4.77
N PHE A 204 49.66 10.37 -4.19
CA PHE A 204 48.70 10.79 -3.17
C PHE A 204 49.41 11.29 -1.91
N SER A 205 50.35 10.51 -1.39
CA SER A 205 50.95 10.84 -0.09
C SER A 205 51.44 12.27 -0.05
N GLN A 206 52.08 12.72 -1.12
CA GLN A 206 52.50 14.12 -1.19
C GLN A 206 51.33 15.05 -0.93
N ILE A 207 50.14 14.69 -1.41
CA ILE A 207 48.94 15.45 -1.07
C ILE A 207 48.52 15.17 0.36
N PHE A 208 48.72 13.94 0.83
CA PHE A 208 48.20 13.54 2.14
C PHE A 208 48.86 14.32 3.26
N GLN A 209 50.16 14.58 3.15
CA GLN A 209 50.83 15.33 4.21
C GLN A 209 50.35 16.77 4.25
N LEU A 210 50.13 17.38 3.08
CA LEU A 210 49.55 18.72 3.07
C LEU A 210 48.16 18.70 3.71
N CYS A 211 47.38 17.66 3.41
CA CYS A 211 46.06 17.54 4.03
C CYS A 211 46.19 17.48 5.55
N GLN A 212 47.08 16.63 6.05
CA GLN A 212 47.25 16.50 7.49
C GLN A 212 47.70 17.80 8.11
N PHE A 213 48.63 18.51 7.46
CA PHE A 213 49.04 19.81 7.96
C PHE A 213 47.87 20.76 8.07
N VAL A 214 47.14 20.94 6.98
CA VAL A 214 46.04 21.90 6.99
C VAL A 214 44.94 21.46 7.94
N MET A 215 44.92 20.18 8.30
CA MET A 215 43.87 19.66 9.15
C MET A 215 44.22 19.80 10.63
N GLU A 216 45.49 19.60 10.98
CA GLU A 216 45.89 19.56 12.38
C GLU A 216 46.56 20.84 12.87
N ASN A 217 47.07 21.69 11.98
CA ASN A 217 47.74 22.92 12.39
C ASN A 217 47.04 24.17 11.87
N SER A 218 46.65 24.20 10.61
CA SER A 218 45.95 25.36 10.09
C SER A 218 44.65 25.58 10.85
N GLN A 219 44.19 26.82 10.87
CA GLN A 219 42.98 27.16 11.59
C GLN A 219 42.10 28.16 10.84
N ASN A 220 42.29 28.30 9.53
CA ASN A 220 41.40 29.09 8.69
C ASN A 220 40.18 28.23 8.36
N ALA A 221 39.06 28.50 9.04
CA ALA A 221 37.91 27.64 8.93
C ALA A 221 37.49 27.38 7.49
N PRO A 222 37.39 28.37 6.61
CA PRO A 222 37.10 28.05 5.20
C PRO A 222 38.07 27.04 4.63
N LEU A 223 39.37 27.21 4.90
CA LEU A 223 40.36 26.28 4.38
C LEU A 223 40.14 24.88 4.93
N VAL A 224 39.88 24.77 6.23
CA VAL A 224 39.73 23.45 6.83
C VAL A 224 38.48 22.76 6.31
N HIS A 225 37.41 23.52 6.11
CA HIS A 225 36.21 22.94 5.53
C HIS A 225 36.47 22.45 4.11
N ALA A 226 37.21 23.23 3.33
CA ALA A 226 37.57 22.79 1.98
C ALA A 226 38.41 21.52 2.04
N THR A 227 39.34 21.45 2.98
CA THR A 227 40.18 20.25 3.10
C THR A 227 39.34 19.05 3.49
N LEU A 228 38.36 19.24 4.36
CA LEU A 228 37.50 18.12 4.75
C LEU A 228 36.67 17.64 3.57
N GLU A 229 36.14 18.57 2.77
CA GLU A 229 35.44 18.16 1.55
C GLU A 229 36.37 17.37 0.64
N THR A 230 37.61 17.85 0.48
CA THR A 230 38.55 17.16 -0.39
C THR A 230 38.85 15.76 0.12
N LEU A 231 39.04 15.62 1.43
CA LEU A 231 39.29 14.29 1.98
C LEU A 231 38.10 13.39 1.78
N LEU A 232 36.89 13.90 1.97
CA LEU A 232 35.70 13.10 1.72
C LEU A 232 35.71 12.56 0.29
N ARG A 233 35.93 13.45 -0.68
CA ARG A 233 35.93 13.01 -2.07
C ARG A 233 37.04 12.00 -2.31
N PHE A 234 38.24 12.25 -1.79
CA PHE A 234 39.35 11.35 -2.02
C PHE A 234 39.10 9.99 -1.40
N LEU A 235 38.32 9.93 -0.31
CA LEU A 235 38.16 8.69 0.42
C LEU A 235 37.53 7.59 -0.42
N ASN A 236 36.85 7.94 -1.51
CA ASN A 236 36.22 6.91 -2.34
C ASN A 236 37.25 5.93 -2.88
N TRP A 237 38.51 6.35 -3.00
CA TRP A 237 39.54 5.52 -3.60
C TRP A 237 40.86 5.55 -2.86
N ILE A 238 41.00 6.31 -1.78
CA ILE A 238 42.32 6.40 -1.13
C ILE A 238 42.75 5.01 -0.70
N PRO A 239 44.02 4.64 -0.85
CA PRO A 239 44.48 3.37 -0.28
C PRO A 239 44.19 3.36 1.21
N LEU A 240 43.70 2.21 1.69
CA LEU A 240 43.21 2.14 3.05
C LEU A 240 44.32 2.31 4.08
N GLY A 241 45.58 2.13 3.68
CA GLY A 241 46.67 2.35 4.61
C GLY A 241 46.66 3.75 5.18
N TYR A 242 46.40 4.75 4.33
CA TYR A 242 46.35 6.13 4.81
C TYR A 242 45.17 6.34 5.75
N ILE A 243 44.07 5.62 5.54
CA ILE A 243 42.86 5.87 6.31
C ILE A 243 42.98 5.29 7.71
N PHE A 244 43.12 3.97 7.80
CA PHE A 244 42.98 3.29 9.07
C PHE A 244 44.26 3.15 9.86
N GLU A 245 45.42 3.39 9.23
CA GLU A 245 46.71 3.22 9.90
C GLU A 245 47.36 4.55 10.27
N THR A 246 46.56 5.57 10.57
CA THR A 246 47.06 6.88 10.95
C THR A 246 46.18 7.45 12.04
N LYS A 247 46.34 8.75 12.29
CA LYS A 247 45.53 9.47 13.27
C LYS A 247 44.36 10.21 12.63
N LEU A 248 44.05 9.93 11.37
CA LEU A 248 43.02 10.70 10.68
C LEU A 248 41.67 10.59 11.38
N ILE A 249 41.27 9.38 11.76
CA ILE A 249 39.98 9.20 12.42
C ILE A 249 39.94 9.97 13.73
N SER A 250 41.01 9.85 14.52
CA SER A 250 41.04 10.52 15.81
C SER A 250 40.96 12.03 15.64
N THR A 251 41.73 12.58 14.70
CA THR A 251 41.67 14.01 14.46
C THR A 251 40.27 14.43 14.04
N LEU A 252 39.68 13.70 13.09
CA LEU A 252 38.31 13.98 12.69
C LEU A 252 37.42 14.11 13.91
N ILE A 253 37.31 13.03 14.68
CA ILE A 253 36.34 12.99 15.77
C ILE A 253 36.61 14.12 16.75
N TYR A 254 37.87 14.25 17.20
CA TYR A 254 38.16 15.18 18.29
C TYR A 254 38.01 16.62 17.85
N LYS A 255 38.56 16.99 16.69
CA LYS A 255 38.74 18.39 16.35
C LYS A 255 37.70 18.92 15.38
N PHE A 256 36.85 18.08 14.80
CA PHE A 256 35.94 18.59 13.77
C PHE A 256 34.51 18.08 13.86
N LEU A 257 34.22 17.05 14.65
CA LEU A 257 32.86 16.56 14.75
C LEU A 257 32.00 17.39 15.69
N ASN A 258 32.59 18.24 16.51
CA ASN A 258 31.89 18.92 17.59
C ASN A 258 31.95 20.44 17.42
N VAL A 259 31.68 20.90 16.21
CA VAL A 259 31.53 22.33 15.94
C VAL A 259 30.63 22.46 14.72
N PRO A 260 29.66 23.38 14.72
CA PRO A 260 28.59 23.31 13.72
C PRO A 260 29.07 23.26 12.27
N MET A 261 30.09 24.05 11.93
CA MET A 261 30.49 24.16 10.54
C MET A 261 31.40 23.04 10.08
N PHE A 262 31.85 22.16 10.98
CA PHE A 262 32.69 21.03 10.61
C PHE A 262 32.05 19.68 10.90
N ARG A 263 31.02 19.62 11.74
CA ARG A 263 30.46 18.33 12.14
C ARG A 263 29.85 17.61 10.95
N ASN A 264 29.19 18.34 10.05
CA ASN A 264 28.58 17.68 8.89
C ASN A 264 29.63 16.94 8.08
N VAL A 265 30.69 17.64 7.70
CA VAL A 265 31.70 17.03 6.83
C VAL A 265 32.45 15.94 7.58
N SER A 266 32.75 16.16 8.86
CA SER A 266 33.42 15.13 9.63
C SER A 266 32.56 13.87 9.70
N LEU A 267 31.25 14.05 9.89
CA LEU A 267 30.36 12.90 9.97
C LEU A 267 30.28 12.18 8.63
N LYS A 268 30.24 12.92 7.53
CA LYS A 268 30.23 12.28 6.22
C LYS A 268 31.49 11.45 6.04
N CYS A 269 32.65 12.01 6.39
CA CYS A 269 33.90 11.28 6.26
C CYS A 269 33.89 10.04 7.15
N LEU A 270 33.39 10.16 8.37
CA LEU A 270 33.32 9.01 9.26
C LEU A 270 32.41 7.94 8.69
N THR A 271 31.29 8.35 8.08
CA THR A 271 30.41 7.39 7.42
C THR A 271 31.16 6.64 6.33
N GLU A 272 31.83 7.38 5.45
CA GLU A 272 32.55 6.73 4.36
C GLU A 272 33.59 5.77 4.89
N ILE A 273 34.27 6.15 5.96
CA ILE A 273 35.27 5.27 6.55
C ILE A 273 34.62 4.02 7.11
N ALA A 274 33.47 4.18 7.78
CA ALA A 274 32.79 3.05 8.38
C ALA A 274 32.29 2.07 7.33
N GLY A 275 31.82 2.59 6.20
CA GLY A 275 31.28 1.73 5.16
C GLY A 275 32.27 0.71 4.62
N VAL A 276 33.57 0.96 4.78
CA VAL A 276 34.56 0.01 4.30
C VAL A 276 34.32 -1.34 4.97
N SER A 277 34.60 -2.41 4.23
CA SER A 277 34.27 -3.76 4.65
C SER A 277 35.49 -4.61 4.98
N VAL A 278 36.68 -4.02 5.05
CA VAL A 278 37.86 -4.83 5.35
C VAL A 278 37.70 -5.51 6.70
N SER A 279 38.41 -6.62 6.89
CA SER A 279 38.29 -7.43 8.08
C SER A 279 39.38 -7.17 9.11
N GLN A 280 40.59 -6.80 8.67
CA GLN A 280 41.71 -6.67 9.59
C GLN A 280 41.82 -5.27 10.19
N TYR A 281 40.93 -4.35 9.84
CA TYR A 281 40.87 -3.04 10.48
C TYR A 281 39.82 -2.98 11.59
N GLU A 282 39.53 -4.09 12.25
CA GLU A 282 38.44 -4.13 13.21
C GLU A 282 38.67 -3.17 14.36
N GLU A 283 39.90 -3.10 14.87
CA GLU A 283 40.17 -2.26 16.04
C GLU A 283 40.00 -0.79 15.69
N GLN A 284 40.41 -0.39 14.49
CA GLN A 284 40.17 0.98 14.06
C GLN A 284 38.68 1.29 14.04
N PHE A 285 37.88 0.35 13.54
CA PHE A 285 36.43 0.55 13.55
C PHE A 285 35.91 0.68 14.97
N VAL A 286 36.40 -0.17 15.88
CA VAL A 286 35.92 -0.13 17.27
C VAL A 286 36.21 1.22 17.88
N THR A 287 37.45 1.69 17.72
CA THR A 287 37.83 2.98 18.27
C THR A 287 37.00 4.10 17.63
N LEU A 288 36.80 4.02 16.32
CA LEU A 288 35.96 4.99 15.62
C LEU A 288 34.59 5.07 16.26
N PHE A 289 33.94 3.91 16.43
CA PHE A 289 32.60 3.88 17.00
C PHE A 289 32.59 4.44 18.41
N THR A 290 33.55 4.02 19.24
CA THR A 290 33.56 4.47 20.62
C THR A 290 33.70 5.98 20.72
N LEU A 291 34.72 6.53 20.05
CA LEU A 291 34.95 7.96 20.12
C LEU A 291 33.77 8.73 19.52
N THR A 292 33.21 8.24 18.42
CA THR A 292 32.09 8.92 17.79
C THR A 292 30.90 8.96 18.74
N MET A 293 30.64 7.85 19.44
CA MET A 293 29.52 7.84 20.38
C MET A 293 29.78 8.80 21.54
N MET A 294 31.01 8.85 22.04
CA MET A 294 31.31 9.80 23.09
C MET A 294 31.00 11.22 22.62
N GLN A 295 31.51 11.58 21.45
CA GLN A 295 31.28 12.93 20.94
C GLN A 295 29.79 13.20 20.73
N LEU A 296 29.06 12.20 20.21
CA LEU A 296 27.64 12.39 19.98
C LEU A 296 26.90 12.64 21.29
N LYS A 297 27.23 11.87 22.33
CA LYS A 297 26.68 12.15 23.64
C LYS A 297 27.02 13.58 24.06
N GLN A 298 28.23 14.05 23.75
CA GLN A 298 28.59 15.41 24.13
C GLN A 298 27.69 16.43 23.45
N MET A 299 27.55 16.36 22.12
CA MET A 299 26.74 17.36 21.45
C MET A 299 25.26 17.02 21.49
N LEU A 300 24.90 15.75 21.39
CA LEU A 300 23.50 15.33 21.32
C LEU A 300 23.18 14.41 22.49
N PRO A 301 22.61 14.94 23.57
CA PRO A 301 22.32 14.09 24.72
C PRO A 301 21.22 13.08 24.42
N LEU A 302 21.29 11.95 25.12
CA LEU A 302 20.40 10.83 24.86
C LEU A 302 18.94 11.20 24.98
N ASN A 303 18.61 12.21 25.79
CA ASN A 303 17.24 12.55 26.09
C ASN A 303 16.72 13.70 25.24
N THR A 304 17.45 14.09 24.20
CA THR A 304 17.01 15.19 23.36
C THR A 304 15.71 14.82 22.64
N ASN A 305 14.84 15.81 22.44
CA ASN A 305 13.64 15.65 21.65
C ASN A 305 14.02 15.85 20.18
N ILE A 306 14.53 14.77 19.58
CA ILE A 306 15.07 14.88 18.22
C ILE A 306 13.99 15.31 17.25
N ARG A 307 12.76 14.83 17.44
CA ARG A 307 11.67 15.19 16.54
C ARG A 307 11.42 16.69 16.55
N LEU A 308 11.28 17.28 17.74
CA LEU A 308 11.06 18.72 17.84
C LEU A 308 12.26 19.48 17.31
N ALA A 309 13.46 19.00 17.62
CA ALA A 309 14.67 19.67 17.12
C ALA A 309 14.65 19.73 15.61
N TYR A 310 14.34 18.62 14.95
CA TYR A 310 14.28 18.61 13.49
C TYR A 310 13.20 19.54 12.99
N SER A 311 12.01 19.50 13.60
CA SER A 311 10.93 20.34 13.14
C SER A 311 11.29 21.82 13.23
N ASN A 312 11.90 22.21 14.35
CA ASN A 312 12.29 23.60 14.55
C ASN A 312 13.68 23.90 14.04
N GLY A 313 14.55 22.90 13.98
CA GLY A 313 15.91 23.13 13.54
C GLY A 313 15.99 23.59 12.10
N LYS A 314 17.14 24.14 11.76
CA LYS A 314 17.39 24.64 10.42
C LYS A 314 18.19 23.61 9.61
N ASP A 315 18.59 23.99 8.40
CA ASP A 315 19.17 23.03 7.47
C ASP A 315 20.36 22.30 8.09
N ASP A 316 21.22 23.01 8.80
CA ASP A 316 22.40 22.36 9.38
C ASP A 316 22.00 21.28 10.36
N GLU A 317 21.04 21.58 11.24
CA GLU A 317 20.64 20.59 12.25
C GLU A 317 19.98 19.38 11.60
N GLN A 318 19.08 19.63 10.64
CA GLN A 318 18.43 18.53 9.95
C GLN A 318 19.44 17.66 9.22
N ASN A 319 20.40 18.30 8.55
CA ASN A 319 21.44 17.56 7.85
C ASN A 319 22.26 16.74 8.83
N PHE A 320 22.60 17.31 9.98
CA PHE A 320 23.36 16.55 10.97
C PHE A 320 22.56 15.37 11.47
N ILE A 321 21.26 15.55 11.67
CA ILE A 321 20.41 14.44 12.10
C ILE A 321 20.42 13.33 11.06
N GLN A 322 20.22 13.70 9.80
CA GLN A 322 20.19 12.71 8.73
C GLN A 322 21.52 11.98 8.60
N ASN A 323 22.62 12.72 8.69
CA ASN A 323 23.92 12.09 8.53
C ASN A 323 24.30 11.26 9.75
N LEU A 324 23.82 11.64 10.93
CA LEU A 324 23.94 10.77 12.09
C LEU A 324 23.22 9.46 11.85
N SER A 325 22.00 9.56 11.32
CA SER A 325 21.25 8.35 10.98
C SER A 325 22.03 7.50 9.99
N LEU A 326 22.58 8.13 8.95
CA LEU A 326 23.32 7.38 7.94
C LEU A 326 24.54 6.71 8.54
N PHE A 327 25.30 7.43 9.36
CA PHE A 327 26.48 6.84 9.96
C PHE A 327 26.11 5.66 10.83
N LEU A 328 25.11 5.83 11.70
CA LEU A 328 24.73 4.73 12.58
C LEU A 328 24.27 3.53 11.77
N CYS A 329 23.38 3.75 10.81
CA CYS A 329 22.86 2.66 10.01
C CYS A 329 23.98 1.94 9.28
N THR A 330 24.85 2.68 8.62
CA THR A 330 25.90 2.07 7.82
C THR A 330 26.87 1.30 8.71
N PHE A 331 27.36 1.94 9.77
CA PHE A 331 28.32 1.26 10.62
C PHE A 331 27.71 -0.01 11.21
N LEU A 332 26.45 0.06 11.64
CA LEU A 332 25.86 -1.11 12.25
C LEU A 332 25.66 -2.22 11.22
N LYS A 333 25.06 -1.89 10.07
CA LYS A 333 24.88 -2.90 9.04
C LYS A 333 26.19 -3.54 8.66
N GLU A 334 27.30 -2.81 8.75
CA GLU A 334 28.58 -3.35 8.30
C GLU A 334 29.32 -4.13 9.38
N HIS A 335 29.37 -3.62 10.61
CA HIS A 335 30.25 -4.20 11.61
C HIS A 335 29.59 -4.39 12.97
N ASP A 336 28.30 -4.08 13.11
CA ASP A 336 27.65 -4.17 14.42
C ASP A 336 28.02 -5.45 15.14
N GLN A 337 28.15 -6.55 14.40
CA GLN A 337 28.55 -7.81 15.03
C GLN A 337 29.85 -7.65 15.80
N LEU A 338 30.77 -6.83 15.31
CA LEU A 338 32.05 -6.64 16.00
C LEU A 338 31.84 -6.05 17.38
N ILE A 339 31.12 -4.92 17.45
CA ILE A 339 30.87 -4.30 18.75
C ILE A 339 30.02 -5.21 19.62
N GLU A 340 29.02 -5.86 19.02
CA GLU A 340 28.23 -6.82 19.77
C GLU A 340 29.11 -7.86 20.43
N LYS A 341 30.21 -8.24 19.76
CA LYS A 341 31.15 -9.17 20.39
C LYS A 341 31.98 -8.47 21.46
N ARG A 342 32.16 -7.15 21.35
CA ARG A 342 32.97 -6.41 22.31
C ARG A 342 32.14 -6.16 23.55
N LEU A 343 32.38 -6.96 24.59
CA LEU A 343 31.49 -6.98 25.75
C LEU A 343 31.40 -5.62 26.41
N ASN A 344 32.55 -4.98 26.69
CA ASN A 344 32.54 -3.77 27.49
C ASN A 344 31.73 -2.65 26.85
N LEU A 345 31.53 -2.69 25.53
CA LEU A 345 30.83 -1.63 24.83
C LEU A 345 29.33 -1.87 24.73
N ARG A 346 28.82 -2.92 25.40
CA ARG A 346 27.40 -3.22 25.31
C ARG A 346 26.55 -2.00 25.62
N GLU A 347 26.95 -1.22 26.62
CA GLU A 347 26.20 -0.02 26.96
C GLU A 347 26.17 0.95 25.80
N THR A 348 27.31 1.14 25.14
CA THR A 348 27.35 2.01 23.97
C THR A 348 26.48 1.46 22.85
N LEU A 349 26.44 0.13 22.71
CA LEU A 349 25.58 -0.47 21.69
C LEU A 349 24.13 -0.12 21.96
N MET A 350 23.69 -0.29 23.20
CA MET A 350 22.31 0.04 23.55
C MET A 350 22.05 1.52 23.35
N GLU A 351 23.03 2.36 23.67
CA GLU A 351 22.86 3.79 23.49
C GLU A 351 22.71 4.16 22.01
N ALA A 352 23.47 3.49 21.14
CA ALA A 352 23.30 3.71 19.71
C ALA A 352 21.91 3.26 19.25
N LEU A 353 21.45 2.12 19.75
CA LEU A 353 20.11 1.68 19.40
C LEU A 353 19.08 2.70 19.85
N HIS A 354 19.25 3.28 21.03
CA HIS A 354 18.35 4.32 21.50
C HIS A 354 18.43 5.56 20.61
N TYR A 355 19.64 5.92 20.18
CA TYR A 355 19.78 7.00 19.21
C TYR A 355 18.92 6.75 17.99
N MET A 356 19.02 5.56 17.40
CA MET A 356 18.26 5.30 16.19
C MET A 356 16.77 5.26 16.48
N LEU A 357 16.39 4.81 17.67
CA LEU A 357 14.99 4.89 18.06
C LEU A 357 14.50 6.33 18.03
N LEU A 358 15.23 7.21 18.70
CA LEU A 358 14.80 8.60 18.75
C LEU A 358 14.76 9.21 17.36
N VAL A 359 15.75 8.92 16.54
CA VAL A 359 15.77 9.46 15.18
C VAL A 359 14.57 8.95 14.40
N SER A 360 14.21 7.68 14.62
CA SER A 360 13.10 7.10 13.88
C SER A 360 11.83 7.91 14.03
N GLU A 361 11.68 8.59 15.17
CA GLU A 361 10.49 9.39 15.40
C GLU A 361 10.44 10.62 14.50
N VAL A 362 11.53 10.95 13.81
CA VAL A 362 11.52 12.10 12.93
C VAL A 362 10.49 11.89 11.84
N GLU A 363 9.76 12.96 11.51
CA GLU A 363 8.66 12.85 10.55
C GLU A 363 9.12 12.86 9.10
N GLU A 364 10.40 13.09 8.83
CA GLU A 364 10.88 13.09 7.46
C GLU A 364 10.89 11.68 6.89
N THR A 365 10.32 11.52 5.70
CA THR A 365 10.20 10.19 5.11
C THR A 365 11.55 9.59 4.82
N GLU A 366 12.50 10.38 4.30
CA GLU A 366 13.81 9.84 3.96
C GLU A 366 14.52 9.31 5.19
N ILE A 367 14.47 10.06 6.29
CA ILE A 367 15.14 9.64 7.51
C ILE A 367 14.48 8.39 8.06
N PHE A 368 13.15 8.36 8.02
CA PHE A 368 12.43 7.18 8.50
C PHE A 368 12.81 5.95 7.67
N LYS A 369 12.89 6.11 6.36
CA LYS A 369 13.30 4.99 5.50
C LYS A 369 14.71 4.55 5.84
N ILE A 370 15.62 5.50 6.05
CA ILE A 370 17.00 5.14 6.36
C ILE A 370 17.05 4.30 7.62
N CYS A 371 16.36 4.74 8.67
CA CYS A 371 16.34 3.98 9.90
C CYS A 371 15.68 2.62 9.70
N LEU A 372 14.57 2.61 8.97
CA LEU A 372 13.85 1.36 8.72
C LEU A 372 14.72 0.36 7.99
N GLU A 373 15.64 0.84 7.17
CA GLU A 373 16.55 -0.07 6.48
C GLU A 373 17.33 -0.90 7.50
N TYR A 374 17.96 -0.24 8.46
CA TYR A 374 18.69 -0.99 9.48
C TYR A 374 17.73 -1.83 10.31
N TRP A 375 16.55 -1.31 10.60
CA TRP A 375 15.61 -2.08 11.40
C TRP A 375 15.26 -3.39 10.70
N ASN A 376 14.98 -3.31 9.40
CA ASN A 376 14.69 -4.51 8.62
C ASN A 376 15.88 -5.45 8.62
N HIS A 377 17.09 -4.91 8.44
CA HIS A 377 18.27 -5.76 8.45
C HIS A 377 18.40 -6.48 9.78
N LEU A 378 18.23 -5.76 10.88
CA LEU A 378 18.36 -6.34 12.20
C LEU A 378 17.33 -7.45 12.40
N ALA A 379 16.07 -7.17 12.04
CA ALA A 379 15.04 -8.16 12.22
C ALA A 379 15.32 -9.41 11.39
N ALA A 380 15.72 -9.22 10.14
CA ALA A 380 16.00 -10.37 9.28
C ALA A 380 17.17 -11.18 9.81
N GLU A 381 18.21 -10.49 10.28
CA GLU A 381 19.37 -11.19 10.84
C GLU A 381 18.95 -12.01 12.05
N LEU A 382 18.15 -11.42 12.93
CA LEU A 382 17.72 -12.15 14.12
C LEU A 382 16.86 -13.34 13.75
N TYR A 383 15.96 -13.17 12.77
CA TYR A 383 15.13 -14.29 12.36
C TYR A 383 15.98 -15.41 11.78
N ARG A 384 16.96 -15.07 10.95
CA ARG A 384 17.87 -16.08 10.41
C ARG A 384 18.61 -16.79 11.54
N GLU A 385 18.99 -16.06 12.58
CA GLU A 385 19.71 -16.66 13.69
C GLU A 385 18.95 -17.87 14.22
N SER A 386 17.62 -17.79 14.22
CA SER A 386 16.79 -18.92 14.57
C SER A 386 15.37 -18.66 14.09
N PRO A 387 14.74 -19.62 13.40
CA PRO A 387 13.39 -19.38 12.88
C PRO A 387 12.30 -19.46 13.92
N PHE A 388 12.55 -20.12 15.06
CA PHE A 388 11.54 -20.29 16.09
C PHE A 388 11.28 -18.96 16.79
N SER A 389 10.05 -18.81 17.29
CA SER A 389 9.68 -17.61 18.01
C SER A 389 10.27 -17.60 19.41
N THR A 390 10.25 -16.43 20.02
CA THR A 390 10.77 -16.27 21.38
C THR A 390 10.00 -17.15 22.35
N VAL A 404 18.25 -19.66 24.53
CA VAL A 404 17.86 -18.43 23.87
C VAL A 404 18.95 -18.00 22.89
N PRO A 405 18.57 -17.56 21.70
CA PRO A 405 19.58 -17.18 20.69
C PRO A 405 20.46 -16.05 21.21
N PRO A 406 21.78 -16.11 20.96
CA PRO A 406 22.67 -15.11 21.54
C PRO A 406 22.38 -13.68 21.08
N ARG A 407 22.41 -13.47 19.77
CA ARG A 407 22.14 -12.12 19.25
C ARG A 407 20.74 -11.67 19.63
N ARG A 408 19.75 -12.56 19.50
CA ARG A 408 18.40 -12.23 19.93
C ARG A 408 18.37 -11.99 21.43
N GLN A 409 19.06 -12.83 22.21
CA GLN A 409 19.09 -12.63 23.66
C GLN A 409 19.60 -11.25 23.99
N LEU A 410 20.58 -10.76 23.24
CA LEU A 410 21.13 -9.43 23.49
C LEU A 410 20.14 -8.35 23.08
N TYR A 411 19.61 -8.44 21.86
CA TYR A 411 18.79 -7.37 21.31
C TYR A 411 17.38 -7.32 21.88
N LEU A 412 16.96 -8.35 22.61
CA LEU A 412 15.56 -8.46 23.02
C LEU A 412 15.01 -7.20 23.66
N PRO A 413 15.66 -6.55 24.61
CA PRO A 413 15.03 -5.42 25.30
C PRO A 413 14.60 -4.31 24.37
N MET A 414 15.32 -4.08 23.28
CA MET A 414 14.95 -3.02 22.35
C MET A 414 13.75 -3.39 21.50
N LEU A 415 13.53 -4.68 21.26
CA LEU A 415 12.51 -5.10 20.31
C LEU A 415 11.14 -4.59 20.70
N PHE A 416 10.87 -4.40 21.99
CA PHE A 416 9.57 -3.88 22.40
C PHE A 416 9.32 -2.51 21.79
N LYS A 417 10.29 -1.61 21.95
CA LYS A 417 10.16 -0.28 21.37
C LYS A 417 10.15 -0.34 19.85
N VAL A 418 10.92 -1.26 19.28
CA VAL A 418 10.91 -1.43 17.84
C VAL A 418 9.49 -1.72 17.36
N ARG A 419 8.85 -2.70 17.99
CA ARG A 419 7.48 -3.06 17.60
C ARG A 419 6.53 -1.90 17.83
N LEU A 420 6.70 -1.21 18.96
CA LEU A 420 5.79 -0.11 19.25
C LEU A 420 5.86 0.94 18.15
N LEU A 421 7.08 1.31 17.73
CA LEU A 421 7.22 2.27 16.64
C LEU A 421 6.63 1.70 15.35
N MET A 422 6.91 0.43 15.07
CA MET A 422 6.45 -0.17 13.81
C MET A 422 4.94 -0.12 13.72
N VAL A 423 4.25 -0.29 14.84
CA VAL A 423 2.80 -0.27 14.81
C VAL A 423 2.27 1.15 14.83
N SER A 424 2.93 2.05 15.57
CA SER A 424 2.45 3.42 15.62
C SER A 424 2.54 4.09 14.27
N ARG A 425 3.61 3.83 13.53
CA ARG A 425 3.77 4.34 12.18
C ARG A 425 3.74 3.16 11.21
N MET A 426 2.94 3.27 10.15
CA MET A 426 2.87 2.22 9.15
C MET A 426 2.32 2.84 7.86
N ALA A 427 3.14 2.85 6.82
CA ALA A 427 2.72 3.42 5.55
C ALA A 427 1.48 2.71 5.04
N LYS A 428 0.54 3.47 4.51
CA LYS A 428 -0.73 2.90 4.07
C LYS A 428 -0.48 1.97 2.89
N PRO A 429 -0.92 0.71 2.95
CA PRO A 429 -0.61 -0.22 1.85
C PRO A 429 -1.21 0.18 0.52
N GLU A 430 -2.37 0.82 0.53
CA GLU A 430 -3.05 1.13 -0.72
C GLU A 430 -2.42 2.34 -1.39
N GLU A 431 -2.77 2.51 -2.66
CA GLU A 431 -2.37 3.70 -3.42
C GLU A 431 -3.36 3.84 -4.56
N VAL A 432 -4.31 4.75 -4.42
CA VAL A 432 -5.42 4.89 -5.35
C VAL A 432 -5.35 6.26 -6.00
N LEU A 433 -5.50 6.29 -7.32
CA LEU A 433 -5.45 7.53 -8.09
C LEU A 433 -6.61 7.57 -9.06
N VAL A 434 -7.00 8.77 -9.44
CA VAL A 434 -8.05 9.00 -10.43
C VAL A 434 -7.37 9.49 -11.71
N VAL A 435 -7.54 8.75 -12.79
CA VAL A 435 -6.86 9.02 -14.05
C VAL A 435 -7.89 9.15 -15.14
N GLU A 436 -7.70 10.14 -16.01
CA GLU A 436 -8.54 10.35 -17.18
C GLU A 436 -7.76 9.94 -18.42
N ASN A 437 -8.37 9.06 -19.23
CA ASN A 437 -7.71 8.53 -20.40
C ASN A 437 -8.74 8.36 -21.52
N ASP A 438 -8.28 7.83 -22.65
CA ASP A 438 -9.14 7.58 -23.79
C ASP A 438 -9.85 8.86 -24.24
N GLN A 439 -9.08 9.94 -24.31
CA GLN A 439 -9.58 11.23 -24.81
C GLN A 439 -10.69 11.78 -23.92
N GLY A 440 -10.68 11.43 -22.64
CA GLY A 440 -11.58 12.05 -21.69
C GLY A 440 -12.34 11.11 -20.77
N GLU A 441 -11.98 9.83 -20.76
CA GLU A 441 -12.65 8.85 -19.91
C GLU A 441 -11.88 8.67 -18.61
N VAL A 442 -12.58 8.78 -17.49
CA VAL A 442 -11.96 8.75 -16.16
C VAL A 442 -12.20 7.39 -15.53
N VAL A 443 -11.15 6.84 -14.93
CA VAL A 443 -11.19 5.55 -14.25
C VAL A 443 -10.48 5.69 -12.91
N ARG A 444 -10.35 4.57 -12.21
CA ARG A 444 -9.61 4.50 -10.97
C ARG A 444 -8.50 3.48 -11.11
N GLU A 445 -7.31 3.82 -10.61
CA GLU A 445 -6.13 3.02 -10.83
C GLU A 445 -5.44 2.72 -9.51
N PHE A 446 -4.65 1.65 -9.51
CA PHE A 446 -3.83 1.26 -8.38
C PHE A 446 -2.38 1.14 -8.83
N MET A 447 -1.47 1.48 -7.93
CA MET A 447 -0.03 1.45 -8.22
C MET A 447 0.57 0.21 -7.59
N LYS A 448 1.61 -0.33 -8.23
CA LYS A 448 2.22 -1.57 -7.77
C LYS A 448 3.38 -1.30 -6.79
N ASP A 449 4.41 -0.60 -7.25
CA ASP A 449 5.65 -0.49 -6.48
C ASP A 449 6.21 0.93 -6.53
N THR A 450 5.37 1.93 -6.30
CA THR A 450 5.88 3.26 -6.08
C THR A 450 6.66 3.30 -4.76
N ASP A 451 7.22 4.47 -4.45
CA ASP A 451 8.03 4.58 -3.25
C ASP A 451 7.23 4.24 -1.99
N SER A 452 6.00 4.76 -1.90
CA SER A 452 5.19 4.51 -0.70
C SER A 452 4.89 3.02 -0.54
N ILE A 453 4.57 2.34 -1.64
CA ILE A 453 4.25 0.91 -1.54
C ILE A 453 5.48 0.14 -1.08
N ASN A 454 6.66 0.48 -1.59
CA ASN A 454 7.87 -0.19 -1.15
C ASN A 454 8.13 0.08 0.33
N LEU A 455 7.89 1.31 0.77
CA LEU A 455 8.03 1.60 2.19
C LEU A 455 7.13 0.70 3.02
N TYR A 456 5.87 0.59 2.62
CA TYR A 456 4.95 -0.28 3.34
C TYR A 456 5.44 -1.71 3.31
N LYS A 457 5.97 -2.15 2.17
CA LYS A 457 6.45 -3.52 2.06
C LYS A 457 7.58 -3.79 3.05
N ASN A 458 8.53 -2.86 3.12
CA ASN A 458 9.65 -3.02 4.06
C ASN A 458 9.13 -3.08 5.49
N MET A 459 8.23 -2.15 5.83
CA MET A 459 7.70 -2.14 7.19
C MET A 459 6.98 -3.44 7.50
N ARG A 460 6.18 -3.94 6.55
CA ARG A 460 5.45 -5.17 6.77
C ARG A 460 6.39 -6.35 6.95
N GLU A 461 7.44 -6.42 6.13
CA GLU A 461 8.39 -7.53 6.25
C GLU A 461 9.07 -7.51 7.62
N THR A 462 9.53 -6.33 8.04
CA THR A 462 10.16 -6.23 9.34
C THR A 462 9.18 -6.60 10.45
N LEU A 463 7.95 -6.13 10.34
CA LEU A 463 6.95 -6.41 11.37
C LEU A 463 6.62 -7.89 11.42
N VAL A 464 6.58 -8.55 10.26
CA VAL A 464 6.32 -9.98 10.24
C VAL A 464 7.45 -10.74 10.91
N TYR A 465 8.69 -10.35 10.64
CA TYR A 465 9.81 -10.97 11.33
C TYR A 465 9.67 -10.78 12.84
N LEU A 466 9.40 -9.55 13.26
CA LEU A 466 9.27 -9.29 14.69
C LEU A 466 8.15 -10.13 15.30
N THR A 467 7.02 -10.23 14.60
CA THR A 467 5.94 -11.07 15.09
C THR A 467 6.38 -12.51 15.23
N HIS A 468 7.11 -13.02 14.24
CA HIS A 468 7.67 -14.36 14.36
C HIS A 468 8.56 -14.46 15.60
N LEU A 469 9.15 -13.34 16.03
CA LEU A 469 9.93 -13.36 17.26
C LEU A 469 9.03 -13.39 18.49
N ASP A 470 8.12 -12.42 18.61
CA ASP A 470 7.36 -12.20 19.84
C ASP A 470 5.88 -11.98 19.52
N TYR A 471 5.30 -12.88 18.74
CA TYR A 471 3.90 -12.77 18.35
C TYR A 471 3.01 -12.34 19.52
N VAL A 472 3.29 -12.85 20.72
CA VAL A 472 2.47 -12.49 21.88
C VAL A 472 2.55 -11.00 22.13
N ASP A 473 3.74 -10.43 22.07
CA ASP A 473 3.88 -9.00 22.34
C ASP A 473 3.19 -8.16 21.27
N THR A 474 3.28 -8.58 20.01
CA THR A 474 2.56 -7.87 18.96
C THR A 474 1.06 -7.91 19.21
N GLU A 475 0.55 -9.08 19.60
CA GLU A 475 -0.86 -9.20 19.93
C GLU A 475 -1.22 -8.23 21.05
N ARG A 476 -0.41 -8.20 22.11
CA ARG A 476 -0.71 -7.33 23.24
C ARG A 476 -0.70 -5.86 22.83
N ILE A 477 0.31 -5.45 22.07
CA ILE A 477 0.42 -4.05 21.68
C ILE A 477 -0.77 -3.65 20.82
N MET A 478 -1.12 -4.49 19.86
CA MET A 478 -2.23 -4.15 18.97
C MET A 478 -3.54 -4.09 19.74
N THR A 479 -3.74 -5.03 20.65
CA THR A 479 -4.93 -5.01 21.50
C THR A 479 -4.99 -3.71 22.30
N GLU A 480 -3.86 -3.32 22.89
CA GLU A 480 -3.85 -2.12 23.71
C GLU A 480 -4.14 -0.88 22.87
N LYS A 481 -3.53 -0.77 21.71
CA LYS A 481 -3.79 0.39 20.86
C LYS A 481 -5.24 0.44 20.44
N LEU A 482 -5.80 -0.70 20.06
CA LEU A 482 -7.20 -0.72 19.65
C LEU A 482 -8.10 -0.29 20.79
N HIS A 483 -7.90 -0.86 21.98
CA HIS A 483 -8.71 -0.48 23.13
C HIS A 483 -8.57 1.00 23.42
N ASN A 484 -7.35 1.52 23.33
CA ASN A 484 -7.12 2.95 23.48
C ASN A 484 -7.96 3.74 22.50
N GLN A 485 -8.11 3.25 21.27
CA GLN A 485 -9.01 3.90 20.33
C GLN A 485 -10.45 3.82 20.81
N VAL A 486 -10.84 2.68 21.39
CA VAL A 486 -12.24 2.46 21.74
C VAL A 486 -12.74 3.54 22.69
N ASN A 487 -12.15 3.62 23.87
CA ASN A 487 -12.65 4.49 24.93
C ASN A 487 -12.40 5.97 24.66
N GLY A 488 -12.00 6.33 23.44
CA GLY A 488 -11.79 7.71 23.12
C GLY A 488 -10.52 8.30 23.68
N THR A 489 -9.74 7.51 24.42
CA THR A 489 -8.49 8.03 24.98
C THR A 489 -7.51 8.40 23.88
N GLU A 490 -7.42 7.56 22.84
CA GLU A 490 -6.57 7.84 21.67
C GLU A 490 -7.37 7.81 20.39
N TRP A 491 -8.65 8.16 20.45
CA TRP A 491 -9.48 8.12 19.27
C TRP A 491 -9.06 9.20 18.28
N SER A 492 -8.76 8.78 17.05
CA SER A 492 -8.46 9.71 15.97
C SER A 492 -8.43 8.94 14.66
N TRP A 493 -9.04 9.51 13.63
CA TRP A 493 -9.09 8.82 12.34
C TRP A 493 -7.70 8.41 11.89
N LYS A 494 -6.72 9.30 12.01
CA LYS A 494 -5.36 8.95 11.63
C LYS A 494 -4.87 7.75 12.43
N ASN A 495 -5.05 7.79 13.75
CA ASN A 495 -4.59 6.70 14.58
C ASN A 495 -5.33 5.41 14.25
N LEU A 496 -6.65 5.49 14.04
CA LEU A 496 -7.42 4.29 13.75
C LEU A 496 -6.97 3.68 12.43
N ASN A 497 -6.82 4.50 11.40
CA ASN A 497 -6.37 3.99 10.11
C ASN A 497 -4.99 3.37 10.22
N THR A 498 -4.08 4.03 10.94
CA THR A 498 -2.73 3.48 11.07
C THR A 498 -2.76 2.16 11.80
N LEU A 499 -3.56 2.05 12.86
CA LEU A 499 -3.65 0.80 13.60
C LEU A 499 -4.23 -0.30 12.71
N CYS A 500 -5.23 0.04 11.91
CA CYS A 500 -5.83 -0.97 11.04
C CYS A 500 -4.84 -1.44 9.99
N TRP A 501 -4.08 -0.53 9.40
CA TRP A 501 -3.07 -0.92 8.43
C TRP A 501 -2.01 -1.81 9.09
N ALA A 502 -1.60 -1.46 10.31
CA ALA A 502 -0.65 -2.29 11.02
C ALA A 502 -1.22 -3.68 11.28
N ILE A 503 -2.49 -3.75 11.65
CA ILE A 503 -3.13 -5.04 11.92
C ILE A 503 -3.15 -5.88 10.67
N GLY A 504 -3.53 -5.27 9.55
CA GLY A 504 -3.54 -5.99 8.29
C GLY A 504 -2.16 -6.38 7.80
N SER A 505 -1.13 -5.62 8.19
CA SER A 505 0.22 -5.93 7.73
C SER A 505 0.59 -7.38 8.04
N ILE A 506 0.42 -7.79 9.29
CA ILE A 506 0.58 -9.20 9.62
C ILE A 506 -0.61 -9.96 9.08
N SER A 507 -0.35 -11.09 8.45
CA SER A 507 -1.41 -11.94 7.92
C SER A 507 -0.84 -13.35 7.78
N GLY A 508 -1.37 -14.28 8.56
CA GLY A 508 -0.75 -15.58 8.62
C GLY A 508 0.58 -15.58 9.33
N ALA A 509 0.96 -14.46 9.93
CA ALA A 509 2.21 -14.39 10.67
C ALA A 509 2.22 -15.30 11.88
N MET A 510 1.06 -15.71 12.37
CA MET A 510 0.97 -16.54 13.56
C MET A 510 0.19 -17.80 13.23
N HIS A 511 0.35 -18.81 14.08
CA HIS A 511 -0.40 -20.04 13.90
C HIS A 511 -1.90 -19.74 13.91
N GLU A 512 -2.62 -20.43 13.03
CA GLU A 512 -3.99 -20.04 12.73
C GLU A 512 -4.90 -20.07 13.95
N GLU A 513 -4.54 -20.80 15.00
CA GLU A 513 -5.31 -20.71 16.24
C GLU A 513 -5.12 -19.36 16.92
N ASP A 514 -3.87 -18.93 17.03
CA ASP A 514 -3.60 -17.62 17.60
C ASP A 514 -4.18 -16.53 16.71
N GLU A 515 -4.10 -16.70 15.39
CA GLU A 515 -4.76 -15.75 14.50
C GLU A 515 -6.25 -15.74 14.75
N LYS A 516 -6.85 -16.90 14.96
CA LYS A 516 -8.27 -16.97 15.27
C LYS A 516 -8.59 -16.11 16.48
N ARG A 517 -7.86 -16.32 17.57
CA ARG A 517 -8.15 -15.56 18.79
C ARG A 517 -7.94 -14.08 18.58
N PHE A 518 -6.81 -13.70 17.99
CA PHE A 518 -6.48 -12.29 17.83
C PHE A 518 -7.52 -11.59 16.96
N LEU A 519 -7.89 -12.20 15.83
CA LEU A 519 -8.83 -11.55 14.95
C LEU A 519 -10.22 -11.54 15.54
N VAL A 520 -10.60 -12.57 16.29
CA VAL A 520 -11.89 -12.53 16.98
C VAL A 520 -11.94 -11.33 17.90
N THR A 521 -10.89 -11.15 18.71
CA THR A 521 -10.86 -10.04 19.64
C THR A 521 -10.93 -8.71 18.90
N VAL A 522 -10.14 -8.58 17.83
CA VAL A 522 -10.10 -7.33 17.08
C VAL A 522 -11.46 -7.01 16.50
N ILE A 523 -12.14 -8.01 15.92
CA ILE A 523 -13.44 -7.77 15.31
C ILE A 523 -14.46 -7.38 16.37
N LYS A 524 -14.47 -8.08 17.51
CA LYS A 524 -15.40 -7.73 18.56
C LYS A 524 -15.19 -6.28 18.99
N ASP A 525 -13.93 -5.90 19.21
CA ASP A 525 -13.65 -4.54 19.65
C ASP A 525 -14.07 -3.52 18.60
N LEU A 526 -13.79 -3.81 17.33
CA LEU A 526 -14.13 -2.86 16.28
C LEU A 526 -15.63 -2.68 16.14
N LEU A 527 -16.39 -3.77 16.21
CA LEU A 527 -17.84 -3.64 16.15
C LEU A 527 -18.36 -2.87 17.35
N GLY A 528 -17.81 -3.13 18.54
CA GLY A 528 -18.20 -2.35 19.69
C GLY A 528 -17.94 -0.87 19.48
N LEU A 529 -16.78 -0.52 18.93
CA LEU A 529 -16.48 0.87 18.66
C LEU A 529 -17.46 1.46 17.66
N CYS A 530 -17.81 0.70 16.62
CA CYS A 530 -18.76 1.18 15.62
C CYS A 530 -20.09 1.51 16.27
N GLU A 531 -20.58 0.61 17.14
CA GLU A 531 -21.82 0.91 17.84
C GLU A 531 -21.67 2.13 18.73
N GLN A 532 -20.54 2.22 19.44
CA GLN A 532 -20.34 3.32 20.37
C GLN A 532 -20.39 4.67 19.66
N LYS A 533 -19.60 4.82 18.60
CA LYS A 533 -19.51 6.10 17.92
C LYS A 533 -20.82 6.40 17.22
N ARG A 534 -20.88 7.58 16.61
CA ARG A 534 -22.07 8.02 15.89
C ARG A 534 -21.64 9.04 14.86
N GLY A 535 -22.54 9.33 13.94
CA GLY A 535 -22.26 10.29 12.89
C GLY A 535 -21.78 9.59 11.63
N LYS A 536 -22.15 10.18 10.48
CA LYS A 536 -21.83 9.54 9.21
C LYS A 536 -20.33 9.44 8.99
N ASP A 537 -19.58 10.46 9.39
CA ASP A 537 -18.14 10.45 9.16
C ASP A 537 -17.47 9.30 9.91
N ASN A 538 -17.73 9.21 11.22
CA ASN A 538 -17.12 8.15 12.01
C ASN A 538 -17.58 6.78 11.52
N LYS A 539 -18.86 6.66 11.19
CA LYS A 539 -19.37 5.39 10.70
C LYS A 539 -18.68 4.98 9.41
N ALA A 540 -18.50 5.92 8.50
CA ALA A 540 -17.82 5.60 7.24
C ALA A 540 -16.38 5.20 7.49
N ILE A 541 -15.68 5.92 8.36
CA ILE A 541 -14.28 5.61 8.61
C ILE A 541 -14.16 4.21 9.20
N ILE A 542 -14.98 3.90 10.20
CA ILE A 542 -14.91 2.59 10.84
C ILE A 542 -15.30 1.50 9.85
N ALA A 543 -16.30 1.78 9.00
CA ALA A 543 -16.68 0.79 8.00
C ALA A 543 -15.51 0.47 7.09
N SER A 544 -14.85 1.50 6.55
CA SER A 544 -13.68 1.26 5.71
C SER A 544 -12.64 0.47 6.47
N ASN A 545 -12.44 0.80 7.74
CA ASN A 545 -11.42 0.13 8.54
C ASN A 545 -11.69 -1.37 8.62
N ILE A 546 -12.86 -1.75 9.13
CA ILE A 546 -13.14 -3.17 9.26
C ILE A 546 -13.15 -3.86 7.90
N MET A 547 -13.75 -3.24 6.88
CA MET A 547 -13.74 -3.87 5.57
C MET A 547 -12.31 -4.17 5.13
N TYR A 548 -11.37 -3.26 5.38
CA TYR A 548 -9.99 -3.56 5.05
C TYR A 548 -9.49 -4.74 5.87
N ILE A 549 -9.70 -4.71 7.19
CA ILE A 549 -9.11 -5.75 8.05
C ILE A 549 -9.53 -7.13 7.58
N VAL A 550 -10.82 -7.32 7.31
CA VAL A 550 -11.30 -8.64 6.93
C VAL A 550 -10.65 -9.08 5.62
N GLY A 551 -10.52 -8.17 4.66
CA GLY A 551 -9.98 -8.54 3.38
C GLY A 551 -8.59 -9.13 3.47
N GLN A 552 -7.83 -8.77 4.50
CA GLN A 552 -6.45 -9.20 4.64
C GLN A 552 -6.30 -10.51 5.40
N TYR A 553 -7.40 -11.14 5.81
CA TYR A 553 -7.36 -12.37 6.59
C TYR A 553 -8.23 -13.43 5.94
N PRO A 554 -7.93 -13.82 4.70
CA PRO A 554 -8.68 -14.92 4.09
C PRO A 554 -8.53 -16.23 4.83
N ARG A 555 -7.37 -16.46 5.45
CA ARG A 555 -7.15 -17.73 6.13
C ARG A 555 -8.19 -17.95 7.22
N PHE A 556 -8.50 -16.91 7.98
CA PHE A 556 -9.54 -17.02 9.00
C PHE A 556 -10.92 -17.20 8.36
N LEU A 557 -11.21 -16.42 7.33
CA LEU A 557 -12.54 -16.48 6.72
C LEU A 557 -12.84 -17.88 6.19
N ARG A 558 -11.83 -18.54 5.65
CA ARG A 558 -12.06 -19.86 5.06
C ARG A 558 -12.32 -20.94 6.09
N ALA A 559 -12.18 -20.65 7.38
CA ALA A 559 -12.51 -21.60 8.43
C ALA A 559 -13.79 -21.25 9.16
N HIS A 560 -14.45 -20.14 8.81
CA HIS A 560 -15.68 -19.69 9.47
C HIS A 560 -16.70 -19.38 8.39
N TRP A 561 -17.46 -20.40 7.99
CA TRP A 561 -18.44 -20.19 6.95
C TRP A 561 -19.49 -19.16 7.37
N LYS A 562 -19.95 -19.25 8.62
CA LYS A 562 -20.97 -18.32 9.09
C LYS A 562 -20.46 -16.88 9.04
N PHE A 563 -19.26 -16.66 9.56
CA PHE A 563 -18.73 -15.30 9.56
C PHE A 563 -18.50 -14.81 8.14
N LEU A 564 -18.03 -15.69 7.26
CA LEU A 564 -17.83 -15.28 5.87
C LEU A 564 -19.15 -14.87 5.24
N LYS A 565 -20.20 -15.67 5.46
CA LYS A 565 -21.51 -15.31 4.93
C LYS A 565 -21.97 -13.97 5.47
N THR A 566 -21.77 -13.75 6.78
CA THR A 566 -22.19 -12.49 7.37
C THR A 566 -21.42 -11.32 6.77
N VAL A 567 -20.13 -11.50 6.55
CA VAL A 567 -19.32 -10.43 5.96
C VAL A 567 -19.82 -10.11 4.56
N VAL A 568 -20.10 -11.14 3.77
CA VAL A 568 -20.59 -10.93 2.41
C VAL A 568 -21.92 -10.19 2.45
N ASN A 569 -22.82 -10.59 3.35
CA ASN A 569 -24.12 -9.94 3.43
C ASN A 569 -23.96 -8.48 3.83
N LYS A 570 -23.07 -8.18 4.77
CA LYS A 570 -22.88 -6.80 5.17
C LYS A 570 -22.29 -5.99 4.04
N LEU A 571 -21.40 -6.59 3.26
CA LEU A 571 -20.87 -5.89 2.09
C LEU A 571 -21.98 -5.57 1.11
N PHE A 572 -22.86 -6.54 0.84
CA PHE A 572 -24.01 -6.29 -0.01
C PHE A 572 -24.82 -5.12 0.54
N GLU A 573 -25.03 -5.09 1.85
CA GLU A 573 -25.74 -3.97 2.45
C GLU A 573 -25.02 -2.67 2.15
N PHE A 574 -23.69 -2.66 2.27
CA PHE A 574 -22.94 -1.44 2.09
C PHE A 574 -23.04 -0.92 0.67
N MET A 575 -22.96 -1.80 -0.32
CA MET A 575 -22.97 -1.32 -1.70
C MET A 575 -24.22 -0.51 -2.03
N HIS A 576 -25.24 -0.51 -1.18
CA HIS A 576 -26.36 0.41 -1.33
C HIS A 576 -26.09 1.76 -0.68
N GLU A 577 -25.03 1.88 0.11
CA GLU A 577 -24.74 3.14 0.78
C GLU A 577 -24.38 4.21 -0.23
N THR A 578 -24.88 5.43 0.00
CA THR A 578 -24.61 6.55 -0.89
C THR A 578 -23.44 7.40 -0.44
N HIS A 579 -23.00 7.28 0.81
CA HIS A 579 -21.87 8.06 1.28
C HIS A 579 -20.61 7.70 0.49
N ASP A 580 -19.87 8.73 0.12
CA ASP A 580 -18.68 8.52 -0.70
C ASP A 580 -17.64 7.70 0.05
N GLY A 581 -16.89 6.89 -0.71
CA GLY A 581 -15.83 6.07 -0.17
C GLY A 581 -16.28 4.69 0.30
N VAL A 582 -17.52 4.57 0.76
CA VAL A 582 -17.98 3.30 1.28
C VAL A 582 -18.13 2.27 0.15
N GLN A 583 -18.76 2.67 -0.95
CA GLN A 583 -19.06 1.72 -2.01
C GLN A 583 -17.79 1.17 -2.66
N ASP A 584 -16.84 2.06 -2.97
CA ASP A 584 -15.62 1.62 -3.64
C ASP A 584 -14.86 0.64 -2.77
N MET A 585 -14.70 0.97 -1.49
CA MET A 585 -14.01 0.07 -0.57
C MET A 585 -14.77 -1.24 -0.44
N ALA A 586 -16.10 -1.17 -0.44
CA ALA A 586 -16.90 -2.39 -0.35
C ALA A 586 -16.62 -3.31 -1.52
N CYS A 587 -16.65 -2.76 -2.73
CA CYS A 587 -16.39 -3.57 -3.92
C CYS A 587 -14.99 -4.15 -3.89
N ASP A 588 -14.00 -3.33 -3.50
CA ASP A 588 -12.63 -3.82 -3.44
C ASP A 588 -12.50 -4.96 -2.45
N THR A 589 -13.10 -4.81 -1.28
CA THR A 589 -13.04 -5.88 -0.29
C THR A 589 -13.73 -7.13 -0.80
N PHE A 590 -14.86 -6.96 -1.49
CA PHE A 590 -15.58 -8.13 -1.99
C PHE A 590 -14.73 -8.89 -2.98
N ILE A 591 -14.09 -8.19 -3.91
CA ILE A 591 -13.26 -8.89 -4.90
C ILE A 591 -12.05 -9.53 -4.23
N LYS A 592 -11.45 -8.84 -3.26
CA LYS A 592 -10.31 -9.43 -2.57
C LYS A 592 -10.71 -10.70 -1.84
N ILE A 593 -11.90 -10.71 -1.24
CA ILE A 593 -12.36 -11.91 -0.55
C ILE A 593 -12.65 -13.01 -1.55
N ALA A 594 -13.26 -12.66 -2.68
CA ALA A 594 -13.60 -13.67 -3.68
C ALA A 594 -12.34 -14.34 -4.23
N GLN A 595 -11.30 -13.56 -4.51
CA GLN A 595 -10.09 -14.13 -5.07
C GLN A 595 -9.50 -15.19 -4.17
N LYS A 596 -9.43 -14.91 -2.87
CA LYS A 596 -8.79 -15.82 -1.92
C LYS A 596 -9.75 -16.83 -1.33
N CYS A 597 -11.04 -16.76 -1.64
CA CYS A 597 -12.03 -17.64 -1.05
C CYS A 597 -13.00 -18.19 -2.08
N ARG A 598 -12.62 -18.19 -3.36
CA ARG A 598 -13.55 -18.60 -4.41
C ARG A 598 -14.08 -20.00 -4.17
N ARG A 599 -13.28 -20.88 -3.54
CA ARG A 599 -13.65 -22.28 -3.45
C ARG A 599 -14.92 -22.47 -2.63
N HIS A 600 -15.07 -21.74 -1.53
CA HIS A 600 -16.16 -21.99 -0.59
C HIS A 600 -17.49 -21.46 -1.08
N PHE A 601 -17.52 -20.62 -2.10
CA PHE A 601 -18.78 -20.07 -2.56
C PHE A 601 -19.52 -21.00 -3.52
N VAL A 602 -18.84 -22.00 -4.07
CA VAL A 602 -19.43 -22.87 -5.08
C VAL A 602 -19.61 -24.28 -4.56
N GLN A 603 -19.71 -24.46 -3.25
CA GLN A 603 -19.96 -25.76 -2.64
C GLN A 603 -20.98 -25.59 -1.52
N VAL A 604 -21.65 -26.68 -1.21
CA VAL A 604 -22.63 -26.68 -0.11
C VAL A 604 -21.85 -26.83 1.20
N GLN A 605 -21.90 -25.80 2.04
CA GLN A 605 -21.25 -25.87 3.33
C GLN A 605 -22.13 -26.61 4.33
N VAL A 606 -21.51 -27.07 5.42
CA VAL A 606 -22.25 -27.83 6.42
C VAL A 606 -23.44 -27.02 6.88
N GLY A 607 -24.61 -27.66 6.90
CA GLY A 607 -25.82 -26.98 7.29
C GLY A 607 -26.45 -26.14 6.20
N GLU A 608 -25.87 -26.11 5.00
CA GLU A 608 -26.41 -25.34 3.90
C GLU A 608 -27.14 -26.25 2.93
N VAL A 609 -28.12 -25.68 2.23
CA VAL A 609 -28.91 -26.44 1.27
C VAL A 609 -28.31 -26.36 -0.13
N MET A 610 -27.87 -25.18 -0.54
CA MET A 610 -27.32 -24.96 -1.87
C MET A 610 -26.04 -24.15 -1.75
N PRO A 611 -25.13 -24.29 -2.72
CA PRO A 611 -23.91 -23.47 -2.69
C PRO A 611 -24.24 -21.99 -2.68
N PHE A 612 -23.47 -21.24 -1.90
CA PHE A 612 -23.79 -19.83 -1.69
C PHE A 612 -23.79 -19.04 -2.98
N ILE A 613 -23.03 -19.48 -3.98
CA ILE A 613 -23.03 -18.79 -5.26
C ILE A 613 -24.44 -18.68 -5.81
N ASP A 614 -25.21 -19.76 -5.73
CA ASP A 614 -26.54 -19.76 -6.32
C ASP A 614 -27.38 -18.63 -5.74
N GLU A 615 -27.31 -18.44 -4.43
CA GLU A 615 -28.06 -17.36 -3.80
C GLU A 615 -27.58 -16.00 -4.31
N ILE A 616 -26.27 -15.83 -4.44
CA ILE A 616 -25.74 -14.54 -4.91
C ILE A 616 -26.25 -14.24 -6.31
N LEU A 617 -26.23 -15.25 -7.19
CA LEU A 617 -26.61 -15.03 -8.58
C LEU A 617 -28.05 -14.55 -8.68
N ASN A 618 -28.94 -15.13 -7.87
CA ASN A 618 -30.34 -14.76 -7.93
C ASN A 618 -30.57 -13.31 -7.53
N ASN A 619 -29.64 -12.71 -6.76
CA ASN A 619 -29.82 -11.38 -6.23
C ASN A 619 -29.01 -10.32 -6.96
N ILE A 620 -28.29 -10.70 -8.02
CA ILE A 620 -27.48 -9.74 -8.75
C ILE A 620 -28.33 -8.57 -9.21
N ASN A 621 -29.62 -8.81 -9.42
CA ASN A 621 -30.50 -7.77 -9.92
C ASN A 621 -30.54 -6.55 -9.02
N THR A 622 -30.63 -6.76 -7.70
CA THR A 622 -30.83 -5.67 -6.76
C THR A 622 -29.57 -5.24 -6.03
N ILE A 623 -28.59 -6.12 -5.87
CA ILE A 623 -27.38 -5.75 -5.13
C ILE A 623 -26.71 -4.56 -5.77
N ILE A 624 -26.69 -4.52 -7.10
CA ILE A 624 -25.97 -3.49 -7.84
C ILE A 624 -26.90 -2.37 -8.30
N CYS A 625 -28.07 -2.24 -7.69
CA CYS A 625 -29.04 -1.24 -8.16
C CYS A 625 -28.54 0.17 -7.99
N ASP A 626 -27.53 0.40 -7.15
CA ASP A 626 -27.04 1.74 -6.87
C ASP A 626 -25.59 1.96 -7.25
N LEU A 627 -24.82 0.90 -7.45
CA LEU A 627 -23.42 1.05 -7.82
C LEU A 627 -23.29 1.71 -9.18
N GLN A 628 -22.27 2.55 -9.32
CA GLN A 628 -21.97 3.15 -10.62
C GLN A 628 -21.26 2.13 -11.51
N PRO A 629 -21.18 2.39 -12.81
CA PRO A 629 -20.72 1.34 -13.73
C PRO A 629 -19.41 0.70 -13.34
N GLN A 630 -18.44 1.49 -12.86
CA GLN A 630 -17.14 0.91 -12.51
C GLN A 630 -17.27 -0.09 -11.38
N GLN A 631 -18.05 0.26 -10.36
CA GLN A 631 -18.31 -0.69 -9.29
C GLN A 631 -19.01 -1.93 -9.83
N VAL A 632 -19.90 -1.74 -10.80
CA VAL A 632 -20.60 -2.89 -11.38
C VAL A 632 -19.60 -3.83 -12.03
N HIS A 633 -18.66 -3.28 -12.80
CA HIS A 633 -17.66 -4.13 -13.45
C HIS A 633 -16.82 -4.85 -12.41
N THR A 634 -16.40 -4.14 -11.37
CA THR A 634 -15.59 -4.78 -10.34
C THR A 634 -16.36 -5.91 -9.67
N PHE A 635 -17.64 -5.67 -9.37
CA PHE A 635 -18.46 -6.70 -8.73
C PHE A 635 -18.61 -7.91 -9.63
N TYR A 636 -18.84 -7.68 -10.92
CA TYR A 636 -18.94 -8.78 -11.85
C TYR A 636 -17.63 -9.55 -11.92
N GLU A 637 -16.51 -8.84 -11.88
CA GLU A 637 -15.21 -9.51 -11.86
C GLU A 637 -15.08 -10.41 -10.63
N ALA A 638 -15.50 -9.90 -9.47
CA ALA A 638 -15.44 -10.70 -8.26
C ALA A 638 -16.28 -11.96 -8.40
N VAL A 639 -17.50 -11.81 -8.91
CA VAL A 639 -18.36 -12.96 -9.08
C VAL A 639 -17.72 -13.97 -10.03
N GLY A 640 -17.18 -13.48 -11.14
CA GLY A 640 -16.51 -14.38 -12.06
C GLY A 640 -15.39 -15.15 -11.40
N TYR A 641 -14.54 -14.44 -10.65
CA TYR A 641 -13.52 -15.12 -9.87
C TYR A 641 -14.14 -16.22 -9.04
N MET A 642 -15.31 -15.94 -8.48
CA MET A 642 -15.97 -16.90 -7.61
C MET A 642 -16.44 -18.12 -8.39
N ILE A 643 -16.91 -17.92 -9.62
CA ILE A 643 -17.42 -19.03 -10.42
C ILE A 643 -16.28 -19.95 -10.84
N GLY A 644 -15.13 -19.38 -11.18
CA GLY A 644 -14.06 -20.19 -11.76
C GLY A 644 -13.71 -21.39 -10.91
N ALA A 645 -13.88 -21.29 -9.59
CA ALA A 645 -13.57 -22.41 -8.72
C ALA A 645 -14.38 -23.64 -9.07
N GLN A 646 -15.52 -23.48 -9.73
CA GLN A 646 -16.36 -24.63 -10.03
C GLN A 646 -15.63 -25.62 -10.92
N THR A 647 -15.76 -26.91 -10.58
CA THR A 647 -15.08 -27.98 -11.30
C THR A 647 -16.00 -28.74 -12.23
N ASP A 648 -17.29 -28.85 -11.91
CA ASP A 648 -18.22 -29.56 -12.79
C ASP A 648 -18.48 -28.73 -14.04
N GLN A 649 -18.27 -29.35 -15.20
CA GLN A 649 -18.41 -28.62 -16.45
C GLN A 649 -19.85 -28.19 -16.69
N THR A 650 -20.81 -29.08 -16.49
CA THR A 650 -22.20 -28.74 -16.75
C THR A 650 -22.72 -27.72 -15.74
N VAL A 651 -22.42 -27.95 -14.45
CA VAL A 651 -22.80 -26.99 -13.43
C VAL A 651 -22.15 -25.65 -13.71
N GLN A 652 -20.88 -25.67 -14.11
CA GLN A 652 -20.19 -24.43 -14.43
C GLN A 652 -20.88 -23.72 -15.59
N GLU A 653 -21.32 -24.48 -16.59
CA GLU A 653 -21.98 -23.87 -17.74
C GLU A 653 -23.29 -23.21 -17.32
N HIS A 654 -24.06 -23.89 -16.47
CA HIS A 654 -25.30 -23.29 -15.97
C HIS A 654 -24.99 -22.03 -15.15
N LEU A 655 -23.97 -22.11 -14.31
CA LEU A 655 -23.56 -20.95 -13.53
C LEU A 655 -23.25 -19.78 -14.45
N ILE A 656 -22.46 -20.02 -15.49
CA ILE A 656 -22.07 -18.94 -16.39
C ILE A 656 -23.28 -18.39 -17.13
N GLU A 657 -24.19 -19.27 -17.54
CA GLU A 657 -25.39 -18.82 -18.23
C GLU A 657 -26.18 -17.85 -17.37
N LYS A 658 -26.50 -18.25 -16.14
CA LYS A 658 -27.25 -17.37 -15.27
C LYS A 658 -26.43 -16.13 -14.91
N TYR A 659 -25.13 -16.30 -14.78
CA TYR A 659 -24.25 -15.21 -14.37
C TYR A 659 -24.24 -14.10 -15.40
N MET A 660 -24.23 -14.45 -16.67
CA MET A 660 -24.24 -13.46 -17.74
C MET A 660 -25.64 -13.18 -18.27
N LEU A 661 -26.66 -13.81 -17.71
CA LEU A 661 -28.02 -13.58 -18.18
C LEU A 661 -28.34 -12.10 -18.27
N LEU A 662 -28.06 -11.34 -17.22
CA LEU A 662 -28.55 -9.97 -17.16
C LEU A 662 -27.97 -9.10 -18.27
N PRO A 663 -26.65 -8.92 -18.37
CA PRO A 663 -26.13 -8.07 -19.46
C PRO A 663 -26.50 -8.58 -20.84
N ASN A 664 -26.62 -9.91 -20.98
CA ASN A 664 -27.00 -10.47 -22.27
C ASN A 664 -28.34 -9.95 -22.75
N GLN A 665 -29.26 -9.68 -21.82
CA GLN A 665 -30.57 -9.18 -22.23
C GLN A 665 -30.45 -7.83 -22.91
N VAL A 666 -29.72 -6.91 -22.30
CA VAL A 666 -29.51 -5.60 -22.92
C VAL A 666 -28.75 -5.76 -24.22
N TRP A 667 -27.77 -6.67 -24.24
CA TRP A 667 -27.03 -6.92 -25.46
C TRP A 667 -27.96 -7.31 -26.60
N ASP A 668 -28.83 -8.28 -26.34
CA ASP A 668 -29.71 -8.78 -27.38
C ASP A 668 -30.72 -7.72 -27.79
N SER A 669 -31.21 -6.94 -26.84
CA SER A 669 -32.13 -5.86 -27.18
C SER A 669 -31.48 -4.86 -28.13
N ILE A 670 -30.25 -4.45 -27.82
CA ILE A 670 -29.57 -3.48 -28.66
C ILE A 670 -29.26 -4.10 -30.02
N ILE A 671 -28.89 -5.38 -30.04
CA ILE A 671 -28.60 -6.04 -31.31
C ILE A 671 -29.85 -6.07 -32.19
N GLN A 672 -30.99 -6.43 -31.61
CA GLN A 672 -32.23 -6.45 -32.38
C GLN A 672 -32.58 -5.06 -32.89
N GLN A 673 -32.44 -4.05 -32.03
CA GLN A 673 -32.74 -2.68 -32.47
C GLN A 673 -31.85 -2.29 -33.63
N ALA A 674 -30.55 -2.60 -33.54
CA ALA A 674 -29.63 -2.27 -34.62
C ALA A 674 -30.00 -3.00 -35.90
N THR A 675 -30.40 -4.27 -35.78
CA THR A 675 -30.84 -5.01 -36.95
C THR A 675 -32.04 -4.33 -37.59
N LYS A 676 -32.97 -3.84 -36.77
CA LYS A 676 -34.08 -3.05 -37.30
C LYS A 676 -33.57 -1.78 -37.98
N ASN A 677 -32.60 -1.11 -37.35
CA ASN A 677 -32.01 0.09 -37.94
C ASN A 677 -30.63 0.26 -37.34
N VAL A 678 -29.59 0.15 -38.18
CA VAL A 678 -28.22 0.27 -37.68
C VAL A 678 -27.91 1.70 -37.24
N ASP A 679 -28.70 2.68 -37.67
CA ASP A 679 -28.41 4.07 -37.33
C ASP A 679 -28.52 4.34 -35.84
N ILE A 680 -29.11 3.44 -35.06
CA ILE A 680 -29.14 3.63 -33.62
C ILE A 680 -27.73 3.66 -33.07
N LEU A 681 -26.78 3.02 -33.76
CA LEU A 681 -25.41 3.00 -33.29
C LEU A 681 -24.83 4.40 -33.19
N LYS A 682 -25.44 5.38 -33.85
CA LYS A 682 -25.07 6.77 -33.68
C LYS A 682 -25.76 7.41 -32.48
N ASP A 683 -26.55 6.63 -31.73
CA ASP A 683 -27.16 7.12 -30.50
C ASP A 683 -26.14 7.01 -29.37
N PRO A 684 -25.69 8.13 -28.78
CA PRO A 684 -24.63 8.02 -27.78
C PRO A 684 -24.98 7.12 -26.61
N GLU A 685 -26.24 7.12 -26.17
CA GLU A 685 -26.61 6.29 -25.03
C GLU A 685 -26.43 4.81 -25.36
N THR A 686 -26.85 4.40 -26.56
CA THR A 686 -26.70 3.01 -26.93
C THR A 686 -25.22 2.62 -27.01
N VAL A 687 -24.40 3.52 -27.55
CA VAL A 687 -22.97 3.24 -27.62
C VAL A 687 -22.40 3.08 -26.22
N LYS A 688 -22.79 3.96 -25.31
CA LYS A 688 -22.28 3.87 -23.94
C LYS A 688 -22.71 2.56 -23.29
N GLN A 689 -23.96 2.16 -23.51
CA GLN A 689 -24.42 0.90 -22.94
C GLN A 689 -23.63 -0.27 -23.53
N LEU A 690 -23.36 -0.23 -24.83
CA LEU A 690 -22.54 -1.28 -25.44
C LEU A 690 -21.16 -1.31 -24.82
N GLY A 691 -20.56 -0.15 -24.62
CA GLY A 691 -19.24 -0.11 -23.99
C GLY A 691 -19.27 -0.71 -22.60
N SER A 692 -20.30 -0.37 -21.83
CA SER A 692 -20.41 -0.94 -20.48
C SER A 692 -20.56 -2.44 -20.54
N ILE A 693 -21.38 -2.95 -21.46
CA ILE A 693 -21.57 -4.39 -21.58
C ILE A 693 -20.26 -5.06 -21.93
N LEU A 694 -19.52 -4.48 -22.88
CA LEU A 694 -18.25 -5.07 -23.26
C LEU A 694 -17.25 -5.03 -22.12
N LYS A 695 -17.24 -3.95 -21.35
CA LYS A 695 -16.35 -3.89 -20.20
C LYS A 695 -16.68 -5.00 -19.21
N THR A 696 -17.97 -5.18 -18.94
CA THR A 696 -18.38 -6.25 -18.04
C THR A 696 -17.91 -7.60 -18.56
N ASN A 697 -18.09 -7.82 -19.86
CA ASN A 697 -17.66 -9.09 -20.45
C ASN A 697 -16.14 -9.24 -20.34
N VAL A 698 -15.41 -8.15 -20.49
CA VAL A 698 -13.96 -8.21 -20.41
C VAL A 698 -13.53 -8.64 -19.01
N ARG A 699 -14.14 -8.03 -17.99
CA ARG A 699 -13.81 -8.42 -16.62
C ARG A 699 -14.18 -9.88 -16.38
N ALA A 700 -15.35 -10.30 -16.87
CA ALA A 700 -15.76 -11.68 -16.69
C ALA A 700 -14.80 -12.64 -17.36
N CYS A 701 -14.33 -12.30 -18.56
CA CYS A 701 -13.35 -13.13 -19.25
C CYS A 701 -12.05 -13.20 -18.46
N LYS A 702 -11.60 -12.06 -17.94
CA LYS A 702 -10.39 -12.04 -17.13
C LYS A 702 -10.51 -12.99 -15.95
N ALA A 703 -11.65 -12.96 -15.28
CA ALA A 703 -11.79 -13.75 -14.05
C ALA A 703 -12.04 -15.22 -14.34
N VAL A 704 -13.08 -15.51 -15.13
CA VAL A 704 -13.51 -16.90 -15.31
C VAL A 704 -12.42 -17.72 -15.95
N GLY A 705 -11.81 -17.20 -17.01
CA GLY A 705 -10.76 -17.91 -17.69
C GLY A 705 -11.22 -18.61 -18.96
N HIS A 706 -10.68 -19.79 -19.23
CA HIS A 706 -10.96 -20.47 -20.48
C HIS A 706 -12.44 -20.80 -20.66
N PRO A 707 -13.14 -21.36 -19.66
CA PRO A 707 -14.53 -21.77 -19.89
C PRO A 707 -15.42 -20.64 -20.32
N PHE A 708 -15.02 -19.38 -20.11
CA PHE A 708 -15.84 -18.25 -20.52
C PHE A 708 -16.15 -18.25 -22.01
N VAL A 709 -15.51 -19.12 -22.79
CA VAL A 709 -15.76 -19.15 -24.24
C VAL A 709 -17.24 -19.34 -24.51
N ILE A 710 -17.93 -20.13 -23.67
CA ILE A 710 -19.34 -20.39 -23.89
C ILE A 710 -20.11 -19.08 -23.98
N GLN A 711 -19.83 -18.15 -23.07
CA GLN A 711 -20.42 -16.83 -23.18
C GLN A 711 -19.94 -16.11 -24.43
N LEU A 712 -18.66 -16.25 -24.76
CA LEU A 712 -18.12 -15.53 -25.90
C LEU A 712 -18.83 -15.92 -27.18
N GLY A 713 -18.92 -17.23 -27.45
CA GLY A 713 -19.54 -17.67 -28.68
C GLY A 713 -20.94 -17.12 -28.89
N ARG A 714 -21.65 -16.86 -27.80
CA ARG A 714 -23.01 -16.36 -27.90
C ARG A 714 -23.08 -14.97 -28.53
N ILE A 715 -21.98 -14.23 -28.52
CA ILE A 715 -21.99 -12.85 -29.02
C ILE A 715 -20.83 -12.55 -29.96
N TYR A 716 -20.01 -13.56 -30.30
CA TYR A 716 -18.84 -13.30 -31.13
C TYR A 716 -19.21 -12.59 -32.43
N LEU A 717 -20.17 -13.14 -33.17
CA LEU A 717 -20.42 -12.66 -34.53
C LEU A 717 -21.01 -11.25 -34.52
N ASP A 718 -22.04 -11.04 -33.71
CA ASP A 718 -22.65 -9.71 -33.66
C ASP A 718 -21.69 -8.70 -33.05
N MET A 719 -20.82 -9.14 -32.15
CA MET A 719 -19.77 -8.26 -31.64
C MET A 719 -18.90 -7.76 -32.77
N LEU A 720 -18.39 -8.67 -33.59
CA LEU A 720 -17.53 -8.26 -34.69
C LEU A 720 -18.31 -7.39 -35.67
N ASN A 721 -19.57 -7.72 -35.92
CA ASN A 721 -20.38 -6.92 -36.83
C ASN A 721 -20.52 -5.48 -36.35
N VAL A 722 -20.85 -5.31 -35.07
CA VAL A 722 -21.03 -3.95 -34.55
C VAL A 722 -19.69 -3.23 -34.55
N TYR A 723 -18.60 -3.95 -34.29
CA TYR A 723 -17.28 -3.33 -34.37
C TYR A 723 -17.02 -2.79 -35.75
N LYS A 724 -17.34 -3.58 -36.78
CA LYS A 724 -17.16 -3.13 -38.16
C LYS A 724 -18.03 -1.92 -38.46
N CYS A 725 -19.28 -1.94 -38.01
CA CYS A 725 -20.18 -0.82 -38.28
C CYS A 725 -19.64 0.46 -37.64
N LEU A 726 -19.18 0.37 -36.40
CA LEU A 726 -18.62 1.54 -35.74
C LEU A 726 -17.36 2.01 -36.44
N SER A 727 -16.54 1.08 -36.93
CA SER A 727 -15.37 1.46 -37.70
C SER A 727 -15.77 2.29 -38.90
N GLU A 728 -16.77 1.83 -39.64
CA GLU A 728 -17.23 2.56 -40.81
C GLU A 728 -17.71 3.95 -40.41
N ASN A 729 -18.49 4.03 -39.34
CA ASN A 729 -19.02 5.32 -38.91
C ASN A 729 -17.90 6.29 -38.56
N ILE A 730 -16.92 5.82 -37.78
CA ILE A 730 -15.84 6.70 -37.34
C ILE A 730 -14.99 7.12 -38.53
N SER A 731 -14.73 6.20 -39.45
CA SER A 731 -13.94 6.57 -40.63
C SER A 731 -14.67 7.65 -41.44
N ALA A 732 -15.97 7.48 -41.65
CA ALA A 732 -16.72 8.48 -42.39
C ALA A 732 -16.68 9.83 -41.67
N ALA A 733 -16.85 9.81 -40.35
CA ALA A 733 -16.83 11.06 -39.59
C ALA A 733 -15.48 11.75 -39.71
N ILE A 734 -14.39 10.99 -39.60
CA ILE A 734 -13.06 11.59 -39.72
C ILE A 734 -12.87 12.16 -41.11
N GLN A 735 -13.29 11.42 -42.14
CA GLN A 735 -13.17 11.93 -43.50
C GLN A 735 -13.90 13.26 -43.65
N ALA A 736 -15.14 13.32 -43.17
CA ALA A 736 -15.94 14.53 -43.34
C ALA A 736 -15.48 15.67 -42.43
N ASN A 737 -14.71 15.37 -41.38
CA ASN A 737 -14.37 16.37 -40.38
C ASN A 737 -12.90 16.41 -40.00
N GLY A 738 -12.11 15.42 -40.40
CA GLY A 738 -10.70 15.42 -40.07
C GLY A 738 -10.43 14.97 -38.64
N GLU A 739 -9.16 15.13 -38.25
CA GLU A 739 -8.73 14.66 -36.95
C GLU A 739 -9.45 15.34 -35.81
N MET A 740 -9.85 16.61 -35.99
CA MET A 740 -10.43 17.36 -34.89
C MET A 740 -11.64 16.67 -34.30
N VAL A 741 -12.39 15.92 -35.11
CA VAL A 741 -13.63 15.32 -34.64
C VAL A 741 -13.39 14.29 -33.55
N THR A 742 -12.17 13.82 -33.37
CA THR A 742 -11.88 12.88 -32.29
C THR A 742 -12.22 13.48 -30.93
N LYS A 743 -12.30 14.81 -30.85
CA LYS A 743 -12.76 15.47 -29.63
C LYS A 743 -14.26 15.30 -29.42
N GLN A 744 -14.99 14.76 -30.38
CA GLN A 744 -16.41 14.57 -30.21
C GLN A 744 -16.66 13.42 -29.23
N PRO A 745 -17.48 13.61 -28.19
CA PRO A 745 -17.72 12.50 -27.26
C PRO A 745 -18.26 11.27 -27.93
N LEU A 746 -19.03 11.43 -29.01
CA LEU A 746 -19.51 10.27 -29.74
C LEU A 746 -18.35 9.47 -30.31
N ILE A 747 -17.36 10.17 -30.89
CA ILE A 747 -16.18 9.50 -31.41
C ILE A 747 -15.44 8.80 -30.28
N ARG A 748 -15.31 9.48 -29.14
CA ARG A 748 -14.71 8.84 -27.98
C ARG A 748 -15.42 7.55 -27.66
N SER A 749 -16.75 7.55 -27.74
CA SER A 749 -17.51 6.35 -27.37
C SER A 749 -17.29 5.22 -28.36
N MET A 750 -17.30 5.52 -29.67
CA MET A 750 -17.02 4.45 -30.62
C MET A 750 -15.62 3.89 -30.39
N ARG A 751 -14.63 4.76 -30.19
CA ARG A 751 -13.28 4.29 -29.97
C ARG A 751 -13.20 3.43 -28.72
N THR A 752 -13.94 3.81 -27.69
CA THR A 752 -14.07 2.97 -26.51
C THR A 752 -14.54 1.58 -26.91
N VAL A 753 -15.73 1.50 -27.48
CA VAL A 753 -16.33 0.24 -27.89
C VAL A 753 -15.28 -0.62 -28.60
N LYS A 754 -14.57 -0.02 -29.55
CA LYS A 754 -13.58 -0.77 -30.31
C LYS A 754 -12.49 -1.31 -29.40
N ARG A 755 -11.93 -0.45 -28.55
CA ARG A 755 -10.83 -0.87 -27.69
C ARG A 755 -11.27 -1.99 -26.77
N GLU A 756 -12.47 -1.89 -26.22
CA GLU A 756 -12.97 -2.93 -25.32
C GLU A 756 -13.24 -4.23 -26.06
N THR A 757 -13.76 -4.16 -27.28
CA THR A 757 -13.92 -5.36 -28.09
C THR A 757 -12.59 -6.07 -28.25
N LEU A 758 -11.57 -5.32 -28.67
CA LEU A 758 -10.25 -5.90 -28.86
C LEU A 758 -9.72 -6.46 -27.55
N LYS A 759 -9.94 -5.73 -26.45
CA LYS A 759 -9.47 -6.19 -25.16
C LYS A 759 -10.09 -7.53 -24.80
N LEU A 760 -11.39 -7.67 -25.01
CA LEU A 760 -12.05 -8.94 -24.71
C LEU A 760 -11.43 -10.07 -25.52
N ILE A 761 -11.30 -9.85 -26.84
CA ILE A 761 -10.79 -10.92 -27.69
C ILE A 761 -9.40 -11.34 -27.26
N SER A 762 -8.51 -10.35 -27.09
CA SER A 762 -7.14 -10.65 -26.71
C SER A 762 -7.07 -11.33 -25.35
N GLY A 763 -7.86 -10.84 -24.39
CA GLY A 763 -7.83 -11.45 -23.08
C GLY A 763 -8.24 -12.90 -23.12
N TRP A 764 -9.35 -13.21 -23.79
CA TRP A 764 -9.78 -14.60 -23.83
C TRP A 764 -8.73 -15.46 -24.53
N VAL A 765 -8.18 -14.98 -25.64
CA VAL A 765 -7.16 -15.77 -26.32
C VAL A 765 -6.00 -16.03 -25.38
N SER A 766 -5.62 -15.04 -24.59
CA SER A 766 -4.55 -15.23 -23.63
C SER A 766 -4.90 -16.33 -22.64
N ARG A 767 -6.14 -16.32 -22.14
CA ARG A 767 -6.55 -17.32 -21.17
C ARG A 767 -6.81 -18.68 -21.80
N SER A 768 -7.11 -18.72 -23.10
CA SER A 768 -7.48 -19.97 -23.74
C SER A 768 -6.30 -20.95 -23.73
N ASN A 769 -6.62 -22.24 -23.82
CA ASN A 769 -5.60 -23.28 -23.79
C ASN A 769 -5.91 -24.40 -24.78
N ASP A 770 -6.62 -24.09 -25.86
CA ASP A 770 -6.89 -25.04 -26.94
C ASP A 770 -6.55 -24.34 -28.26
N PRO A 771 -5.26 -24.18 -28.57
CA PRO A 771 -4.89 -23.32 -29.70
C PRO A 771 -5.53 -23.73 -31.02
N GLN A 772 -5.63 -25.03 -31.28
CA GLN A 772 -6.20 -25.47 -32.55
C GLN A 772 -7.65 -25.02 -32.68
N MET A 773 -8.43 -25.20 -31.61
CA MET A 773 -9.83 -24.78 -31.65
C MET A 773 -9.95 -23.29 -31.85
N VAL A 774 -9.14 -22.51 -31.15
CA VAL A 774 -9.18 -21.06 -31.31
C VAL A 774 -8.89 -20.69 -32.75
N ALA A 775 -7.80 -21.24 -33.30
CA ALA A 775 -7.39 -20.89 -34.65
C ALA A 775 -8.47 -21.25 -35.66
N GLU A 776 -9.08 -22.42 -35.51
CA GLU A 776 -10.04 -22.88 -36.50
C GLU A 776 -11.43 -22.30 -36.32
N ASN A 777 -11.72 -21.67 -35.18
CA ASN A 777 -13.07 -21.16 -34.92
C ASN A 777 -13.13 -19.64 -34.84
N PHE A 778 -12.32 -19.02 -33.99
CA PHE A 778 -12.48 -17.60 -33.69
C PHE A 778 -11.57 -16.71 -34.51
N VAL A 779 -10.43 -17.21 -34.95
CA VAL A 779 -9.43 -16.39 -35.63
C VAL A 779 -9.96 -15.85 -36.96
N PRO A 780 -10.46 -16.70 -37.86
CA PRO A 780 -10.74 -16.24 -39.23
C PRO A 780 -11.67 -15.05 -39.26
N PRO A 781 -12.70 -15.03 -38.40
CA PRO A 781 -13.58 -13.85 -38.38
C PRO A 781 -12.84 -12.54 -38.14
N LEU A 782 -11.80 -12.55 -37.30
CA LEU A 782 -10.99 -11.34 -37.17
C LEU A 782 -10.37 -10.95 -38.50
N LEU A 783 -9.68 -11.89 -39.15
CA LEU A 783 -9.05 -11.56 -40.41
C LEU A 783 -10.07 -11.03 -41.40
N ASP A 784 -11.32 -11.46 -41.27
CA ASP A 784 -12.36 -11.00 -42.18
C ASP A 784 -12.79 -9.58 -41.87
N ALA A 785 -13.12 -9.30 -40.61
CA ALA A 785 -13.85 -8.09 -40.26
C ALA A 785 -13.02 -7.06 -39.51
N VAL A 786 -11.72 -7.26 -39.34
CA VAL A 786 -10.87 -6.37 -38.56
C VAL A 786 -9.67 -5.89 -39.38
N LEU A 787 -8.94 -6.82 -40.00
CA LEU A 787 -7.72 -6.43 -40.70
C LEU A 787 -8.02 -5.60 -41.94
N ILE A 788 -8.94 -6.05 -42.78
CA ILE A 788 -9.28 -5.28 -43.96
C ILE A 788 -9.89 -3.95 -43.55
N ASP A 789 -10.67 -3.95 -42.47
CA ASP A 789 -11.16 -2.71 -41.88
C ASP A 789 -9.99 -1.78 -41.57
N TYR A 790 -8.99 -2.29 -40.85
CA TYR A 790 -7.85 -1.48 -40.47
C TYR A 790 -7.17 -0.89 -41.70
N GLN A 791 -6.95 -1.72 -42.71
CA GLN A 791 -6.30 -1.25 -43.93
C GLN A 791 -7.12 -0.17 -44.61
N ARG A 792 -8.45 -0.30 -44.59
CA ARG A 792 -9.31 0.63 -45.29
C ARG A 792 -9.41 1.97 -44.57
N ASN A 793 -9.31 1.97 -43.24
CA ASN A 793 -9.56 3.19 -42.49
C ASN A 793 -8.52 4.25 -42.80
N VAL A 794 -8.94 5.51 -42.64
CA VAL A 794 -7.98 6.61 -42.76
C VAL A 794 -6.90 6.44 -41.71
N PRO A 795 -5.63 6.77 -42.00
CA PRO A 795 -4.58 6.47 -41.02
C PRO A 795 -4.84 7.04 -39.64
N ALA A 796 -5.41 8.23 -39.56
CA ALA A 796 -5.60 8.87 -38.25
C ALA A 796 -6.46 8.01 -37.34
N ALA A 797 -7.56 7.46 -37.86
CA ALA A 797 -8.50 6.71 -37.05
C ALA A 797 -8.13 5.25 -36.90
N ARG A 798 -7.06 4.79 -37.55
CA ARG A 798 -6.68 3.39 -37.43
C ARG A 798 -6.39 3.05 -35.97
N GLU A 799 -6.89 1.91 -35.52
CA GLU A 799 -6.84 1.58 -34.11
C GLU A 799 -5.54 0.86 -33.77
N PRO A 800 -4.64 1.48 -33.02
CA PRO A 800 -3.37 0.80 -32.71
C PRO A 800 -3.53 -0.49 -31.95
N GLU A 801 -4.55 -0.62 -31.12
CA GLU A 801 -4.72 -1.84 -30.34
C GLU A 801 -4.94 -3.05 -31.25
N VAL A 802 -5.34 -2.83 -32.50
CA VAL A 802 -5.58 -3.93 -33.41
C VAL A 802 -4.36 -4.83 -33.49
N LEU A 803 -3.18 -4.23 -33.58
CA LEU A 803 -1.95 -5.00 -33.71
C LEU A 803 -1.70 -5.85 -32.47
N SER A 804 -1.98 -5.30 -31.29
CA SER A 804 -1.69 -6.01 -30.06
C SER A 804 -2.48 -7.31 -29.96
N THR A 805 -3.73 -7.30 -30.42
CA THR A 805 -4.54 -8.50 -30.36
C THR A 805 -3.89 -9.64 -31.15
N MET A 806 -3.52 -9.36 -32.40
CA MET A 806 -2.87 -10.38 -33.21
C MET A 806 -1.53 -10.76 -32.60
N ALA A 807 -0.83 -9.81 -32.01
CA ALA A 807 0.44 -10.13 -31.35
C ALA A 807 0.22 -11.19 -30.28
N ILE A 808 -0.77 -10.97 -29.41
CA ILE A 808 -1.02 -11.92 -28.34
C ILE A 808 -1.53 -13.24 -28.90
N ILE A 809 -2.37 -13.18 -29.93
CA ILE A 809 -2.88 -14.40 -30.54
C ILE A 809 -1.73 -15.24 -31.06
N VAL A 810 -0.77 -14.62 -31.74
CA VAL A 810 0.39 -15.34 -32.23
C VAL A 810 1.21 -15.87 -31.08
N ASN A 811 1.44 -15.03 -30.06
CA ASN A 811 2.23 -15.47 -28.91
C ASN A 811 1.66 -16.74 -28.31
N LYS A 812 0.33 -16.83 -28.25
CA LYS A 812 -0.29 -17.99 -27.61
C LYS A 812 -0.38 -19.19 -28.56
N LEU A 813 -0.74 -18.96 -29.82
CA LEU A 813 -1.03 -20.07 -30.72
C LEU A 813 0.24 -20.75 -31.20
N GLY A 814 1.37 -20.07 -31.14
CA GLY A 814 2.58 -20.65 -31.69
C GLY A 814 2.44 -20.89 -33.18
N GLY A 815 2.79 -22.10 -33.62
CA GLY A 815 2.79 -22.41 -35.03
C GLY A 815 1.41 -22.58 -35.64
N HIS A 816 0.40 -22.89 -34.82
CA HIS A 816 -0.91 -23.23 -35.36
C HIS A 816 -1.48 -22.12 -36.24
N ILE A 817 -1.05 -20.87 -36.01
CA ILE A 817 -1.53 -19.75 -36.79
C ILE A 817 -0.59 -19.41 -37.95
N THR A 818 0.45 -20.21 -38.16
CA THR A 818 1.46 -19.86 -39.16
C THR A 818 0.82 -19.64 -40.53
N ALA A 819 -0.11 -20.51 -40.92
CA ALA A 819 -0.62 -20.48 -42.29
C ALA A 819 -1.18 -19.11 -42.66
N GLU A 820 -1.77 -18.40 -41.72
CA GLU A 820 -2.44 -17.14 -42.00
C GLU A 820 -1.52 -15.94 -41.86
N ILE A 821 -0.27 -16.15 -41.45
CA ILE A 821 0.65 -15.03 -41.30
C ILE A 821 0.76 -14.21 -42.58
N PRO A 822 0.90 -14.81 -43.76
CA PRO A 822 0.99 -13.99 -44.98
C PRO A 822 -0.24 -13.11 -45.17
N GLN A 823 -1.42 -13.64 -44.87
CA GLN A 823 -2.64 -12.84 -45.00
C GLN A 823 -2.62 -11.68 -44.02
N ILE A 824 -2.29 -11.96 -42.76
CA ILE A 824 -2.23 -10.90 -41.76
C ILE A 824 -1.29 -9.80 -42.21
N PHE A 825 -0.12 -10.20 -42.71
CA PHE A 825 0.88 -9.21 -43.10
C PHE A 825 0.41 -8.41 -44.31
N ASP A 826 -0.04 -9.08 -45.36
CA ASP A 826 -0.55 -8.34 -46.51
C ASP A 826 -1.63 -7.38 -46.09
N ALA A 827 -2.38 -7.71 -45.04
CA ALA A 827 -3.44 -6.82 -44.58
C ALA A 827 -2.90 -5.60 -43.85
N VAL A 828 -1.93 -5.77 -42.95
CA VAL A 828 -1.63 -4.72 -41.99
C VAL A 828 -0.22 -4.14 -42.13
N PHE A 829 0.73 -4.97 -42.57
CA PHE A 829 2.14 -4.61 -42.53
C PHE A 829 2.43 -3.41 -43.43
N GLU A 830 2.03 -3.48 -44.69
CA GLU A 830 2.37 -2.42 -45.62
C GLU A 830 1.78 -1.09 -45.19
N CYS A 831 0.52 -1.09 -44.73
CA CYS A 831 -0.10 0.16 -44.32
C CYS A 831 0.44 0.68 -43.01
N THR A 832 0.97 -0.20 -42.14
CA THR A 832 1.51 0.27 -40.88
C THR A 832 2.81 1.03 -41.06
N LEU A 833 3.72 0.49 -41.88
CA LEU A 833 5.04 1.10 -42.01
C LEU A 833 4.95 2.51 -42.55
N ASN A 834 4.07 2.74 -43.53
CA ASN A 834 3.94 4.08 -44.09
C ASN A 834 3.56 5.09 -43.03
N MET A 835 2.99 4.64 -41.91
CA MET A 835 2.69 5.55 -40.82
C MET A 835 3.96 5.91 -40.05
N ILE A 836 4.86 4.95 -39.85
CA ILE A 836 5.99 5.11 -38.95
C ILE A 836 7.33 5.15 -39.67
N ASN A 837 7.35 5.43 -40.97
CA ASN A 837 8.60 5.58 -41.69
C ASN A 837 8.91 7.02 -42.06
N LYS A 838 7.89 7.88 -42.15
CA LYS A 838 8.12 9.26 -42.57
C LYS A 838 8.97 10.01 -41.55
N ASP A 839 8.74 9.76 -40.27
CA ASP A 839 9.48 10.46 -39.22
C ASP A 839 9.60 9.56 -38.00
N PHE A 840 10.51 9.94 -37.10
CA PHE A 840 10.78 9.12 -35.93
C PHE A 840 9.75 9.27 -34.84
N GLU A 841 8.90 10.30 -34.90
CA GLU A 841 8.10 10.71 -33.75
C GLU A 841 6.65 10.21 -33.79
N GLU A 842 5.91 10.54 -34.84
CA GLU A 842 4.46 10.41 -34.80
C GLU A 842 4.03 8.95 -34.67
N TYR A 843 2.85 8.76 -34.06
CA TYR A 843 2.25 7.45 -33.89
C TYR A 843 3.17 6.52 -33.10
N PRO A 844 3.49 6.87 -31.86
CA PRO A 844 4.40 5.99 -31.09
C PRO A 844 3.77 4.68 -30.68
N GLU A 845 2.53 4.73 -30.19
CA GLU A 845 1.83 3.49 -29.83
C GLU A 845 1.77 2.54 -31.03
N HIS A 846 1.57 3.09 -32.23
CA HIS A 846 1.58 2.25 -33.41
C HIS A 846 2.93 1.56 -33.56
N ARG A 847 4.02 2.31 -33.36
CA ARG A 847 5.34 1.72 -33.45
C ARG A 847 5.51 0.58 -32.45
N THR A 848 5.15 0.84 -31.19
CA THR A 848 5.34 -0.17 -30.16
C THR A 848 4.54 -1.42 -30.47
N ASN A 849 3.26 -1.25 -30.79
CA ASN A 849 2.42 -2.41 -31.07
C ASN A 849 2.92 -3.16 -32.30
N PHE A 850 3.27 -2.43 -33.35
CA PHE A 850 3.71 -3.08 -34.57
C PHE A 850 4.97 -3.89 -34.33
N PHE A 851 5.92 -3.34 -33.60
CA PHE A 851 7.16 -4.08 -33.39
C PHE A 851 6.97 -5.21 -32.41
N LEU A 852 6.01 -5.11 -31.49
CA LEU A 852 5.65 -6.26 -30.68
C LEU A 852 5.09 -7.37 -31.56
N LEU A 853 4.22 -7.01 -32.50
CA LEU A 853 3.68 -8.01 -33.43
C LEU A 853 4.80 -8.64 -34.24
N LEU A 854 5.71 -7.81 -34.73
CA LEU A 854 6.82 -8.32 -35.55
C LEU A 854 7.70 -9.25 -34.74
N GLN A 855 7.98 -8.89 -33.48
CA GLN A 855 8.78 -9.76 -32.63
C GLN A 855 8.08 -11.09 -32.40
N ALA A 856 6.76 -11.05 -32.15
CA ALA A 856 6.02 -12.30 -31.96
C ALA A 856 6.12 -13.18 -33.20
N VAL A 857 5.90 -12.58 -34.37
CA VAL A 857 5.95 -13.33 -35.61
C VAL A 857 7.33 -13.96 -35.78
N ASN A 858 8.38 -13.17 -35.56
CA ASN A 858 9.73 -13.66 -35.75
C ASN A 858 10.07 -14.77 -34.76
N SER A 859 9.64 -14.63 -33.51
CA SER A 859 10.02 -15.59 -32.50
C SER A 859 9.26 -16.90 -32.62
N HIS A 860 8.00 -16.85 -33.06
CA HIS A 860 7.17 -18.05 -33.13
C HIS A 860 6.82 -18.47 -34.54
N CYS A 861 6.64 -17.53 -35.47
CA CYS A 861 6.19 -17.84 -36.82
C CYS A 861 7.26 -17.49 -37.84
N PHE A 862 8.51 -17.83 -37.54
CA PHE A 862 9.60 -17.51 -38.46
C PHE A 862 9.40 -18.14 -39.84
N PRO A 863 9.01 -19.41 -39.97
CA PRO A 863 8.83 -19.97 -41.32
C PRO A 863 7.95 -19.11 -42.21
N ALA A 864 7.06 -18.30 -41.62
CA ALA A 864 6.25 -17.42 -42.44
C ALA A 864 7.13 -16.45 -43.23
N PHE A 865 8.17 -15.93 -42.59
CA PHE A 865 9.07 -15.00 -43.28
C PHE A 865 9.75 -15.68 -44.46
N LEU A 866 10.14 -16.95 -44.30
CA LEU A 866 10.76 -17.66 -45.41
C LEU A 866 9.81 -17.77 -46.60
N ALA A 867 8.52 -17.99 -46.33
CA ALA A 867 7.56 -18.23 -47.39
C ALA A 867 7.21 -16.95 -48.15
N ILE A 868 7.13 -15.83 -47.45
CA ILE A 868 6.66 -14.59 -48.08
C ILE A 868 7.65 -14.15 -49.14
N PRO A 869 7.25 -13.29 -50.08
CA PRO A 869 8.14 -12.94 -51.17
C PRO A 869 9.39 -12.27 -50.63
N PRO A 870 10.53 -12.44 -51.33
CA PRO A 870 11.76 -11.78 -50.86
C PRO A 870 11.62 -10.28 -50.71
N THR A 871 10.79 -9.63 -51.52
CA THR A 871 10.57 -8.20 -51.35
C THR A 871 9.96 -7.90 -49.99
N GLN A 872 9.00 -8.72 -49.56
CA GLN A 872 8.41 -8.52 -48.25
C GLN A 872 9.46 -8.71 -47.15
N PHE A 873 10.32 -9.71 -47.29
CA PHE A 873 11.37 -9.91 -46.30
C PHE A 873 12.32 -8.71 -46.27
N LYS A 874 12.65 -8.17 -47.44
CA LYS A 874 13.50 -6.99 -47.51
C LYS A 874 12.85 -5.82 -46.78
N LEU A 875 11.55 -5.63 -47.01
CA LEU A 875 10.85 -4.56 -46.32
C LEU A 875 10.84 -4.79 -44.82
N VAL A 876 10.72 -6.05 -44.39
CA VAL A 876 10.76 -6.36 -42.96
C VAL A 876 12.11 -6.00 -42.38
N LEU A 877 13.20 -6.35 -43.07
CA LEU A 877 14.52 -6.00 -42.56
C LEU A 877 14.71 -4.49 -42.50
N ASP A 878 14.23 -3.78 -43.52
CA ASP A 878 14.28 -2.33 -43.47
C ASP A 878 13.51 -1.80 -42.28
N SER A 879 12.36 -2.41 -41.97
CA SER A 879 11.58 -1.98 -40.82
C SER A 879 12.33 -2.22 -39.52
N ILE A 880 13.02 -3.36 -39.41
CA ILE A 880 13.77 -3.64 -38.19
C ILE A 880 14.88 -2.62 -38.01
N ILE A 881 15.56 -2.27 -39.10
CA ILE A 881 16.63 -1.27 -39.01
C ILE A 881 16.05 0.06 -38.60
N TRP A 882 15.00 0.50 -39.27
CA TRP A 882 14.30 1.71 -38.88
C TRP A 882 13.90 1.67 -37.42
N ALA A 883 13.58 0.47 -36.92
CA ALA A 883 13.21 0.32 -35.53
C ALA A 883 14.38 0.65 -34.61
N PHE A 884 15.48 -0.09 -34.74
CA PHE A 884 16.59 0.14 -33.82
C PHE A 884 17.35 1.42 -34.14
N LYS A 885 16.90 2.21 -35.11
CA LYS A 885 17.42 3.55 -35.32
C LYS A 885 16.57 4.63 -34.66
N HIS A 886 15.57 4.26 -33.85
CA HIS A 886 14.71 5.25 -33.21
C HIS A 886 15.35 5.83 -31.96
N THR A 887 14.74 6.93 -31.49
CA THR A 887 15.20 7.61 -30.29
C THR A 887 14.65 6.95 -29.03
N MET A 888 13.35 6.66 -29.00
CA MET A 888 12.75 6.05 -27.82
C MET A 888 13.45 4.74 -27.50
N ARG A 889 13.87 4.59 -26.25
CA ARG A 889 14.70 3.44 -25.90
C ARG A 889 13.94 2.13 -26.01
N ASN A 890 12.64 2.14 -25.70
CA ASN A 890 11.85 0.91 -25.81
C ASN A 890 11.81 0.43 -27.25
N VAL A 891 11.53 1.34 -28.19
CA VAL A 891 11.49 0.96 -29.59
C VAL A 891 12.84 0.41 -30.04
N ALA A 892 13.92 1.08 -29.66
CA ALA A 892 15.24 0.63 -30.07
C ALA A 892 15.55 -0.75 -29.50
N ASP A 893 15.23 -0.97 -28.23
CA ASP A 893 15.51 -2.28 -27.64
C ASP A 893 14.68 -3.37 -28.31
N THR A 894 13.41 -3.07 -28.62
CA THR A 894 12.59 -4.04 -29.33
C THR A 894 13.20 -4.35 -30.70
N GLY A 895 13.64 -3.32 -31.41
CA GLY A 895 14.26 -3.56 -32.71
C GLY A 895 15.49 -4.43 -32.61
N LEU A 896 16.34 -4.15 -31.64
CA LEU A 896 17.56 -4.93 -31.49
C LEU A 896 17.24 -6.37 -31.10
N GLN A 897 16.27 -6.57 -30.21
CA GLN A 897 15.88 -7.92 -29.85
C GLN A 897 15.32 -8.68 -31.04
N ILE A 898 14.49 -8.02 -31.84
CA ILE A 898 13.96 -8.65 -33.04
C ILE A 898 15.10 -9.07 -33.96
N LEU A 899 16.06 -8.16 -34.16
CA LEU A 899 17.17 -8.48 -35.05
C LEU A 899 17.97 -9.66 -34.53
N PHE A 900 18.24 -9.67 -33.22
CA PHE A 900 19.04 -10.75 -32.65
C PHE A 900 18.31 -12.08 -32.78
N THR A 901 17.00 -12.10 -32.51
CA THR A 901 16.24 -13.33 -32.67
C THR A 901 16.22 -13.77 -34.13
N LEU A 902 16.07 -12.82 -35.05
CA LEU A 902 16.08 -13.15 -36.46
C LEU A 902 17.39 -13.81 -36.85
N LEU A 903 18.51 -13.22 -36.43
CA LEU A 903 19.80 -13.81 -36.73
C LEU A 903 19.90 -15.21 -36.13
N GLN A 904 19.44 -15.38 -34.90
CA GLN A 904 19.50 -16.70 -34.26
C GLN A 904 18.72 -17.72 -35.07
N ASN A 905 17.52 -17.37 -35.50
CA ASN A 905 16.69 -18.32 -36.22
C ASN A 905 17.32 -18.70 -37.55
N VAL A 906 17.85 -17.72 -38.27
CA VAL A 906 18.39 -17.98 -39.60
C VAL A 906 19.51 -19.01 -39.55
N ALA A 907 20.14 -19.19 -38.39
CA ALA A 907 21.21 -20.16 -38.28
C ALA A 907 20.72 -21.58 -38.57
N GLN A 908 19.42 -21.82 -38.49
CA GLN A 908 18.87 -23.15 -38.77
C GLN A 908 18.43 -23.29 -40.22
N GLU A 909 17.85 -22.23 -40.80
CA GLU A 909 17.43 -22.28 -42.19
C GLU A 909 18.65 -22.22 -43.10
N GLU A 910 19.50 -23.26 -43.04
CA GLU A 910 20.74 -23.24 -43.80
C GLU A 910 20.50 -23.00 -45.28
N ALA A 911 19.36 -23.48 -45.81
CA ALA A 911 19.09 -23.33 -47.23
C ALA A 911 19.11 -21.87 -47.65
N ALA A 912 18.35 -21.03 -46.96
CA ALA A 912 18.30 -19.61 -47.26
C ALA A 912 19.26 -18.79 -46.40
N ALA A 913 19.96 -19.43 -45.46
CA ALA A 913 20.86 -18.69 -44.58
C ALA A 913 21.96 -18.01 -45.38
N GLN A 914 22.57 -18.74 -46.33
CA GLN A 914 23.65 -18.16 -47.11
C GLN A 914 23.15 -16.99 -47.96
N SER A 915 21.98 -17.15 -48.58
CA SER A 915 21.44 -16.06 -49.37
C SER A 915 21.17 -14.84 -48.51
N PHE A 916 20.59 -15.05 -47.33
CA PHE A 916 20.34 -13.93 -46.43
C PHE A 916 21.63 -13.25 -46.02
N TYR A 917 22.66 -14.02 -45.69
CA TYR A 917 23.95 -13.43 -45.39
C TYR A 917 24.41 -12.57 -46.55
N GLN A 918 24.56 -13.18 -47.73
CA GLN A 918 25.08 -12.45 -48.87
C GLN A 918 24.30 -11.18 -49.12
N THR A 919 22.99 -11.21 -48.85
CA THR A 919 22.15 -10.08 -49.22
C THR A 919 22.13 -8.98 -48.17
N TYR A 920 22.33 -9.31 -46.89
CA TYR A 920 22.07 -8.33 -45.84
C TYR A 920 23.16 -8.22 -44.78
N PHE A 921 24.12 -9.12 -44.69
CA PHE A 921 25.03 -9.13 -43.57
C PHE A 921 25.86 -7.85 -43.50
N CYS A 922 26.42 -7.45 -44.63
CA CYS A 922 27.26 -6.25 -44.65
C CYS A 922 26.43 -5.01 -44.30
N ASP A 923 25.24 -4.91 -44.85
CA ASP A 923 24.39 -3.76 -44.54
C ASP A 923 24.03 -3.71 -43.07
N ILE A 924 23.71 -4.87 -42.49
CA ILE A 924 23.36 -4.91 -41.08
C ILE A 924 24.55 -4.49 -40.23
N LEU A 925 25.74 -5.00 -40.55
CA LEU A 925 26.92 -4.65 -39.78
C LEU A 925 27.18 -3.15 -39.87
N GLN A 926 27.04 -2.60 -41.08
CA GLN A 926 27.20 -1.17 -41.27
C GLN A 926 26.23 -0.40 -40.40
N HIS A 927 24.97 -0.84 -40.36
CA HIS A 927 23.97 -0.12 -39.58
C HIS A 927 24.26 -0.20 -38.08
N ILE A 928 24.69 -1.36 -37.61
CA ILE A 928 25.03 -1.51 -36.19
C ILE A 928 26.16 -0.57 -35.83
N PHE A 929 27.20 -0.51 -36.67
CA PHE A 929 28.30 0.39 -36.37
C PHE A 929 27.84 1.85 -36.43
N SER A 930 26.96 2.17 -37.38
CA SER A 930 26.43 3.52 -37.46
C SER A 930 25.73 3.90 -36.17
N VAL A 931 24.91 3.00 -35.65
CA VAL A 931 24.18 3.31 -34.41
C VAL A 931 25.14 3.42 -33.24
N VAL A 932 26.08 2.49 -33.14
CA VAL A 932 27.00 2.48 -32.00
C VAL A 932 27.82 3.75 -31.97
N THR A 933 28.32 4.18 -33.13
CA THR A 933 29.15 5.37 -33.21
C THR A 933 28.35 6.66 -33.05
N ASP A 934 27.09 6.59 -32.66
CA ASP A 934 26.26 7.76 -32.42
C ASP A 934 25.97 7.88 -30.93
N THR A 935 25.86 9.13 -30.47
CA THR A 935 25.70 9.40 -29.05
C THR A 935 24.30 9.10 -28.54
N SER A 936 23.28 9.27 -29.38
CA SER A 936 21.90 9.16 -28.95
C SER A 936 21.43 7.72 -28.80
N HIS A 937 22.34 6.74 -28.78
CA HIS A 937 21.92 5.35 -28.67
C HIS A 937 22.84 4.54 -27.75
N THR A 938 23.54 5.18 -26.82
CA THR A 938 24.37 4.44 -25.89
C THR A 938 23.56 3.54 -24.98
N ALA A 939 22.24 3.74 -24.90
CA ALA A 939 21.42 2.93 -24.02
C ALA A 939 21.48 1.46 -24.41
N GLY A 940 21.40 1.16 -25.70
CA GLY A 940 21.43 -0.21 -26.16
C GLY A 940 22.84 -0.71 -26.41
N LEU A 941 23.79 -0.27 -25.58
CA LEU A 941 25.17 -0.70 -25.77
C LEU A 941 25.30 -2.21 -25.59
N THR A 942 24.65 -2.77 -24.59
CA THR A 942 24.77 -4.20 -24.34
C THR A 942 24.23 -5.01 -25.51
N MET A 943 23.08 -4.59 -26.04
CA MET A 943 22.51 -5.32 -27.18
C MET A 943 23.41 -5.20 -28.40
N HIS A 944 23.98 -4.01 -28.63
CA HIS A 944 24.91 -3.85 -29.74
C HIS A 944 26.09 -4.79 -29.58
N ALA A 945 26.64 -4.87 -28.37
CA ALA A 945 27.76 -5.76 -28.13
C ALA A 945 27.37 -7.20 -28.41
N SER A 946 26.19 -7.62 -27.94
CA SER A 946 25.77 -9.00 -28.15
C SER A 946 25.63 -9.29 -29.63
N ILE A 947 24.98 -8.39 -30.37
CA ILE A 947 24.77 -8.63 -31.80
C ILE A 947 26.10 -8.72 -32.53
N LEU A 948 27.00 -7.78 -32.26
CA LEU A 948 28.27 -7.77 -32.95
C LEU A 948 29.09 -9.01 -32.60
N ALA A 949 29.07 -9.41 -31.33
CA ALA A 949 29.78 -10.63 -30.95
C ALA A 949 29.22 -11.83 -31.69
N TYR A 950 27.90 -11.93 -31.81
CA TYR A 950 27.32 -13.05 -32.53
C TYR A 950 27.74 -13.03 -34.00
N MET A 951 27.70 -11.84 -34.63
CA MET A 951 28.06 -11.76 -36.03
C MET A 951 29.51 -12.19 -36.24
N PHE A 952 30.41 -11.72 -35.38
CA PHE A 952 31.82 -12.08 -35.55
C PHE A 952 32.09 -13.52 -35.16
N ASN A 953 31.30 -14.11 -34.27
CA ASN A 953 31.41 -15.55 -34.05
C ASN A 953 31.02 -16.31 -35.31
N LEU A 954 29.92 -15.90 -35.95
CA LEU A 954 29.57 -16.51 -37.23
C LEU A 954 30.70 -16.40 -38.23
N VAL A 955 31.31 -15.22 -38.32
CA VAL A 955 32.40 -15.02 -39.27
C VAL A 955 33.57 -15.94 -38.94
N GLU A 956 34.15 -15.78 -37.76
CA GLU A 956 35.39 -16.47 -37.45
C GLU A 956 35.20 -17.98 -37.41
N GLU A 957 34.13 -18.46 -36.77
CA GLU A 957 33.96 -19.90 -36.61
C GLU A 957 33.87 -20.63 -37.95
N GLY A 958 33.55 -19.90 -39.02
CA GLY A 958 33.52 -20.49 -40.34
C GLY A 958 32.12 -20.68 -40.88
N LYS A 959 31.83 -20.03 -42.00
CA LYS A 959 30.60 -20.27 -42.75
C LYS A 959 30.98 -20.45 -44.21
N ILE A 960 30.18 -21.24 -44.93
CA ILE A 960 30.61 -21.81 -46.19
C ILE A 960 30.88 -20.73 -47.22
N SER A 961 29.95 -19.79 -47.40
CA SER A 961 30.00 -18.90 -48.54
C SER A 961 31.02 -17.77 -48.30
N THR A 962 31.26 -17.01 -49.35
CA THR A 962 32.15 -15.84 -49.30
C THR A 962 31.34 -14.59 -49.64
N SER A 963 31.51 -13.55 -48.82
CA SER A 963 30.65 -12.37 -48.91
C SER A 963 30.92 -11.51 -50.14
N LEU A 964 32.00 -11.76 -50.87
CA LEU A 964 32.35 -10.96 -52.03
C LEU A 964 32.84 -11.89 -53.14
N ASN A 965 32.14 -11.88 -54.27
CA ASN A 965 32.50 -12.79 -55.36
C ASN A 965 33.89 -12.55 -55.91
N PRO A 966 34.30 -11.31 -56.24
CA PRO A 966 35.67 -11.12 -56.72
C PRO A 966 36.72 -11.66 -55.78
N GLY A 967 36.52 -11.51 -54.47
CA GLY A 967 37.43 -12.06 -53.49
C GLY A 967 36.94 -13.37 -52.94
N ASN A 968 36.38 -14.22 -53.81
CA ASN A 968 35.87 -15.51 -53.37
C ASN A 968 36.89 -16.31 -52.57
N PRO A 969 38.13 -16.49 -53.02
CA PRO A 969 39.11 -17.18 -52.17
C PRO A 969 39.45 -16.40 -50.91
N VAL A 970 39.21 -15.10 -50.89
CA VAL A 970 39.54 -14.30 -49.70
C VAL A 970 38.64 -14.74 -48.56
N ASN A 971 39.25 -15.24 -47.49
CA ASN A 971 38.48 -15.61 -46.32
C ASN A 971 37.74 -14.39 -45.78
N ASN A 972 36.47 -14.58 -45.42
CA ASN A 972 35.70 -13.48 -44.88
C ASN A 972 36.40 -12.85 -43.67
N GLN A 973 37.16 -13.64 -42.92
CA GLN A 973 37.83 -13.11 -41.74
C GLN A 973 38.77 -11.96 -42.07
N ILE A 974 39.21 -11.86 -43.33
CA ILE A 974 40.07 -10.77 -43.76
C ILE A 974 39.29 -9.70 -44.49
N PHE A 975 38.39 -10.09 -45.39
CA PHE A 975 37.62 -9.12 -46.13
C PHE A 975 36.79 -8.25 -45.20
N LEU A 976 36.15 -8.86 -44.21
CA LEU A 976 35.35 -8.08 -43.27
C LEU A 976 36.22 -7.13 -42.47
N GLN A 977 37.40 -7.58 -42.04
CA GLN A 977 38.31 -6.68 -41.34
C GLN A 977 38.59 -5.45 -42.19
N GLU A 978 38.99 -5.67 -43.44
CA GLU A 978 39.29 -4.54 -44.32
C GLU A 978 38.06 -3.66 -44.52
N TYR A 979 36.91 -4.28 -44.74
CA TYR A 979 35.70 -3.53 -45.02
C TYR A 979 35.31 -2.65 -43.84
N VAL A 980 35.36 -3.20 -42.63
CA VAL A 980 34.98 -2.43 -41.45
C VAL A 980 35.99 -1.34 -41.19
N ALA A 981 37.28 -1.62 -41.40
CA ALA A 981 38.28 -0.58 -41.23
C ALA A 981 38.02 0.57 -42.20
N ASN A 982 37.72 0.25 -43.45
CA ASN A 982 37.41 1.29 -44.43
C ASN A 982 36.17 2.07 -44.03
N LEU A 983 35.14 1.38 -43.55
CA LEU A 983 33.92 2.06 -43.14
C LEU A 983 34.20 3.03 -42.00
N LEU A 984 34.94 2.57 -40.99
CA LEU A 984 35.27 3.45 -39.87
C LEU A 984 36.07 4.64 -40.33
N LYS A 985 37.03 4.43 -41.23
CA LYS A 985 37.81 5.54 -41.74
C LYS A 985 36.93 6.54 -42.48
N SER A 986 36.02 6.05 -43.31
CA SER A 986 35.12 6.94 -44.02
C SER A 986 34.28 7.75 -43.05
N ALA A 987 33.77 7.10 -42.01
CA ALA A 987 32.96 7.81 -41.02
C ALA A 987 33.80 8.82 -40.25
N PHE A 988 35.00 8.42 -39.81
CA PHE A 988 35.83 9.22 -38.93
C PHE A 988 37.24 9.34 -39.51
N PRO A 989 37.45 10.29 -40.44
CA PRO A 989 38.78 10.37 -41.08
C PRO A 989 39.92 10.61 -40.10
N HIS A 990 39.70 11.39 -39.06
CA HIS A 990 40.81 11.81 -38.20
C HIS A 990 41.40 10.67 -37.39
N LEU A 991 40.75 9.52 -37.34
CA LEU A 991 41.33 8.38 -36.62
C LEU A 991 42.63 7.95 -37.27
N GLN A 992 43.61 7.61 -36.44
CA GLN A 992 44.87 7.07 -36.94
C GLN A 992 44.67 5.62 -37.35
N ASP A 993 45.33 5.23 -38.43
CA ASP A 993 45.17 3.88 -38.96
C ASP A 993 45.41 2.84 -37.87
N ALA A 994 46.36 3.11 -36.98
CA ALA A 994 46.61 2.19 -35.87
C ALA A 994 45.38 2.06 -34.99
N GLN A 995 44.69 3.17 -34.72
CA GLN A 995 43.47 3.11 -33.90
C GLN A 995 42.48 2.13 -34.51
N VAL A 996 42.15 2.31 -35.77
CA VAL A 996 41.11 1.51 -36.39
C VAL A 996 41.55 0.06 -36.50
N LYS A 997 42.81 -0.17 -36.86
CA LYS A 997 43.29 -1.55 -36.99
C LYS A 997 43.22 -2.26 -35.65
N LEU A 998 43.66 -1.60 -34.57
CA LEU A 998 43.57 -2.20 -33.25
C LEU A 998 42.13 -2.46 -32.85
N PHE A 999 41.23 -1.51 -33.13
CA PHE A 999 39.83 -1.69 -32.78
C PHE A 999 39.24 -2.91 -33.49
N VAL A 1000 39.49 -3.02 -34.79
CA VAL A 1000 38.95 -4.15 -35.54
C VAL A 1000 39.55 -5.46 -35.06
N THR A 1001 40.86 -5.49 -34.83
CA THR A 1001 41.48 -6.72 -34.35
C THR A 1001 40.89 -7.11 -33.00
N GLY A 1002 40.67 -6.14 -32.13
CA GLY A 1002 40.06 -6.43 -30.84
C GLY A 1002 38.66 -6.99 -30.98
N LEU A 1003 37.91 -6.51 -31.97
CA LEU A 1003 36.57 -7.06 -32.18
C LEU A 1003 36.62 -8.58 -32.25
N PHE A 1004 37.50 -9.12 -33.08
CA PHE A 1004 37.70 -10.58 -33.10
C PHE A 1004 38.26 -11.07 -31.78
N SER A 1005 39.22 -10.33 -31.22
CA SER A 1005 39.86 -10.78 -29.99
C SER A 1005 38.88 -10.81 -28.83
N LEU A 1006 38.01 -9.82 -28.75
CA LEU A 1006 37.04 -9.69 -27.66
C LEU A 1006 35.72 -10.36 -27.97
N ASN A 1007 35.73 -11.40 -28.80
CA ASN A 1007 34.49 -11.94 -29.35
C ASN A 1007 33.67 -12.66 -28.27
N GLN A 1008 34.31 -13.48 -27.45
CA GLN A 1008 33.59 -14.29 -26.48
C GLN A 1008 33.46 -13.61 -25.12
N ASP A 1009 34.25 -12.59 -24.84
CA ASP A 1009 34.18 -11.87 -23.56
C ASP A 1009 33.27 -10.66 -23.74
N ILE A 1010 31.97 -10.92 -23.60
CA ILE A 1010 30.97 -9.88 -23.91
C ILE A 1010 31.16 -8.63 -23.07
N PRO A 1011 31.44 -8.69 -21.75
CA PRO A 1011 31.71 -7.43 -21.05
C PRO A 1011 32.94 -6.72 -21.58
N ALA A 1012 34.00 -7.47 -21.89
CA ALA A 1012 35.18 -6.87 -22.48
C ALA A 1012 34.84 -6.26 -23.84
N PHE A 1013 34.01 -6.93 -24.63
CA PHE A 1013 33.60 -6.39 -25.91
C PHE A 1013 32.84 -5.07 -25.72
N LYS A 1014 31.94 -5.03 -24.73
CA LYS A 1014 31.16 -3.82 -24.51
C LYS A 1014 32.06 -2.66 -24.09
N GLU A 1015 32.98 -2.92 -23.16
CA GLU A 1015 33.87 -1.85 -22.74
C GLU A 1015 34.78 -1.40 -23.89
N HIS A 1016 35.18 -2.34 -24.75
CA HIS A 1016 35.98 -1.95 -25.92
C HIS A 1016 35.18 -1.06 -26.84
N LEU A 1017 33.90 -1.37 -27.05
CA LEU A 1017 33.05 -0.50 -27.85
C LEU A 1017 32.95 0.89 -27.23
N ARG A 1018 32.75 0.96 -25.91
CA ARG A 1018 32.67 2.27 -25.28
C ARG A 1018 33.99 3.02 -25.42
N ASP A 1019 35.11 2.32 -25.23
CA ASP A 1019 36.42 2.93 -25.39
C ASP A 1019 36.57 3.54 -26.78
N PHE A 1020 36.22 2.78 -27.81
CA PHE A 1020 36.29 3.34 -29.16
C PHE A 1020 35.37 4.54 -29.29
N LEU A 1021 34.19 4.48 -28.68
CA LEU A 1021 33.26 5.60 -28.71
C LEU A 1021 33.90 6.85 -28.09
N VAL A 1022 34.81 6.66 -27.13
CA VAL A 1022 35.49 7.80 -26.52
C VAL A 1022 36.42 8.45 -27.53
N GLN A 1023 37.23 7.66 -28.22
CA GLN A 1023 38.30 8.21 -29.05
C GLN A 1023 37.74 9.03 -30.20
N ILE A 1024 36.65 8.57 -30.82
CA ILE A 1024 36.14 9.23 -32.01
C ILE A 1024 35.78 10.69 -31.74
N LYS A 1025 35.56 11.07 -30.49
CA LYS A 1025 35.14 12.43 -30.17
C LYS A 1025 36.29 13.42 -30.15
N GLU A 1026 37.53 12.97 -30.21
CA GLU A 1026 38.70 13.84 -30.10
C GLU A 1026 39.54 13.76 -31.36
N PHE A 1027 40.17 14.88 -31.70
CA PHE A 1027 41.16 14.91 -32.77
C PHE A 1027 42.47 14.35 -32.22
N ALA A 1028 42.43 13.05 -31.90
CA ALA A 1028 43.55 12.38 -31.27
C ALA A 1028 44.84 12.65 -32.02
N GLY A 1029 45.98 12.50 -31.33
CA GLY A 1029 47.28 12.75 -31.92
C GLY A 1029 47.95 11.46 -32.39
N GLU A 1030 49.14 11.64 -32.96
CA GLU A 1030 49.95 10.52 -33.45
C GLU A 1030 50.72 9.95 -32.27
N ASP A 1031 50.03 9.11 -31.50
CA ASP A 1031 50.51 8.57 -30.23
C ASP A 1031 50.71 9.67 -29.19
N THR A 1032 50.12 10.84 -29.40
CA THR A 1032 50.30 11.99 -28.52
C THR A 1032 49.47 11.79 -27.25
N SER A 1033 49.92 10.82 -26.44
CA SER A 1033 49.32 10.54 -25.14
C SER A 1033 47.89 10.03 -25.26
N ASP A 1034 47.58 9.32 -26.33
CA ASP A 1034 46.23 8.81 -26.54
C ASP A 1034 46.19 7.32 -26.85
N LEU A 1035 47.14 6.80 -27.61
CA LEU A 1035 46.99 5.48 -28.19
C LEU A 1035 47.35 4.37 -27.21
N PHE A 1036 48.54 4.43 -26.62
CA PHE A 1036 49.02 3.35 -25.75
C PHE A 1036 48.96 2.02 -26.48
N LEU A 1037 49.46 2.02 -27.73
CA LEU A 1037 49.26 0.90 -28.62
C LEU A 1037 49.79 -0.40 -28.02
N GLU A 1038 51.00 -0.38 -27.47
CA GLU A 1038 51.56 -1.60 -26.91
C GLU A 1038 50.67 -2.15 -25.81
N GLU A 1039 50.13 -1.27 -24.96
CA GLU A 1039 49.23 -1.72 -23.91
C GLU A 1039 48.00 -2.39 -24.49
N ARG A 1040 47.40 -1.78 -25.52
CA ARG A 1040 46.22 -2.37 -26.14
C ARG A 1040 46.54 -3.70 -26.79
N GLU A 1041 47.69 -3.79 -27.47
CA GLU A 1041 48.09 -5.05 -28.10
C GLU A 1041 48.08 -6.19 -27.09
N ILE A 1042 48.70 -5.98 -25.92
CA ILE A 1042 48.74 -7.05 -24.92
C ILE A 1042 47.33 -7.38 -24.46
N ALA A 1043 46.48 -6.37 -24.25
CA ALA A 1043 45.13 -6.63 -23.80
C ALA A 1043 44.34 -7.42 -24.82
N LEU A 1044 44.48 -7.08 -26.10
CA LEU A 1044 43.70 -7.76 -27.12
C LEU A 1044 44.24 -9.15 -27.41
N ARG A 1045 45.57 -9.30 -27.45
CA ARG A 1045 46.14 -10.60 -27.79
C ARG A 1045 45.72 -11.67 -26.80
N GLN A 1046 45.75 -11.35 -25.50
CA GLN A 1046 45.27 -12.29 -24.51
C GLN A 1046 43.76 -12.47 -24.61
N ALA A 1047 43.04 -11.39 -24.93
CA ALA A 1047 41.61 -11.52 -25.18
C ALA A 1047 41.33 -12.43 -26.36
N ASP A 1048 42.14 -12.31 -27.42
CA ASP A 1048 42.05 -13.25 -28.53
C ASP A 1048 42.33 -14.67 -28.04
N GLU A 1049 43.33 -14.83 -27.18
CA GLU A 1049 43.57 -16.14 -26.58
C GLU A 1049 42.43 -16.52 -25.65
N GLU A 1050 41.86 -15.54 -24.93
CA GLU A 1050 40.77 -15.84 -24.01
C GLU A 1050 39.58 -16.43 -24.76
N LYS A 1051 39.11 -15.73 -25.80
CA LYS A 1051 37.99 -16.25 -26.58
C LYS A 1051 38.38 -17.51 -27.33
N HIS A 1052 39.67 -17.69 -27.62
CA HIS A 1052 40.14 -18.93 -28.23
C HIS A 1052 39.88 -20.13 -27.33
N LYS A 1053 40.14 -19.97 -26.04
CA LYS A 1053 39.93 -21.06 -25.08
C LYS A 1053 38.78 -20.72 -24.14
N VAL B 12 7.84 41.87 -6.31
CA VAL B 12 7.20 40.64 -5.89
C VAL B 12 8.18 39.47 -6.05
N PRO B 13 7.92 38.36 -5.37
CA PRO B 13 8.83 37.21 -5.46
C PRO B 13 8.95 36.71 -6.89
N THR B 14 10.16 36.27 -7.25
CA THR B 14 10.40 35.70 -8.56
C THR B 14 11.70 34.89 -8.50
N PHE B 15 11.73 33.79 -9.25
CA PHE B 15 12.91 32.95 -9.33
C PHE B 15 13.06 32.46 -10.77
N LYS B 16 13.98 31.53 -10.97
CA LYS B 16 14.10 30.81 -12.23
C LYS B 16 14.35 29.34 -11.92
N LEU B 17 14.06 28.50 -12.90
CA LEU B 17 14.14 27.06 -12.71
C LEU B 17 14.74 26.43 -13.95
N VAL B 18 15.70 25.52 -13.76
CA VAL B 18 16.38 24.84 -14.86
C VAL B 18 16.14 23.34 -14.71
N LEU B 19 15.75 22.70 -15.79
CA LEU B 19 15.49 21.27 -15.81
C LEU B 19 16.67 20.54 -16.44
N VAL B 20 17.12 19.47 -15.78
CA VAL B 20 18.22 18.65 -16.28
C VAL B 20 17.84 17.18 -16.13
N GLY B 21 18.49 16.35 -16.93
CA GLY B 21 18.20 14.93 -16.97
C GLY B 21 18.27 14.42 -18.39
N ASP B 22 18.94 13.30 -18.60
CA ASP B 22 19.12 12.79 -19.96
C ASP B 22 17.77 12.64 -20.64
N GLY B 23 17.81 12.62 -21.97
CA GLY B 23 16.58 12.53 -22.74
C GLY B 23 15.80 11.27 -22.44
N GLY B 24 14.54 11.29 -22.81
CA GLY B 24 13.67 10.15 -22.54
C GLY B 24 13.24 10.04 -21.10
N THR B 25 13.06 11.16 -20.41
CA THR B 25 12.64 11.13 -19.01
C THR B 25 11.57 12.16 -18.68
N GLY B 26 10.96 12.79 -19.68
CA GLY B 26 9.82 13.65 -19.43
C GLY B 26 10.13 15.06 -18.99
N LYS B 27 11.31 15.58 -19.33
CA LYS B 27 11.66 16.93 -18.89
C LYS B 27 10.71 17.97 -19.47
N THR B 28 10.41 17.89 -20.77
CA THR B 28 9.53 18.89 -21.37
C THR B 28 8.07 18.65 -21.01
N THR B 29 7.68 17.40 -20.78
CA THR B 29 6.30 17.10 -20.49
C THR B 29 5.85 17.72 -19.18
N PHE B 30 6.70 17.70 -18.15
CA PHE B 30 6.33 18.30 -16.87
C PHE B 30 5.95 19.76 -17.07
N VAL B 31 6.83 20.54 -17.70
CA VAL B 31 6.58 21.96 -17.85
C VAL B 31 5.37 22.19 -18.75
N LYS B 32 5.24 21.40 -19.82
CA LYS B 32 4.10 21.58 -20.71
C LYS B 32 2.79 21.32 -19.98
N ARG B 33 2.73 20.25 -19.18
CA ARG B 33 1.54 19.94 -18.43
C ARG B 33 1.22 21.05 -17.43
N HIS B 34 2.20 21.43 -16.62
CA HIS B 34 1.95 22.47 -15.63
C HIS B 34 1.54 23.77 -16.28
N LEU B 35 2.02 24.03 -17.50
CA LEU B 35 1.66 25.25 -18.20
C LEU B 35 0.23 25.20 -18.73
N THR B 36 -0.17 24.07 -19.33
CA THR B 36 -1.45 23.96 -20.00
C THR B 36 -2.30 22.78 -19.54
N GLY B 37 -1.71 21.77 -18.90
CA GLY B 37 -2.48 20.77 -18.18
C GLY B 37 -2.72 19.46 -18.92
N GLU B 38 -2.58 19.42 -20.24
CA GLU B 38 -2.88 18.20 -20.99
C GLU B 38 -1.60 17.52 -21.42
N PHE B 39 -1.60 16.19 -21.33
CA PHE B 39 -0.41 15.40 -21.57
C PHE B 39 0.00 15.45 -23.04
N GLU B 40 1.25 15.07 -23.29
CA GLU B 40 1.79 14.99 -24.65
C GLU B 40 2.59 13.69 -24.77
N LYS B 41 2.40 12.98 -25.87
CA LYS B 41 3.03 11.67 -26.06
C LYS B 41 4.25 11.71 -26.96
N LYS B 42 4.27 12.56 -27.97
CA LYS B 42 5.36 12.56 -28.93
C LYS B 42 6.68 12.92 -28.24
N TYR B 43 7.73 12.17 -28.57
CA TYR B 43 9.05 12.38 -27.98
C TYR B 43 9.83 13.41 -28.80
N ILE B 44 9.34 14.64 -28.73
CA ILE B 44 10.00 15.75 -29.42
C ILE B 44 11.27 16.11 -28.66
N ALA B 45 12.43 15.73 -29.19
CA ALA B 45 13.68 16.00 -28.53
C ALA B 45 13.86 17.51 -28.32
N THR B 46 14.29 17.87 -27.12
CA THR B 46 14.44 19.27 -26.76
C THR B 46 15.73 19.82 -27.35
N ILE B 47 15.70 21.09 -27.73
CA ILE B 47 16.85 21.78 -28.32
C ILE B 47 17.20 22.98 -27.46
N GLY B 48 18.48 23.09 -27.10
CA GLY B 48 18.92 24.25 -26.35
C GLY B 48 18.15 24.39 -25.05
N VAL B 49 17.53 25.54 -24.86
CA VAL B 49 16.71 25.81 -23.69
C VAL B 49 15.51 26.66 -24.10
N GLU B 50 14.37 26.34 -23.52
CA GLU B 50 13.14 27.11 -23.72
C GLU B 50 12.75 27.78 -22.41
N VAL B 51 12.39 29.05 -22.49
CA VAL B 51 11.97 29.83 -21.33
C VAL B 51 10.45 29.75 -21.23
N HIS B 52 9.96 29.20 -20.13
CA HIS B 52 8.53 29.06 -19.89
C HIS B 52 8.16 29.80 -18.62
N PRO B 53 7.46 30.94 -18.68
CA PRO B 53 7.00 31.59 -17.44
C PRO B 53 5.91 30.77 -16.77
N LEU B 54 6.10 30.49 -15.49
CA LEU B 54 5.21 29.62 -14.73
C LEU B 54 4.74 30.35 -13.48
N SER B 55 3.59 29.95 -12.97
CA SER B 55 3.00 30.59 -11.81
C SER B 55 2.40 29.54 -10.88
N PHE B 56 2.32 29.90 -9.60
CA PHE B 56 1.65 29.08 -8.59
C PHE B 56 0.93 29.99 -7.61
N TYR B 57 -0.09 29.44 -6.97
CA TYR B 57 -0.82 30.14 -5.93
C TYR B 57 -0.78 29.32 -4.65
N THR B 58 -0.55 30.00 -3.52
CA THR B 58 -0.40 29.35 -2.23
C THR B 58 -1.19 30.12 -1.19
N ASN B 59 -1.26 29.52 0.01
CA ASN B 59 -1.88 30.19 1.14
C ASN B 59 -1.18 31.51 1.49
N PHE B 60 0.10 31.65 1.15
CA PHE B 60 0.82 32.90 1.37
C PHE B 60 0.97 33.69 0.07
N GLY B 61 0.13 33.42 -0.92
CA GLY B 61 0.10 34.20 -2.14
C GLY B 61 0.60 33.43 -3.34
N GLU B 62 1.06 34.19 -4.33
CA GLU B 62 1.48 33.67 -5.62
C GLU B 62 3.01 33.68 -5.73
N ILE B 63 3.57 32.58 -6.24
CA ILE B 63 4.99 32.47 -6.50
C ILE B 63 5.17 31.98 -7.94
N LYS B 64 6.12 32.58 -8.65
CA LYS B 64 6.30 32.35 -10.08
C LYS B 64 7.69 31.81 -10.35
N PHE B 65 7.77 30.83 -11.26
CA PHE B 65 9.01 30.23 -11.69
C PHE B 65 9.24 30.54 -13.15
N ASP B 66 10.45 30.98 -13.49
CA ASP B 66 10.88 31.09 -14.88
C ASP B 66 11.63 29.82 -15.24
N VAL B 67 10.93 28.88 -15.88
CA VAL B 67 11.42 27.52 -16.06
C VAL B 67 12.26 27.45 -17.33
N TRP B 68 13.44 26.86 -17.21
CA TRP B 68 14.37 26.68 -18.31
C TRP B 68 14.54 25.18 -18.55
N ASP B 69 14.34 24.76 -19.79
CA ASP B 69 14.32 23.33 -20.13
C ASP B 69 15.58 22.99 -20.90
N THR B 70 16.54 22.37 -20.22
CA THR B 70 17.79 21.97 -20.85
C THR B 70 17.66 20.59 -21.47
N ALA B 71 17.97 20.48 -22.76
CA ALA B 71 17.91 19.19 -23.42
C ALA B 71 18.92 18.23 -22.82
N GLY B 72 18.52 16.97 -22.67
CA GLY B 72 19.35 15.95 -22.09
C GLY B 72 20.19 15.16 -23.08
N LEU B 73 20.22 15.56 -24.35
CA LEU B 73 20.96 14.85 -25.38
C LEU B 73 22.26 15.56 -25.67
N GLU B 74 23.36 14.79 -25.70
CA GLU B 74 24.66 15.39 -25.98
C GLU B 74 24.70 16.05 -27.34
N LYS B 75 23.84 15.63 -28.27
CA LYS B 75 23.86 16.14 -29.63
C LYS B 75 23.01 17.39 -29.82
N PHE B 76 22.04 17.63 -28.93
CA PHE B 76 21.16 18.79 -29.04
C PHE B 76 21.09 19.56 -27.73
N GLY B 77 22.22 19.73 -27.04
CA GLY B 77 22.17 20.34 -25.74
C GLY B 77 22.34 21.84 -25.76
N GLY B 78 23.37 22.35 -26.44
CA GLY B 78 23.59 23.79 -26.47
C GLY B 78 24.72 24.19 -25.56
N LEU B 79 24.46 25.16 -24.68
CA LEU B 79 25.50 25.78 -23.86
C LEU B 79 25.93 24.93 -22.67
N ARG B 80 25.28 23.80 -22.40
CA ARG B 80 25.68 22.93 -21.29
C ARG B 80 25.51 23.73 -20.00
N ASP B 81 26.50 23.73 -19.10
CA ASP B 81 26.31 24.25 -17.75
C ASP B 81 26.02 25.75 -17.73
N GLY B 82 26.37 26.48 -18.80
CA GLY B 82 26.19 27.92 -18.77
C GLY B 82 24.76 28.33 -18.45
N TYR B 83 23.79 27.48 -18.79
CA TYR B 83 22.41 27.78 -18.47
C TYR B 83 22.17 27.87 -16.97
N TYR B 84 23.03 27.23 -16.17
CA TYR B 84 22.79 27.07 -14.75
C TYR B 84 23.22 28.29 -13.95
N ILE B 85 23.76 29.33 -14.59
CA ILE B 85 24.58 30.30 -13.88
C ILE B 85 23.78 31.00 -12.79
N ASN B 86 22.58 31.47 -13.12
CA ASN B 86 21.79 32.29 -12.19
C ASN B 86 20.69 31.51 -11.49
N ALA B 87 20.63 30.19 -11.67
CA ALA B 87 19.50 29.42 -11.17
C ALA B 87 19.54 29.26 -9.66
N GLN B 88 18.37 29.39 -9.04
CA GLN B 88 18.22 29.16 -7.60
C GLN B 88 17.69 27.77 -7.27
N CYS B 89 17.12 27.06 -8.24
CA CYS B 89 16.58 25.73 -7.99
C CYS B 89 16.48 24.98 -9.30
N ALA B 90 16.55 23.66 -9.21
CA ALA B 90 16.54 22.82 -10.39
C ALA B 90 16.05 21.42 -10.01
N ILE B 91 15.48 20.73 -10.99
CA ILE B 91 15.09 19.33 -10.84
C ILE B 91 15.97 18.49 -11.73
N ILE B 92 16.65 17.52 -11.13
CA ILE B 92 17.39 16.50 -11.85
C ILE B 92 16.50 15.27 -11.95
N MET B 93 16.02 14.98 -13.15
CA MET B 93 15.02 13.95 -13.37
C MET B 93 15.58 12.81 -14.20
N PHE B 94 14.98 11.64 -14.04
CA PHE B 94 15.34 10.47 -14.83
C PHE B 94 14.09 9.62 -15.00
N ASP B 95 14.27 8.39 -15.49
CA ASP B 95 13.16 7.48 -15.75
C ASP B 95 13.38 6.19 -14.98
N VAL B 96 12.32 5.67 -14.36
CA VAL B 96 12.44 4.44 -13.60
C VAL B 96 12.43 3.24 -14.53
N THR B 97 11.84 3.37 -15.72
CA THR B 97 11.81 2.26 -16.67
C THR B 97 13.13 2.06 -17.38
N SER B 98 13.93 3.11 -17.55
CA SER B 98 15.22 3.03 -18.24
C SER B 98 16.33 3.11 -17.21
N ARG B 99 16.99 1.98 -16.96
CA ARG B 99 17.98 1.92 -15.88
C ARG B 99 19.13 2.88 -16.14
N ILE B 100 19.60 2.96 -17.39
CA ILE B 100 20.75 3.80 -17.68
C ILE B 100 20.47 5.24 -17.32
N THR B 101 19.24 5.71 -17.53
CA THR B 101 18.93 7.09 -17.19
C THR B 101 19.24 7.38 -15.74
N TYR B 102 19.15 6.36 -14.88
CA TYR B 102 19.52 6.55 -13.48
C TYR B 102 21.03 6.63 -13.31
N LYS B 103 21.79 5.78 -14.01
CA LYS B 103 23.24 5.80 -13.87
C LYS B 103 23.84 7.14 -14.27
N ASN B 104 23.13 7.94 -15.06
CA ASN B 104 23.61 9.25 -15.48
C ASN B 104 23.25 10.35 -14.50
N VAL B 105 22.44 10.06 -13.48
CA VAL B 105 22.05 11.10 -12.53
C VAL B 105 23.27 11.70 -11.85
N PRO B 106 24.23 10.92 -11.33
CA PRO B 106 25.41 11.54 -10.71
C PRO B 106 26.14 12.48 -11.62
N ASN B 107 26.23 12.17 -12.91
CA ASN B 107 26.92 13.03 -13.85
C ASN B 107 26.24 14.40 -13.94
N TRP B 108 24.92 14.39 -14.09
CA TRP B 108 24.19 15.66 -14.14
C TRP B 108 24.29 16.40 -12.81
N HIS B 109 24.24 15.68 -11.70
CA HIS B 109 24.39 16.29 -10.39
C HIS B 109 25.72 17.02 -10.28
N ARG B 110 26.80 16.36 -10.68
CA ARG B 110 28.11 16.99 -10.69
C ARG B 110 28.10 18.24 -11.55
N ASP B 111 27.66 18.10 -12.81
CA ASP B 111 27.66 19.24 -13.70
C ASP B 111 26.82 20.38 -13.16
N LEU B 112 25.89 20.08 -12.26
CA LEU B 112 25.03 21.12 -11.70
C LEU B 112 25.69 21.82 -10.52
N VAL B 113 26.16 21.05 -9.53
CA VAL B 113 26.64 21.67 -8.29
C VAL B 113 27.81 22.59 -8.56
N ARG B 114 28.75 22.16 -9.41
CA ARG B 114 29.96 22.94 -9.67
C ARG B 114 29.63 24.37 -10.09
N VAL B 115 28.39 24.62 -10.49
CA VAL B 115 27.93 25.95 -10.83
C VAL B 115 26.75 26.37 -9.95
N CYS B 116 26.63 25.78 -8.77
CA CYS B 116 25.57 26.14 -7.83
C CYS B 116 26.05 25.93 -6.41
N GLU B 117 25.53 26.73 -5.50
CA GLU B 117 25.96 26.74 -4.10
C GLU B 117 25.05 25.86 -3.25
N ASN B 118 24.93 24.60 -3.65
CA ASN B 118 24.09 23.63 -2.95
C ASN B 118 22.64 24.12 -2.85
N ILE B 119 22.16 24.80 -3.90
CA ILE B 119 20.80 25.32 -3.95
C ILE B 119 19.81 24.17 -3.78
N PRO B 120 18.54 24.43 -3.51
CA PRO B 120 17.57 23.35 -3.41
C PRO B 120 17.41 22.60 -4.73
N ILE B 121 17.68 21.30 -4.68
CA ILE B 121 17.62 20.42 -5.85
C ILE B 121 16.80 19.19 -5.48
N VAL B 122 15.88 18.80 -6.37
CA VAL B 122 14.99 17.68 -6.14
C VAL B 122 15.21 16.65 -7.22
N LEU B 123 15.30 15.39 -6.81
CA LEU B 123 15.47 14.25 -7.73
C LEU B 123 14.11 13.60 -7.95
N CYS B 124 13.64 13.60 -9.19
CA CYS B 124 12.34 13.05 -9.53
C CYS B 124 12.52 11.83 -10.43
N GLY B 125 11.95 10.70 -10.02
CA GLY B 125 11.97 9.49 -10.82
C GLY B 125 10.68 9.32 -11.60
N ASN B 126 10.71 9.65 -12.87
CA ASN B 126 9.49 9.75 -13.66
C ASN B 126 9.04 8.38 -14.17
N LYS B 127 7.81 8.35 -14.68
CA LYS B 127 7.25 7.16 -15.35
C LYS B 127 7.16 5.98 -14.39
N VAL B 128 6.48 6.19 -13.26
CA VAL B 128 6.15 5.06 -12.38
C VAL B 128 4.81 4.43 -12.73
N ASP B 129 4.01 5.08 -13.58
CA ASP B 129 2.78 4.47 -14.04
C ASP B 129 3.05 3.22 -14.86
N VAL B 130 4.15 3.22 -15.63
CA VAL B 130 4.52 2.02 -16.38
C VAL B 130 4.70 0.86 -15.41
N LYS B 131 4.22 -0.31 -15.82
CA LYS B 131 4.20 -1.47 -14.93
C LYS B 131 5.49 -2.28 -14.99
N GLU B 132 6.43 -1.92 -15.86
CA GLU B 132 7.74 -2.57 -15.93
C GLU B 132 8.75 -1.65 -15.24
N ARG B 133 8.84 -1.78 -13.92
CA ARG B 133 9.72 -0.92 -13.12
C ARG B 133 11.13 -1.51 -13.16
N LYS B 134 11.86 -1.15 -14.22
CA LYS B 134 13.24 -1.61 -14.36
C LYS B 134 14.11 -1.08 -13.24
N VAL B 135 13.96 0.19 -12.89
CA VAL B 135 14.71 0.79 -11.80
C VAL B 135 14.06 0.38 -10.49
N LYS B 136 14.49 -0.74 -9.93
CA LYS B 136 13.86 -1.23 -8.71
C LYS B 136 13.95 -0.18 -7.62
N ALA B 137 12.85 0.01 -6.90
CA ALA B 137 12.96 0.67 -5.62
C ALA B 137 13.89 -0.15 -4.72
N LYS B 138 14.38 0.48 -3.66
CA LYS B 138 15.38 -0.08 -2.75
C LYS B 138 16.78 0.07 -3.34
N THR B 139 16.94 0.68 -4.51
CA THR B 139 18.24 0.93 -5.10
C THR B 139 18.31 2.34 -5.68
N ILE B 140 17.80 3.32 -4.95
CA ILE B 140 17.93 4.73 -5.32
C ILE B 140 18.59 5.47 -4.17
N THR B 141 19.52 4.78 -3.50
CA THR B 141 20.15 5.31 -2.28
C THR B 141 20.99 6.54 -2.53
N PHE B 142 21.29 6.87 -3.79
CA PHE B 142 22.19 7.99 -4.07
C PHE B 142 21.63 9.29 -3.51
N HIS B 143 20.35 9.55 -3.73
CA HIS B 143 19.78 10.85 -3.37
C HIS B 143 19.97 11.16 -1.89
N ARG B 144 20.10 10.12 -1.06
CA ARG B 144 20.24 10.33 0.38
C ARG B 144 21.53 11.09 0.70
N LYS B 145 22.67 10.49 0.35
CA LYS B 145 23.95 11.00 0.82
C LYS B 145 24.29 12.38 0.25
N LYS B 146 23.55 12.87 -0.74
CA LYS B 146 23.69 14.22 -1.23
C LYS B 146 22.56 15.12 -0.77
N ASN B 147 21.86 14.74 0.30
CA ASN B 147 20.79 15.56 0.88
C ASN B 147 19.78 16.01 -0.17
N LEU B 148 19.41 15.11 -1.08
CA LEU B 148 18.47 15.44 -2.14
C LEU B 148 17.08 14.89 -1.83
N GLN B 149 16.05 15.64 -2.23
CA GLN B 149 14.66 15.26 -2.00
C GLN B 149 14.16 14.46 -3.20
N TYR B 150 13.70 13.24 -2.94
CA TYR B 150 13.34 12.29 -3.99
C TYR B 150 11.83 12.11 -4.05
N TYR B 151 11.29 12.16 -5.27
CA TYR B 151 9.87 11.95 -5.50
C TYR B 151 9.68 10.95 -6.63
N ASP B 152 8.86 9.94 -6.39
CA ASP B 152 8.35 9.12 -7.48
C ASP B 152 7.18 9.88 -8.12
N ILE B 153 7.22 10.03 -9.43
CA ILE B 153 6.31 10.92 -10.13
C ILE B 153 5.92 10.31 -11.47
N SER B 154 4.87 10.87 -12.07
CA SER B 154 4.45 10.49 -13.41
C SER B 154 3.74 11.69 -14.04
N ALA B 155 4.07 11.98 -15.30
CA ALA B 155 3.58 13.22 -15.90
C ALA B 155 2.10 13.13 -16.26
N LYS B 156 1.66 11.98 -16.77
CA LYS B 156 0.29 11.87 -17.25
C LYS B 156 -0.67 11.40 -16.16
N SER B 157 -0.28 10.40 -15.37
CA SER B 157 -1.13 9.94 -14.28
C SER B 157 -1.16 10.91 -13.11
N ASN B 158 -0.31 11.93 -13.11
CA ASN B 158 -0.28 13.01 -12.13
C ASN B 158 0.10 12.54 -10.73
N TYR B 159 0.60 11.31 -10.59
CA TYR B 159 1.04 10.84 -9.28
C TYR B 159 2.15 11.72 -8.76
N ASN B 160 1.95 12.29 -7.57
CA ASN B 160 2.92 13.18 -6.94
C ASN B 160 3.30 14.34 -7.85
N PHE B 161 2.37 14.77 -8.71
CA PHE B 161 2.72 15.74 -9.74
C PHE B 161 2.99 17.14 -9.21
N GLU B 162 2.68 17.40 -7.93
CA GLU B 162 2.91 18.71 -7.35
C GLU B 162 3.97 18.71 -6.26
N LYS B 163 4.39 17.55 -5.79
CA LYS B 163 5.32 17.51 -4.67
C LYS B 163 6.65 18.21 -4.96
N PRO B 164 7.28 18.01 -6.11
CA PRO B 164 8.56 18.72 -6.35
C PRO B 164 8.43 20.23 -6.26
N PHE B 165 7.46 20.81 -6.95
CA PHE B 165 7.30 22.26 -6.91
C PHE B 165 6.98 22.73 -5.50
N LEU B 166 6.13 22.00 -4.79
CA LEU B 166 5.78 22.38 -3.43
C LEU B 166 7.00 22.38 -2.51
N TRP B 167 7.79 21.32 -2.58
CA TRP B 167 8.97 21.21 -1.73
C TRP B 167 9.98 22.31 -2.07
N LEU B 168 10.18 22.57 -3.37
CA LEU B 168 11.08 23.64 -3.76
C LEU B 168 10.59 25.00 -3.27
N ALA B 169 9.29 25.26 -3.38
CA ALA B 169 8.76 26.52 -2.90
C ALA B 169 8.94 26.64 -1.39
N ARG B 170 8.72 25.55 -0.66
CA ARG B 170 8.88 25.59 0.79
C ARG B 170 10.32 25.93 1.15
N LYS B 171 11.29 25.27 0.51
CA LYS B 171 12.68 25.52 0.85
C LYS B 171 13.17 26.88 0.35
N LEU B 172 12.56 27.41 -0.71
CA LEU B 172 13.03 28.64 -1.33
C LEU B 172 12.40 29.88 -0.70
N ALA B 173 11.07 29.98 -0.75
CA ALA B 173 10.40 31.13 -0.17
C ALA B 173 10.61 31.21 1.34
N GLY B 174 10.94 30.09 1.98
CA GLY B 174 11.21 30.09 3.40
C GLY B 174 9.95 30.13 4.25
N ASN B 175 9.13 29.09 4.15
CA ASN B 175 7.89 29.04 4.91
C ASN B 175 7.39 27.60 5.00
N PRO B 176 7.84 26.82 5.99
CA PRO B 176 7.46 25.40 6.05
C PRO B 176 5.95 25.17 6.07
N GLN B 177 5.14 26.20 6.29
CA GLN B 177 3.69 26.06 6.24
C GLN B 177 3.11 26.33 4.86
N LEU B 178 3.96 26.60 3.86
CA LEU B 178 3.46 26.92 2.54
C LEU B 178 2.69 25.74 1.94
N GLU B 179 1.64 26.06 1.18
CA GLU B 179 0.84 25.05 0.53
C GLU B 179 0.16 25.67 -0.68
N PHE B 180 0.03 24.89 -1.76
CA PHE B 180 -0.67 25.34 -2.94
C PHE B 180 -2.18 25.27 -2.73
N VAL B 181 -2.91 25.99 -3.58
CA VAL B 181 -4.36 26.01 -3.49
C VAL B 181 -4.97 26.09 -4.88
N THR C 39 -1.95 16.32 29.80
CA THR C 39 -3.34 16.62 30.13
C THR C 39 -3.87 15.66 31.19
N LEU C 40 -2.96 14.97 31.88
CA LEU C 40 -3.33 14.02 32.90
C LEU C 40 -2.32 14.09 34.04
N LYS C 41 -2.76 13.71 35.23
CA LYS C 41 -1.90 13.71 36.39
C LYS C 41 -0.94 12.53 36.35
N PRO C 42 0.18 12.62 37.08
CA PRO C 42 1.13 11.50 37.06
C PRO C 42 0.53 10.17 37.51
N LEU C 43 -0.45 10.21 38.43
CA LEU C 43 -1.07 8.97 38.88
C LEU C 43 -1.82 8.29 37.73
N HIS C 44 -2.48 9.08 36.89
CA HIS C 44 -3.16 8.51 35.74
C HIS C 44 -2.17 7.84 34.79
N CYS C 45 -1.01 8.46 34.56
CA CYS C 45 0.01 7.84 33.72
C CYS C 45 0.54 6.56 34.36
N ALA C 46 0.76 6.57 35.67
CA ALA C 46 1.20 5.37 36.36
C ALA C 46 0.18 4.25 36.18
N CYS C 47 -1.11 4.58 36.25
CA CYS C 47 -2.13 3.59 35.93
C CYS C 47 -2.03 3.14 34.47
N MET C 48 -1.71 4.08 33.57
CA MET C 48 -1.51 3.72 32.17
C MET C 48 -0.50 2.60 32.04
N VAL C 49 0.68 2.79 32.65
CA VAL C 49 1.64 1.69 32.71
C VAL C 49 1.17 0.62 33.69
N SER C 50 0.31 0.98 34.64
CA SER C 50 -0.31 0.02 35.54
C SER C 50 0.74 -0.67 36.41
N ASP C 51 1.73 0.09 36.88
CA ASP C 51 2.74 -0.43 37.79
C ASP C 51 2.24 -0.25 39.22
N ALA C 52 2.16 -1.35 39.96
CA ALA C 52 1.63 -1.29 41.31
C ALA C 52 2.50 -0.40 42.20
N ASP C 53 3.82 -0.54 42.10
CA ASP C 53 4.70 0.26 42.94
C ASP C 53 4.56 1.75 42.65
N CYS C 54 4.56 2.13 41.37
CA CYS C 54 4.45 3.54 41.02
C CYS C 54 3.14 4.12 41.50
N VAL C 55 2.03 3.40 41.28
CA VAL C 55 0.73 3.94 41.67
C VAL C 55 0.62 4.03 43.18
N GLU C 56 1.11 3.01 43.91
CA GLU C 56 0.97 3.04 45.36
C GLU C 56 1.84 4.11 45.98
N LEU C 57 3.04 4.34 45.43
CA LEU C 57 3.89 5.40 45.98
C LEU C 57 3.38 6.78 45.58
N LEU C 58 2.76 6.91 44.41
CA LEU C 58 2.18 8.19 44.02
C LEU C 58 0.91 8.49 44.81
N LEU C 59 0.23 7.45 45.29
CA LEU C 59 -0.98 7.64 46.07
C LEU C 59 -0.70 8.28 47.43
N GLU C 60 0.56 8.38 47.84
CA GLU C 60 0.88 9.26 48.95
C GLU C 60 0.37 10.67 48.69
N LYS C 61 0.32 11.06 47.41
CA LYS C 61 -0.38 12.25 46.95
C LYS C 61 -1.82 11.93 46.57
N GLY C 62 -2.34 10.78 46.98
CA GLY C 62 -3.55 10.20 46.44
C GLY C 62 -4.78 11.07 46.48
N ALA C 63 -4.68 12.28 47.04
CA ALA C 63 -5.80 13.21 47.00
C ALA C 63 -6.25 13.47 45.57
N GLU C 64 -5.37 13.30 44.59
CA GLU C 64 -5.73 13.39 43.18
C GLU C 64 -6.28 12.08 42.63
N VAL C 65 -6.39 11.03 43.46
CA VAL C 65 -6.85 9.73 42.97
C VAL C 65 -8.22 9.87 42.31
N ASN C 66 -9.11 10.66 42.93
CA ASN C 66 -10.43 10.92 42.39
C ASN C 66 -10.48 12.22 41.58
N ALA C 67 -9.37 12.58 40.93
CA ALA C 67 -9.28 13.82 40.18
C ALA C 67 -9.44 13.55 38.69
N LEU C 68 -10.27 14.36 38.04
CA LEU C 68 -10.49 14.24 36.61
C LEU C 68 -9.26 14.72 35.84
N ASP C 69 -9.24 14.41 34.55
CA ASP C 69 -8.11 14.75 33.69
C ASP C 69 -8.65 15.23 32.35
N GLY C 70 -7.75 15.33 31.37
CA GLY C 70 -8.14 15.89 30.08
C GLY C 70 -9.29 15.14 29.44
N TYR C 71 -9.26 13.80 29.51
CA TYR C 71 -10.32 12.98 28.96
C TYR C 71 -11.42 12.69 29.96
N ASN C 72 -11.34 13.25 31.16
CA ASN C 72 -12.31 13.04 32.24
C ASN C 72 -12.24 11.63 32.78
N ARG C 73 -11.19 10.87 32.47
CA ARG C 73 -11.02 9.51 32.95
C ARG C 73 -10.35 9.56 34.32
N THR C 74 -11.08 9.16 35.36
CA THR C 74 -10.46 8.99 36.66
C THR C 74 -9.45 7.87 36.60
N ALA C 75 -8.33 8.03 37.31
CA ALA C 75 -7.24 7.07 37.21
C ALA C 75 -7.71 5.66 37.51
N LEU C 76 -8.72 5.51 38.36
CA LEU C 76 -9.25 4.18 38.62
C LEU C 76 -9.79 3.54 37.35
N HIS C 77 -10.29 4.34 36.41
CA HIS C 77 -10.71 3.79 35.14
C HIS C 77 -9.55 3.09 34.44
N TYR C 78 -8.41 3.77 34.33
CA TYR C 78 -7.24 3.14 33.71
C TYR C 78 -6.79 1.93 34.49
N ALA C 79 -6.81 2.01 35.82
CA ALA C 79 -6.41 0.87 36.63
C ALA C 79 -7.28 -0.34 36.31
N ALA C 80 -8.59 -0.13 36.20
CA ALA C 80 -9.48 -1.22 35.82
C ALA C 80 -9.16 -1.73 34.42
N GLU C 81 -8.90 -0.81 33.49
CA GLU C 81 -8.63 -1.22 32.11
C GLU C 81 -7.41 -2.13 32.05
N LYS C 82 -6.38 -1.83 32.83
CA LYS C 82 -5.10 -2.51 32.66
C LYS C 82 -4.95 -3.73 33.56
N ASP C 83 -4.95 -3.55 34.88
CA ASP C 83 -4.55 -4.62 35.79
C ASP C 83 -5.33 -4.53 37.09
N GLU C 84 -5.40 -5.69 37.77
CA GLU C 84 -6.12 -5.79 39.03
C GLU C 84 -5.32 -5.24 40.21
N ALA C 85 -4.00 -5.36 40.19
CA ALA C 85 -3.21 -4.89 41.34
C ALA C 85 -3.37 -3.39 41.52
N CYS C 86 -3.33 -2.64 40.42
CA CYS C 86 -3.56 -1.20 40.51
C CYS C 86 -4.95 -0.91 41.05
N VAL C 87 -5.94 -1.66 40.60
CA VAL C 87 -7.31 -1.45 41.08
C VAL C 87 -7.36 -1.66 42.59
N GLU C 88 -6.76 -2.75 43.06
CA GLU C 88 -6.77 -3.05 44.49
C GLU C 88 -6.10 -1.93 45.28
N VAL C 89 -4.90 -1.53 44.87
CA VAL C 89 -4.15 -0.55 45.67
C VAL C 89 -4.88 0.80 45.66
N LEU C 90 -5.45 1.19 44.51
CA LEU C 90 -6.24 2.41 44.49
C LEU C 90 -7.45 2.30 45.41
N LEU C 91 -8.12 1.15 45.41
CA LEU C 91 -9.27 0.97 46.29
C LEU C 91 -8.87 1.01 47.76
N GLU C 92 -7.62 0.64 48.07
CA GLU C 92 -7.18 0.69 49.46
C GLU C 92 -7.24 2.11 50.02
N TYR C 93 -6.86 3.10 49.20
CA TYR C 93 -6.77 4.48 49.64
C TYR C 93 -8.00 5.31 49.30
N GLY C 94 -9.19 4.71 49.38
CA GLY C 94 -10.41 5.47 49.25
C GLY C 94 -10.73 5.93 47.85
N ALA C 95 -10.20 5.26 46.83
CA ALA C 95 -10.59 5.58 45.47
C ALA C 95 -12.08 5.30 45.28
N ASN C 96 -12.79 6.23 44.66
CA ASN C 96 -14.23 6.08 44.50
C ASN C 96 -14.52 5.03 43.45
N PRO C 97 -15.16 3.91 43.80
CA PRO C 97 -15.43 2.88 42.80
C PRO C 97 -16.36 3.34 41.69
N ASN C 98 -17.30 4.24 41.97
CA ASN C 98 -18.31 4.65 41.01
C ASN C 98 -17.96 5.96 40.31
N ALA C 99 -16.68 6.25 40.17
CA ALA C 99 -16.27 7.47 39.50
C ALA C 99 -16.83 7.51 38.09
N LEU C 100 -17.43 8.64 37.72
CA LEU C 100 -18.04 8.77 36.41
C LEU C 100 -17.00 9.18 35.38
N ASP C 101 -17.46 9.60 34.20
CA ASP C 101 -16.59 10.07 33.13
C ASP C 101 -17.44 10.93 32.20
N GLY C 102 -16.91 11.18 31.00
CA GLY C 102 -17.64 11.97 30.03
C GLY C 102 -18.97 11.36 29.64
N ASN C 103 -19.15 10.06 29.88
CA ASN C 103 -20.42 9.39 29.62
C ASN C 103 -20.93 8.63 30.83
N ARG C 104 -20.26 8.75 31.99
CA ARG C 104 -20.65 8.08 33.23
C ARG C 104 -20.35 6.59 33.20
N ASP C 105 -19.51 6.14 32.27
CA ASP C 105 -19.16 4.73 32.18
C ASP C 105 -18.21 4.40 33.32
N THR C 106 -18.79 4.03 34.46
CA THR C 106 -18.00 3.77 35.65
C THR C 106 -16.91 2.76 35.35
N PRO C 107 -15.85 2.69 36.16
CA PRO C 107 -14.77 1.74 35.87
C PRO C 107 -15.22 0.31 35.79
N LEU C 108 -16.33 -0.04 36.46
CA LEU C 108 -16.83 -1.41 36.37
C LEU C 108 -17.19 -1.76 34.93
N HIS C 109 -17.81 -0.83 34.20
CA HIS C 109 -18.15 -1.08 32.82
C HIS C 109 -16.92 -1.45 32.01
N TRP C 110 -15.84 -0.68 32.17
CA TRP C 110 -14.62 -0.96 31.42
C TRP C 110 -13.98 -2.28 31.86
N ALA C 111 -13.98 -2.53 33.17
CA ALA C 111 -13.43 -3.79 33.65
C ALA C 111 -14.15 -4.97 33.01
N ALA C 112 -15.47 -4.87 32.89
CA ALA C 112 -16.22 -5.95 32.25
C ALA C 112 -15.93 -6.01 30.76
N PHE C 113 -15.95 -4.86 30.09
CA PHE C 113 -15.71 -4.83 28.66
C PHE C 113 -14.38 -5.48 28.31
N LYS C 114 -13.37 -5.29 29.15
CA LYS C 114 -12.07 -5.89 28.91
C LYS C 114 -11.97 -7.31 29.45
N ASN C 115 -13.03 -7.82 30.09
CA ASN C 115 -13.03 -9.17 30.65
C ASN C 115 -11.98 -9.34 31.74
N ASN C 116 -11.57 -8.25 32.38
CA ASN C 116 -10.64 -8.34 33.50
C ASN C 116 -11.43 -8.88 34.70
N ALA C 117 -11.51 -10.20 34.77
CA ALA C 117 -12.37 -10.84 35.77
C ALA C 117 -12.01 -10.38 37.18
N GLU C 118 -10.72 -10.42 37.52
CA GLU C 118 -10.31 -10.05 38.87
C GLU C 118 -10.58 -8.58 39.14
N CYS C 119 -10.31 -7.71 38.16
CA CYS C 119 -10.65 -6.31 38.31
C CYS C 119 -12.13 -6.14 38.63
N VAL C 120 -12.98 -6.82 37.87
CA VAL C 120 -14.42 -6.69 38.05
C VAL C 120 -14.81 -7.15 39.45
N ARG C 121 -14.32 -8.32 39.87
CA ARG C 121 -14.72 -8.85 41.16
C ARG C 121 -14.24 -7.95 42.29
N ALA C 122 -13.01 -7.45 42.20
CA ALA C 122 -12.51 -6.56 43.24
C ALA C 122 -13.33 -5.28 43.31
N LEU C 123 -13.61 -4.67 42.15
CA LEU C 123 -14.36 -3.44 42.14
C LEU C 123 -15.74 -3.64 42.75
N LEU C 124 -16.40 -4.75 42.41
CA LEU C 124 -17.72 -5.01 42.95
C LEU C 124 -17.66 -5.26 44.45
N GLU C 125 -16.75 -6.13 44.88
CA GLU C 125 -16.61 -6.44 46.30
C GLU C 125 -16.36 -5.18 47.11
N SER C 126 -15.63 -4.22 46.56
CA SER C 126 -15.38 -2.97 47.26
C SER C 126 -16.61 -2.07 47.30
N GLY C 127 -17.69 -2.46 46.64
CA GLY C 127 -18.93 -1.71 46.68
C GLY C 127 -19.27 -0.91 45.45
N ALA C 128 -19.03 -1.45 44.26
CA ALA C 128 -19.38 -0.76 43.04
C ALA C 128 -20.84 -1.00 42.67
N SER C 129 -21.45 0.01 42.07
CA SER C 129 -22.85 -0.09 41.66
C SER C 129 -22.96 -1.09 40.52
N VAL C 130 -23.44 -2.30 40.83
CA VAL C 130 -23.50 -3.35 39.82
C VAL C 130 -24.36 -2.91 38.65
N ASN C 131 -25.41 -2.13 38.90
CA ASN C 131 -26.33 -1.68 37.87
C ASN C 131 -26.07 -0.23 37.48
N ALA C 132 -24.83 0.21 37.56
CA ALA C 132 -24.49 1.58 37.17
C ALA C 132 -24.94 1.83 35.73
N LEU C 133 -25.53 3.00 35.50
CA LEU C 133 -26.11 3.35 34.22
C LEU C 133 -25.32 4.48 33.57
N ASP C 134 -24.91 4.28 32.33
CA ASP C 134 -24.30 5.34 31.55
C ASP C 134 -25.40 6.20 30.94
N TYR C 135 -25.02 7.10 30.03
CA TYR C 135 -26.04 7.90 29.36
C TYR C 135 -26.95 7.05 28.49
N ASN C 136 -26.49 5.88 28.07
CA ASN C 136 -27.33 4.93 27.35
C ASN C 136 -27.96 3.90 28.26
N ASN C 137 -27.72 3.97 29.58
CA ASN C 137 -28.23 3.01 30.54
C ASN C 137 -27.59 1.64 30.39
N ASP C 138 -26.50 1.55 29.63
CA ASP C 138 -25.82 0.27 29.41
C ASP C 138 -25.20 -0.18 30.74
N THR C 139 -25.80 -1.18 31.37
CA THR C 139 -25.24 -1.70 32.60
C THR C 139 -23.96 -2.47 32.31
N PRO C 140 -23.10 -2.65 33.31
CA PRO C 140 -21.88 -3.42 33.08
C PRO C 140 -22.14 -4.81 32.53
N LEU C 141 -23.23 -5.45 32.95
CA LEU C 141 -23.57 -6.74 32.38
C LEU C 141 -23.84 -6.63 30.89
N SER C 142 -24.47 -5.53 30.46
CA SER C 142 -24.72 -5.35 29.04
C SER C 142 -23.42 -5.33 28.27
N TRP C 143 -22.42 -4.60 28.77
CA TRP C 143 -21.12 -4.56 28.09
C TRP C 143 -20.43 -5.91 28.14
N ALA C 144 -20.56 -6.63 29.25
CA ALA C 144 -19.96 -7.95 29.32
C ALA C 144 -20.56 -8.86 28.25
N ALA C 145 -21.88 -8.83 28.10
CA ALA C 145 -22.51 -9.62 27.04
C ALA C 145 -22.06 -9.16 25.67
N MET C 146 -21.92 -7.85 25.47
CA MET C 146 -21.46 -7.33 24.19
C MET C 146 -20.27 -8.10 23.66
N LYS C 147 -19.42 -8.61 24.55
CA LYS C 147 -18.27 -9.40 24.17
C LYS C 147 -18.49 -10.90 24.37
N GLY C 148 -19.56 -11.29 25.03
CA GLY C 148 -19.76 -12.70 25.31
C GLY C 148 -18.74 -13.29 26.26
N ASN C 149 -17.96 -12.44 26.93
CA ASN C 149 -16.95 -12.93 27.85
C ASN C 149 -17.62 -13.62 29.03
N LEU C 150 -17.26 -14.88 29.26
CA LEU C 150 -17.99 -15.68 30.23
C LEU C 150 -17.66 -15.28 31.67
N GLU C 151 -16.39 -15.00 31.95
CA GLU C 151 -15.98 -14.81 33.35
C GLU C 151 -16.67 -13.60 33.96
N SER C 152 -16.60 -12.46 33.29
CA SER C 152 -17.18 -11.24 33.84
C SER C 152 -18.69 -11.36 33.96
N VAL C 153 -19.34 -11.95 32.95
CA VAL C 153 -20.78 -12.15 33.02
C VAL C 153 -21.13 -13.03 34.20
N SER C 154 -20.37 -14.11 34.40
CA SER C 154 -20.63 -15.01 35.51
C SER C 154 -20.52 -14.27 36.83
N ILE C 155 -19.47 -13.46 36.99
CA ILE C 155 -19.29 -12.73 38.24
C ILE C 155 -20.43 -11.75 38.46
N LEU C 156 -20.78 -10.99 37.43
CA LEU C 156 -21.82 -9.98 37.56
C LEU C 156 -23.15 -10.62 37.94
N LEU C 157 -23.50 -11.74 37.30
CA LEU C 157 -24.69 -12.47 37.72
C LEU C 157 -24.56 -12.93 39.15
N ASP C 158 -23.37 -13.41 39.54
CA ASP C 158 -23.19 -13.94 40.88
C ASP C 158 -23.42 -12.88 41.94
N TYR C 159 -23.10 -11.62 41.63
CA TYR C 159 -23.45 -10.50 42.51
C TYR C 159 -24.84 -9.95 42.22
N GLY C 160 -25.72 -10.75 41.62
CA GLY C 160 -27.09 -10.33 41.44
C GLY C 160 -27.27 -9.17 40.49
N ALA C 161 -26.54 -9.17 39.37
CA ALA C 161 -26.76 -8.15 38.36
C ALA C 161 -28.13 -8.33 37.71
N GLU C 162 -28.69 -7.22 37.24
CA GLU C 162 -30.01 -7.25 36.62
C GLU C 162 -29.87 -7.69 35.17
N VAL C 163 -30.65 -8.69 34.76
CA VAL C 163 -30.56 -9.21 33.41
C VAL C 163 -31.60 -8.58 32.49
N ARG C 164 -32.74 -8.16 33.02
CA ARG C 164 -33.82 -7.63 32.20
C ARG C 164 -33.68 -6.15 31.89
N VAL C 165 -32.50 -5.57 32.08
CA VAL C 165 -32.30 -4.17 31.74
C VAL C 165 -32.35 -4.00 30.23
N ILE C 166 -32.83 -2.82 29.80
CA ILE C 166 -32.88 -2.47 28.39
C ILE C 166 -32.32 -1.06 28.24
N ASN C 167 -31.34 -0.90 27.35
CA ASN C 167 -30.74 0.39 27.13
C ASN C 167 -31.64 1.26 26.24
N LEU C 168 -31.19 2.50 26.01
CA LEU C 168 -32.01 3.44 25.26
C LEU C 168 -32.26 2.96 23.84
N ILE C 169 -31.24 2.40 23.19
CA ILE C 169 -31.38 1.92 21.82
C ILE C 169 -32.30 0.71 21.80
N GLY C 170 -32.55 0.13 22.98
CA GLY C 170 -33.48 -0.97 23.11
C GLY C 170 -32.84 -2.34 23.25
N GLN C 171 -31.53 -2.44 23.07
CA GLN C 171 -30.87 -3.72 23.17
C GLN C 171 -30.94 -4.23 24.61
N THR C 172 -30.63 -5.51 24.78
CA THR C 172 -30.59 -6.17 26.07
C THR C 172 -29.42 -7.14 26.07
N PRO C 173 -28.94 -7.51 27.26
CA PRO C 173 -27.78 -8.42 27.32
C PRO C 173 -27.94 -9.63 26.42
N ILE C 174 -29.01 -10.38 26.61
CA ILE C 174 -29.24 -11.57 25.80
C ILE C 174 -29.37 -11.20 24.34
N SER C 175 -29.99 -10.05 24.04
CA SER C 175 -30.13 -9.64 22.65
C SER C 175 -28.77 -9.46 22.00
N ARG C 176 -27.86 -8.79 22.69
CA ARG C 176 -26.53 -8.56 22.14
C ARG C 176 -25.75 -9.87 22.03
N LEU C 177 -25.87 -10.73 23.04
CA LEU C 177 -25.18 -12.02 22.96
C LEU C 177 -25.68 -12.82 21.76
N VAL C 178 -26.98 -12.82 21.53
CA VAL C 178 -27.53 -13.51 20.35
C VAL C 178 -26.98 -12.88 19.07
N ALA C 179 -27.01 -11.55 19.00
CA ALA C 179 -26.48 -10.87 17.82
C ALA C 179 -25.05 -11.31 17.56
N LEU C 180 -24.28 -11.56 18.61
CA LEU C 180 -22.94 -12.10 18.43
C LEU C 180 -22.98 -13.49 17.82
N LEU C 181 -23.89 -14.35 18.30
CA LEU C 181 -23.98 -15.71 17.77
C LEU C 181 -24.39 -15.71 16.31
N VAL C 182 -25.29 -14.81 15.93
CA VAL C 182 -25.69 -14.72 14.52
C VAL C 182 -24.47 -14.51 13.64
N ARG C 183 -23.57 -13.63 14.05
CA ARG C 183 -22.37 -13.34 13.27
C ARG C 183 -21.40 -14.52 13.23
N GLY C 184 -21.70 -15.59 13.95
CA GLY C 184 -20.88 -16.78 13.87
C GLY C 184 -19.60 -16.72 14.67
N LEU C 185 -19.27 -15.56 15.23
CA LEU C 185 -18.10 -15.46 16.09
C LEU C 185 -18.32 -16.29 17.36
N GLY C 186 -17.29 -16.34 18.19
CA GLY C 186 -17.37 -17.04 19.45
C GLY C 186 -17.33 -18.54 19.26
N THR C 187 -17.33 -19.23 20.39
CA THR C 187 -17.18 -20.67 20.41
C THR C 187 -17.94 -21.19 21.64
N GLU C 188 -17.63 -22.42 22.04
CA GLU C 188 -18.30 -23.01 23.20
C GLU C 188 -18.37 -22.05 24.38
N LYS C 189 -17.40 -21.15 24.50
CA LYS C 189 -17.45 -20.17 25.59
C LYS C 189 -18.68 -19.30 25.48
N GLU C 190 -18.98 -18.80 24.28
CA GLU C 190 -20.18 -18.00 24.10
C GLU C 190 -21.43 -18.85 24.30
N ASP C 191 -21.37 -20.13 23.94
CA ASP C 191 -22.49 -21.01 24.21
C ASP C 191 -22.77 -21.10 25.71
N SER C 192 -21.71 -21.26 26.51
CA SER C 192 -21.88 -21.32 27.96
C SER C 192 -22.39 -19.98 28.50
N CYS C 193 -21.90 -18.88 27.95
CA CYS C 193 -22.40 -17.58 28.39
C CYS C 193 -23.88 -17.44 28.10
N PHE C 194 -24.31 -17.87 26.91
CA PHE C 194 -25.74 -17.83 26.60
C PHE C 194 -26.52 -18.75 27.52
N GLU C 195 -25.96 -19.90 27.86
CA GLU C 195 -26.61 -20.79 28.82
C GLU C 195 -26.84 -20.09 30.15
N LEU C 196 -25.79 -19.44 30.68
CA LEU C 196 -25.92 -18.76 31.95
C LEU C 196 -26.94 -17.63 31.89
N LEU C 197 -26.92 -16.84 30.82
CA LEU C 197 -27.89 -15.77 30.70
C LEU C 197 -29.31 -16.31 30.58
N HIS C 198 -29.48 -17.41 29.85
CA HIS C 198 -30.81 -18.01 29.74
C HIS C 198 -31.31 -18.47 31.10
N ARG C 199 -30.43 -19.10 31.88
CA ARG C 199 -30.82 -19.52 33.23
C ARG C 199 -31.18 -18.31 34.09
N ALA C 200 -30.38 -17.25 34.01
CA ALA C 200 -30.60 -16.11 34.90
C ALA C 200 -31.90 -15.38 34.56
N VAL C 201 -32.10 -15.07 33.28
CA VAL C 201 -33.22 -14.22 32.90
C VAL C 201 -34.57 -14.85 33.20
N GLY C 202 -34.61 -16.13 33.53
CA GLY C 202 -35.88 -16.79 33.80
C GLY C 202 -36.62 -17.07 32.51
N HIS C 203 -37.00 -16.01 31.81
CA HIS C 203 -37.58 -16.12 30.48
C HIS C 203 -37.29 -14.85 29.71
N PHE C 204 -37.37 -14.95 28.38
CA PHE C 204 -37.06 -13.81 27.53
C PHE C 204 -37.79 -13.95 26.21
N GLU C 205 -37.92 -12.82 25.53
CA GLU C 205 -38.57 -12.76 24.23
C GLU C 205 -37.72 -11.92 23.28
N LEU C 206 -37.60 -12.39 22.04
CA LEU C 206 -36.87 -11.66 21.01
C LEU C 206 -37.71 -11.30 19.80
N ARG C 207 -38.86 -11.92 19.61
CA ARG C 207 -39.68 -11.69 18.43
C ARG C 207 -40.32 -10.32 18.50
N LYS C 208 -39.54 -9.27 18.27
CA LYS C 208 -40.08 -7.92 18.27
C LYS C 208 -41.22 -7.82 17.26
N ASN C 209 -42.34 -7.26 17.69
CA ASN C 209 -43.54 -7.18 16.86
C ASN C 209 -43.98 -8.55 16.37
N GLY C 210 -43.77 -9.58 17.20
CA GLY C 210 -44.20 -10.92 16.86
C GLY C 210 -43.30 -11.67 15.91
N THR C 211 -42.15 -11.11 15.54
CA THR C 211 -41.25 -11.75 14.60
C THR C 211 -39.81 -11.47 14.98
N MET C 212 -38.92 -12.36 14.56
CA MET C 212 -37.51 -12.24 14.88
C MET C 212 -36.87 -11.11 14.07
N PRO C 213 -35.74 -10.58 14.54
CA PRO C 213 -35.06 -9.53 13.78
C PRO C 213 -34.47 -10.07 12.50
N ARG C 214 -34.26 -9.16 11.55
CA ARG C 214 -33.87 -9.56 10.20
C ARG C 214 -32.58 -10.37 10.22
N GLU C 215 -31.59 -9.91 10.96
CA GLU C 215 -30.30 -10.60 10.97
C GLU C 215 -30.43 -12.02 11.50
N VAL C 216 -31.25 -12.22 12.53
CA VAL C 216 -31.44 -13.56 13.06
C VAL C 216 -32.13 -14.45 12.04
N ALA C 217 -33.05 -13.87 11.25
CA ALA C 217 -33.81 -14.68 10.30
C ALA C 217 -32.91 -15.45 9.35
N ARG C 218 -31.78 -14.88 8.98
CA ARG C 218 -30.88 -15.52 8.03
C ARG C 218 -30.12 -16.70 8.62
N ASP C 219 -30.43 -17.16 9.83
CA ASP C 219 -29.76 -18.31 10.44
C ASP C 219 -30.84 -19.27 10.93
N PRO C 220 -31.48 -20.01 10.01
CA PRO C 220 -32.60 -20.86 10.42
C PRO C 220 -32.25 -21.87 11.51
N GLN C 221 -31.07 -22.49 11.44
CA GLN C 221 -30.72 -23.49 12.44
C GLN C 221 -30.51 -22.88 13.82
N LEU C 222 -30.37 -21.56 13.90
CA LEU C 222 -30.36 -20.85 15.18
C LEU C 222 -31.67 -20.13 15.45
N CYS C 223 -32.31 -19.60 14.40
CA CYS C 223 -33.60 -18.95 14.58
C CYS C 223 -34.62 -19.92 15.14
N GLU C 224 -34.57 -21.18 14.72
CA GLU C 224 -35.50 -22.17 15.26
C GLU C 224 -35.28 -22.37 16.75
N LYS C 225 -34.01 -22.45 17.18
CA LYS C 225 -33.74 -22.62 18.60
C LYS C 225 -34.23 -21.42 19.39
N LEU C 226 -33.97 -20.22 18.88
CA LEU C 226 -34.43 -19.03 19.59
C LEU C 226 -35.95 -18.98 19.65
N THR C 227 -36.62 -19.36 18.56
CA THR C 227 -38.08 -19.31 18.55
C THR C 227 -38.67 -20.32 19.52
N VAL C 228 -38.12 -21.54 19.55
CA VAL C 228 -38.64 -22.55 20.48
C VAL C 228 -38.39 -22.12 21.92
N LEU C 229 -37.24 -21.48 22.18
CA LEU C 229 -37.00 -20.94 23.52
C LEU C 229 -38.02 -19.85 23.86
N CYS C 230 -38.28 -18.95 22.93
CA CYS C 230 -39.22 -17.87 23.20
C CYS C 230 -40.62 -18.41 23.46
N SER C 231 -41.06 -19.39 22.68
CA SER C 231 -42.42 -19.89 22.80
C SER C 231 -42.62 -20.73 24.06
N ALA C 232 -41.57 -21.34 24.58
CA ALA C 232 -41.72 -22.18 25.77
C ALA C 232 -41.90 -21.31 27.00
N PRO C 233 -42.99 -21.48 27.77
CA PRO C 233 -43.20 -20.62 28.94
C PRO C 233 -42.11 -20.72 29.99
N GLY C 234 -41.39 -21.84 30.05
CA GLY C 234 -40.35 -22.00 31.05
C GLY C 234 -40.82 -22.72 32.28
N THR C 235 -40.03 -23.68 32.75
CA THR C 235 -40.44 -24.48 33.89
C THR C 235 -40.64 -23.60 35.12
N LEU C 236 -41.62 -23.97 35.94
CA LEU C 236 -41.91 -23.20 37.15
C LEU C 236 -40.68 -23.04 38.02
N LYS C 237 -39.81 -24.05 38.04
CA LYS C 237 -38.62 -23.97 38.88
C LYS C 237 -37.76 -22.77 38.49
N THR C 238 -37.59 -22.55 37.19
CA THR C 238 -36.80 -21.41 36.73
C THR C 238 -37.44 -20.09 37.15
N LEU C 239 -38.76 -19.99 37.02
CA LEU C 239 -39.45 -18.77 37.42
C LEU C 239 -39.27 -18.51 38.90
N ALA C 240 -39.42 -19.54 39.73
CA ALA C 240 -39.22 -19.37 41.17
C ALA C 240 -37.79 -18.97 41.47
N ARG C 241 -36.82 -19.57 40.78
CA ARG C 241 -35.43 -19.19 40.96
C ARG C 241 -35.25 -17.72 40.68
N TYR C 242 -35.80 -17.23 39.57
CA TYR C 242 -35.64 -15.82 39.23
C TYR C 242 -36.29 -14.94 40.28
N ALA C 243 -37.48 -15.31 40.75
CA ALA C 243 -38.15 -14.50 41.76
C ALA C 243 -37.32 -14.43 43.03
N VAL C 244 -36.77 -15.56 43.47
CA VAL C 244 -35.92 -15.57 44.65
C VAL C 244 -34.71 -14.68 44.43
N ARG C 245 -34.07 -14.81 43.27
CA ARG C 245 -32.85 -14.04 43.02
C ARG C 245 -33.14 -12.55 43.02
N ARG C 246 -34.26 -12.13 42.44
CA ARG C 246 -34.67 -10.73 42.57
C ARG C 246 -34.87 -10.37 44.03
N SER C 247 -35.49 -11.26 44.81
CA SER C 247 -35.79 -10.95 46.19
C SER C 247 -34.52 -10.69 46.98
N LEU C 248 -33.49 -11.52 46.78
CA LEU C 248 -32.26 -11.34 47.55
C LEU C 248 -31.69 -9.94 47.35
N GLY C 249 -31.61 -9.49 46.09
CA GLY C 249 -31.17 -8.14 45.83
C GLY C 249 -29.71 -8.03 45.46
N LEU C 250 -29.02 -7.05 46.05
CA LEU C 250 -27.69 -6.66 45.61
C LEU C 250 -26.56 -7.35 46.37
N GLN C 251 -26.86 -8.16 47.37
CA GLN C 251 -25.79 -8.76 48.15
C GLN C 251 -25.14 -9.92 47.39
N TYR C 252 -24.00 -10.37 47.90
CA TYR C 252 -23.29 -11.49 47.32
C TYR C 252 -24.09 -12.77 47.56
N LEU C 253 -24.72 -13.28 46.51
CA LEU C 253 -25.75 -14.30 46.67
C LEU C 253 -25.23 -15.59 47.28
N PRO C 254 -24.22 -16.25 46.71
CA PRO C 254 -23.86 -17.59 47.20
C PRO C 254 -23.52 -17.62 48.68
N ASP C 255 -22.93 -16.56 49.23
CA ASP C 255 -22.81 -16.47 50.67
C ASP C 255 -24.16 -16.15 51.30
N ALA C 256 -24.96 -15.33 50.63
CA ALA C 256 -26.28 -14.97 51.16
C ALA C 256 -27.18 -16.19 51.28
N VAL C 257 -27.18 -17.05 50.25
CA VAL C 257 -28.07 -18.20 50.26
C VAL C 257 -27.71 -19.17 51.39
N LYS C 258 -26.48 -19.12 51.89
CA LYS C 258 -26.08 -20.04 52.96
C LYS C 258 -27.03 -19.92 54.14
N GLY C 259 -27.58 -18.73 54.38
CA GLY C 259 -28.53 -18.55 55.45
C GLY C 259 -29.94 -19.00 55.14
N LEU C 260 -30.17 -19.51 53.93
CA LEU C 260 -31.52 -19.95 53.58
C LEU C 260 -31.76 -21.38 54.02
N PRO C 261 -33.01 -21.74 54.33
CA PRO C 261 -33.32 -23.12 54.71
C PRO C 261 -33.48 -24.08 53.55
N LEU C 262 -33.22 -23.63 52.32
CA LEU C 262 -33.46 -24.45 51.15
C LEU C 262 -32.42 -25.56 51.05
N PRO C 263 -32.79 -26.72 50.48
CA PRO C 263 -31.83 -27.82 50.36
C PRO C 263 -30.62 -27.45 49.53
N ALA C 264 -29.50 -28.12 49.83
CA ALA C 264 -28.22 -27.78 49.20
C ALA C 264 -28.33 -27.80 47.68
N SER C 265 -28.92 -28.86 47.13
CA SER C 265 -29.02 -28.95 45.67
C SER C 265 -29.82 -27.79 45.11
N LEU C 266 -30.92 -27.43 45.78
CA LEU C 266 -31.76 -26.36 45.25
C LEU C 266 -31.12 -25.00 45.38
N LYS C 267 -30.34 -24.76 46.45
CA LYS C 267 -29.60 -23.51 46.50
C LYS C 267 -28.53 -23.46 45.42
N GLU C 268 -27.87 -24.59 45.17
CA GLU C 268 -26.95 -24.65 44.04
C GLU C 268 -27.66 -24.28 42.74
N TYR C 269 -28.88 -24.80 42.57
CA TYR C 269 -29.70 -24.42 41.42
C TYR C 269 -29.92 -22.91 41.41
N LEU C 270 -30.18 -22.33 42.58
CA LEU C 270 -30.35 -20.87 42.66
C LEU C 270 -29.07 -20.16 42.24
N LEU C 271 -27.92 -20.81 42.37
CA LEU C 271 -26.66 -20.27 41.88
C LEU C 271 -26.40 -20.67 40.43
N LEU C 272 -27.44 -21.02 39.69
CA LEU C 272 -27.33 -21.29 38.26
C LEU C 272 -26.31 -22.39 37.97
N LEU C 273 -26.35 -23.46 38.74
CA LEU C 273 -25.51 -24.62 38.47
C LEU C 273 -26.20 -25.62 37.55
N GLU C 274 -27.44 -25.37 37.16
CA GLU C 274 -28.17 -26.25 36.26
C GLU C 274 -28.87 -25.43 35.17
N TYR D 3 -61.45 -35.84 35.91
CA TYR D 3 -60.51 -34.87 36.49
C TYR D 3 -59.81 -35.49 37.68
N VAL D 4 -58.76 -34.81 38.16
CA VAL D 4 -58.01 -35.26 39.32
C VAL D 4 -58.20 -34.28 40.45
N LYS D 5 -58.14 -34.78 41.67
CA LYS D 5 -58.28 -33.97 42.88
C LYS D 5 -56.96 -33.97 43.64
N LEU D 6 -56.47 -32.77 43.96
CA LEU D 6 -55.20 -32.59 44.64
C LEU D 6 -55.47 -32.16 46.08
N ILE D 7 -54.81 -32.80 47.02
CA ILE D 7 -54.98 -32.54 48.45
C ILE D 7 -53.67 -31.99 48.99
N SER D 8 -53.74 -30.83 49.63
CA SER D 8 -52.55 -30.19 50.17
C SER D 8 -52.19 -30.79 51.52
N SER D 9 -51.03 -30.36 52.04
CA SER D 9 -50.61 -30.77 53.37
C SER D 9 -51.58 -30.26 54.43
N ASP D 10 -52.09 -29.04 54.26
CA ASP D 10 -53.03 -28.44 55.19
C ASP D 10 -54.45 -28.97 55.02
N GLY D 11 -54.67 -29.93 54.13
CA GLY D 11 -55.96 -30.53 53.96
C GLY D 11 -56.85 -29.91 52.90
N HIS D 12 -56.43 -28.82 52.28
CA HIS D 12 -57.21 -28.24 51.20
C HIS D 12 -57.20 -29.15 49.99
N GLU D 13 -58.34 -29.22 49.30
CA GLU D 13 -58.50 -30.09 48.15
C GLU D 13 -58.71 -29.25 46.90
N PHE D 14 -58.01 -29.60 45.82
CA PHE D 14 -58.04 -28.86 44.57
C PHE D 14 -58.42 -29.82 43.45
N ILE D 15 -59.31 -29.38 42.58
CA ILE D 15 -59.82 -30.18 41.49
C ILE D 15 -59.32 -29.59 40.18
N VAL D 16 -58.65 -30.43 39.37
CA VAL D 16 -58.13 -30.02 38.08
C VAL D 16 -58.23 -31.19 37.11
N LYS D 17 -58.45 -30.86 35.84
CA LYS D 17 -58.52 -31.90 34.82
C LYS D 17 -57.18 -32.59 34.65
N ARG D 18 -57.22 -33.80 34.12
CA ARG D 18 -56.06 -34.69 34.17
C ARG D 18 -54.84 -34.08 33.48
N GLU D 19 -54.94 -33.83 32.17
CA GLU D 19 -53.77 -33.41 31.43
C GLU D 19 -53.21 -32.09 31.95
N HIS D 20 -54.08 -31.14 32.27
CA HIS D 20 -53.62 -29.93 32.94
C HIS D 20 -52.72 -30.26 34.12
N ALA D 21 -53.25 -31.00 35.09
CA ALA D 21 -52.46 -31.34 36.26
C ALA D 21 -51.35 -32.32 35.91
N LEU D 22 -51.45 -32.98 34.76
CA LEU D 22 -50.47 -33.99 34.39
C LEU D 22 -49.09 -33.40 34.14
N THR D 23 -48.97 -32.08 34.04
CA THR D 23 -47.69 -31.46 33.72
C THR D 23 -46.59 -31.93 34.66
N SER D 24 -46.91 -32.13 35.94
CA SER D 24 -45.90 -32.53 36.91
C SER D 24 -45.36 -33.92 36.61
N GLY D 25 -44.03 -34.05 36.67
CA GLY D 25 -43.43 -35.37 36.55
C GLY D 25 -43.79 -36.27 37.72
N THR D 26 -43.88 -35.69 38.92
CA THR D 26 -44.34 -36.47 40.06
C THR D 26 -45.74 -37.01 39.81
N ILE D 27 -46.59 -36.23 39.14
CA ILE D 27 -47.94 -36.70 38.84
C ILE D 27 -47.92 -37.80 37.79
N LYS D 28 -47.07 -37.66 36.76
CA LYS D 28 -46.96 -38.72 35.77
C LYS D 28 -46.50 -40.02 36.42
N ALA D 29 -45.53 -39.92 37.33
CA ALA D 29 -45.12 -41.11 38.08
C ALA D 29 -46.26 -41.66 38.91
N MET D 30 -47.04 -40.76 39.53
CA MET D 30 -48.20 -41.20 40.30
C MET D 30 -49.20 -41.93 39.42
N LEU D 31 -49.47 -41.40 38.23
CA LEU D 31 -50.43 -42.00 37.33
C LEU D 31 -49.89 -43.31 36.75
N ASN D 43 -57.39 -42.16 41.49
CA ASN D 43 -57.56 -40.80 40.98
C ASN D 43 -57.48 -39.79 42.11
N GLU D 44 -56.35 -39.78 42.81
CA GLU D 44 -56.14 -38.89 43.95
C GLU D 44 -54.65 -38.79 44.23
N VAL D 45 -54.23 -37.63 44.72
CA VAL D 45 -52.85 -37.41 45.13
C VAL D 45 -52.86 -36.63 46.44
N ASN D 46 -52.02 -37.05 47.39
CA ASN D 46 -51.93 -36.42 48.70
C ASN D 46 -50.50 -35.96 48.94
N PHE D 47 -50.34 -34.77 49.51
CA PHE D 47 -49.04 -34.17 49.73
C PHE D 47 -48.89 -33.82 51.20
N ARG D 48 -47.82 -34.31 51.82
CA ARG D 48 -47.54 -34.03 53.22
C ARG D 48 -46.75 -32.73 53.42
N GLU D 49 -46.22 -32.14 52.34
CA GLU D 49 -45.32 -31.01 52.45
C GLU D 49 -45.77 -29.78 51.67
N ILE D 50 -46.81 -29.89 50.84
CA ILE D 50 -47.26 -28.81 49.99
C ILE D 50 -48.47 -28.16 50.66
N PRO D 51 -48.36 -26.94 51.18
CA PRO D 51 -49.54 -26.26 51.73
C PRO D 51 -50.44 -25.73 50.62
N SER D 52 -51.64 -25.33 51.03
CA SER D 52 -52.65 -24.91 50.06
C SER D 52 -52.18 -23.70 49.27
N HIS D 53 -51.55 -22.73 49.93
CA HIS D 53 -51.13 -21.52 49.23
C HIS D 53 -50.08 -21.83 48.17
N VAL D 54 -49.41 -22.96 48.26
CA VAL D 54 -48.50 -23.39 47.19
C VAL D 54 -49.20 -24.29 46.19
N LEU D 55 -50.16 -25.11 46.63
CA LEU D 55 -50.88 -25.97 45.70
C LEU D 55 -51.69 -25.13 44.71
N SER D 56 -52.33 -24.07 45.20
CA SER D 56 -53.04 -23.17 44.29
C SER D 56 -52.08 -22.51 43.32
N LYS D 57 -50.90 -22.11 43.80
CA LYS D 57 -49.93 -21.48 42.92
C LYS D 57 -49.49 -22.43 41.81
N VAL D 58 -49.20 -23.69 42.16
CA VAL D 58 -48.78 -24.63 41.14
C VAL D 58 -49.92 -24.93 40.17
N CYS D 59 -51.16 -24.96 40.66
CA CYS D 59 -52.29 -25.12 39.74
C CYS D 59 -52.38 -23.96 38.77
N MET D 60 -52.23 -22.73 39.28
CA MET D 60 -52.24 -21.58 38.38
C MET D 60 -51.10 -21.67 37.38
N TYR D 61 -49.93 -22.16 37.81
CA TYR D 61 -48.84 -22.34 36.86
C TYR D 61 -49.20 -23.37 35.80
N PHE D 62 -49.85 -24.47 36.21
CA PHE D 62 -50.25 -25.47 35.23
C PHE D 62 -51.14 -24.85 34.16
N THR D 63 -52.18 -24.14 34.58
CA THR D 63 -53.07 -23.54 33.60
C THR D 63 -52.33 -22.51 32.75
N TYR D 64 -51.46 -21.71 33.37
CA TYR D 64 -50.70 -20.71 32.63
C TYR D 64 -49.86 -21.36 31.54
N LYS D 65 -49.07 -22.37 31.90
CA LYS D 65 -48.21 -23.05 30.94
C LYS D 65 -49.03 -23.68 29.83
N VAL D 66 -50.01 -24.50 30.20
CA VAL D 66 -50.77 -25.22 29.18
C VAL D 66 -51.53 -24.24 28.29
N ARG D 67 -51.85 -23.05 28.81
CA ARG D 67 -52.49 -22.04 27.97
C ARG D 67 -51.49 -21.44 26.98
N TYR D 68 -50.29 -21.13 27.45
CA TYR D 68 -49.29 -20.46 26.61
C TYR D 68 -48.27 -21.43 26.03
N THR D 69 -48.50 -22.73 26.13
CA THR D 69 -47.57 -23.69 25.56
C THR D 69 -47.43 -23.48 24.07
N ASN D 70 -46.20 -23.43 23.58
CA ASN D 70 -45.90 -23.25 22.16
C ASN D 70 -46.67 -22.06 21.60
N SER D 71 -46.68 -20.98 22.37
CA SER D 71 -47.43 -19.79 22.00
C SER D 71 -46.61 -18.93 21.04
N SER D 72 -47.21 -18.61 19.89
CA SER D 72 -46.52 -17.74 18.94
C SER D 72 -46.33 -16.34 19.51
N THR D 73 -47.37 -15.80 20.15
CA THR D 73 -47.29 -14.46 20.70
C THR D 73 -46.45 -14.45 21.97
N GLU D 74 -46.01 -13.26 22.37
CA GLU D 74 -45.20 -13.12 23.57
C GLU D 74 -45.96 -13.58 24.79
N ILE D 75 -45.27 -14.27 25.70
CA ILE D 75 -45.87 -14.82 26.90
C ILE D 75 -45.76 -13.79 28.01
N PRO D 76 -46.87 -13.33 28.59
CA PRO D 76 -46.77 -12.42 29.73
C PRO D 76 -46.14 -13.11 30.94
N GLU D 77 -45.46 -12.30 31.75
CA GLU D 77 -44.69 -12.85 32.86
C GLU D 77 -45.60 -13.46 33.92
N PHE D 78 -45.08 -14.47 34.60
CA PHE D 78 -45.81 -15.17 35.64
C PHE D 78 -45.54 -14.49 36.98
N PRO D 79 -46.51 -13.80 37.59
CA PRO D 79 -46.23 -13.13 38.85
C PRO D 79 -46.09 -14.11 40.00
N ILE D 80 -45.11 -13.86 40.86
CA ILE D 80 -44.84 -14.71 42.02
C ILE D 80 -44.62 -13.81 43.22
N ALA D 81 -45.23 -14.17 44.34
CA ALA D 81 -45.04 -13.42 45.57
C ALA D 81 -43.70 -13.79 46.20
N PRO D 82 -42.84 -12.82 46.51
CA PRO D 82 -41.54 -13.17 47.11
C PRO D 82 -41.66 -13.98 48.38
N GLU D 83 -42.72 -13.76 49.15
CA GLU D 83 -42.85 -14.44 50.44
C GLU D 83 -42.91 -15.95 50.25
N ILE D 84 -43.67 -16.42 49.25
CA ILE D 84 -43.84 -17.84 49.03
C ILE D 84 -42.70 -18.46 48.23
N ALA D 85 -41.76 -17.63 47.76
CA ALA D 85 -40.84 -18.08 46.71
C ALA D 85 -40.11 -19.36 47.10
N LEU D 86 -39.62 -19.45 48.33
CA LEU D 86 -38.81 -20.60 48.72
C LEU D 86 -39.60 -21.90 48.59
N GLU D 87 -40.76 -21.96 49.24
CA GLU D 87 -41.56 -23.18 49.18
C GLU D 87 -42.14 -23.40 47.79
N LEU D 88 -42.38 -22.33 47.03
CA LEU D 88 -42.83 -22.50 45.66
C LEU D 88 -41.77 -23.21 44.84
N LEU D 89 -40.52 -22.79 44.98
CA LEU D 89 -39.43 -23.47 44.29
C LEU D 89 -39.29 -24.91 44.76
N MET D 90 -39.42 -25.12 46.07
CA MET D 90 -39.34 -26.49 46.59
C MET D 90 -40.42 -27.37 45.98
N ALA D 91 -41.65 -26.85 45.93
CA ALA D 91 -42.76 -27.62 45.35
C ALA D 91 -42.52 -27.89 43.87
N ALA D 92 -42.02 -26.89 43.14
CA ALA D 92 -41.74 -27.10 41.73
C ALA D 92 -40.72 -28.20 41.55
N ASN D 93 -39.66 -28.20 42.37
CA ASN D 93 -38.66 -29.25 42.28
C ASN D 93 -39.29 -30.61 42.57
N PHE D 94 -40.10 -30.69 43.63
CA PHE D 94 -40.71 -31.95 43.99
C PHE D 94 -41.60 -32.48 42.87
N LEU D 95 -42.37 -31.58 42.26
CA LEU D 95 -43.21 -31.92 41.12
C LEU D 95 -42.45 -31.88 39.80
N ASP D 96 -41.25 -31.31 39.79
CA ASP D 96 -40.43 -31.17 38.58
C ASP D 96 -41.29 -30.81 37.38
N CYS D 97 -42.14 -29.81 37.56
CA CYS D 97 -42.99 -29.33 36.49
C CYS D 97 -42.14 -28.87 35.31
N MET E 1 -62.33 -14.88 22.77
CA MET E 1 -61.52 -14.82 23.98
C MET E 1 -62.26 -15.52 25.13
N ASP E 2 -61.53 -15.93 26.15
CA ASP E 2 -62.10 -16.65 27.28
C ASP E 2 -61.36 -16.25 28.55
N VAL E 3 -61.98 -16.57 29.69
CA VAL E 3 -61.45 -16.23 31.00
C VAL E 3 -61.42 -17.47 31.86
N PHE E 4 -60.50 -17.49 32.84
CA PHE E 4 -60.33 -18.61 33.74
C PHE E 4 -60.84 -18.23 35.12
N LEU E 5 -61.63 -19.11 35.72
CA LEU E 5 -62.29 -18.85 36.99
C LEU E 5 -61.80 -19.82 38.05
N MET E 6 -61.71 -19.32 39.28
CA MET E 6 -61.32 -20.11 40.44
C MET E 6 -62.56 -20.36 41.28
N ILE E 7 -62.98 -21.61 41.37
CA ILE E 7 -64.17 -22.00 42.12
C ILE E 7 -63.72 -22.55 43.47
N ARG E 8 -64.20 -21.92 44.54
CA ARG E 8 -63.84 -22.31 45.89
C ARG E 8 -65.07 -22.41 46.77
N ARG E 9 -65.03 -23.31 47.74
CA ARG E 9 -66.06 -23.44 48.75
C ARG E 9 -65.46 -24.19 49.93
N HIS E 10 -65.34 -23.52 51.06
CA HIS E 10 -64.68 -24.08 52.24
C HIS E 10 -63.25 -24.44 51.82
N LYS E 11 -62.80 -25.68 52.01
CA LYS E 11 -61.48 -26.09 51.57
C LYS E 11 -61.43 -26.52 50.10
N THR E 12 -62.57 -26.57 49.43
CA THR E 12 -62.62 -27.04 48.06
C THR E 12 -62.06 -25.99 47.10
N THR E 13 -61.54 -26.47 45.98
CA THR E 13 -60.98 -25.60 44.95
C THR E 13 -61.08 -26.29 43.60
N ILE E 14 -61.65 -25.59 42.63
CA ILE E 14 -61.82 -26.12 41.28
C ILE E 14 -61.47 -25.03 40.29
N PHE E 15 -60.76 -25.40 39.22
CA PHE E 15 -60.31 -24.47 38.20
C PHE E 15 -61.00 -24.79 36.88
N THR E 16 -61.31 -23.76 36.11
CA THR E 16 -61.97 -23.94 34.82
C THR E 16 -61.75 -22.71 33.95
N ASP E 17 -61.99 -22.89 32.66
CA ASP E 17 -61.92 -21.81 31.68
C ASP E 17 -63.31 -21.62 31.08
N ALA E 18 -63.78 -20.37 31.06
CA ALA E 18 -65.12 -20.06 30.58
C ALA E 18 -65.07 -18.85 29.67
N LYS E 19 -65.87 -18.88 28.62
CA LYS E 19 -65.97 -17.76 27.71
C LYS E 19 -66.77 -16.63 28.34
N GLU E 20 -66.57 -15.41 27.82
CA GLU E 20 -67.30 -14.26 28.35
C GLU E 20 -68.79 -14.41 28.13
N SER E 21 -69.20 -14.84 26.94
CA SER E 21 -70.62 -15.03 26.65
C SER E 21 -71.22 -16.18 27.45
N SER E 22 -70.40 -17.03 28.04
CA SER E 22 -70.92 -18.17 28.79
C SER E 22 -71.86 -17.71 29.90
N THR E 23 -72.99 -18.41 30.01
CA THR E 23 -73.94 -18.13 31.07
C THR E 23 -73.51 -18.84 32.35
N VAL E 24 -73.94 -18.29 33.49
CA VAL E 24 -73.60 -18.90 34.76
C VAL E 24 -74.20 -20.29 34.85
N PHE E 25 -75.27 -20.54 34.07
CA PHE E 25 -75.80 -21.89 33.96
C PHE E 25 -74.75 -22.86 33.40
N GLU E 26 -73.93 -22.37 32.46
CA GLU E 26 -72.86 -23.22 31.93
C GLU E 26 -71.92 -23.63 33.05
N LEU E 27 -71.53 -22.67 33.88
CA LEU E 27 -70.70 -22.98 35.03
C LEU E 27 -71.43 -23.92 35.97
N LYS E 28 -72.76 -23.84 36.03
CA LYS E 28 -73.51 -24.79 36.85
C LYS E 28 -73.34 -26.21 36.32
N ARG E 29 -73.48 -26.43 35.01
CA ARG E 29 -73.16 -27.77 34.50
C ARG E 29 -71.71 -28.15 34.77
N ILE E 30 -70.80 -27.18 34.67
CA ILE E 30 -69.39 -27.52 34.91
C ILE E 30 -69.21 -28.02 36.34
N VAL E 31 -69.83 -27.35 37.31
CA VAL E 31 -69.81 -27.85 38.68
C VAL E 31 -70.41 -29.25 38.73
N GLU E 32 -71.58 -29.44 38.10
CA GLU E 32 -72.20 -30.75 38.11
C GLU E 32 -71.27 -31.83 37.60
N GLY E 33 -70.40 -31.48 36.65
CA GLY E 33 -69.57 -32.48 36.00
C GLY E 33 -68.74 -33.29 36.99
N ILE E 34 -68.36 -32.69 38.11
CA ILE E 34 -67.52 -33.36 39.09
C ILE E 34 -68.29 -33.53 40.39
N LEU E 35 -69.25 -32.65 40.64
CA LEU E 35 -70.05 -32.68 41.85
C LEU E 35 -71.44 -33.21 41.53
N LYS E 36 -71.93 -34.10 42.38
CA LYS E 36 -73.27 -34.65 42.22
C LYS E 36 -74.36 -33.61 42.46
N ARG E 37 -74.00 -32.44 42.98
CA ARG E 37 -75.00 -31.43 43.29
C ARG E 37 -75.61 -30.91 41.99
N PRO E 38 -76.94 -30.93 41.84
CA PRO E 38 -77.54 -30.41 40.62
C PRO E 38 -77.29 -28.92 40.46
N PRO E 39 -77.64 -28.34 39.31
CA PRO E 39 -77.34 -26.91 39.12
C PRO E 39 -78.20 -26.00 39.97
N ASP E 40 -79.50 -26.29 40.07
CA ASP E 40 -80.38 -25.48 40.90
C ASP E 40 -79.92 -25.47 42.35
N GLU E 41 -79.30 -26.55 42.81
CA GLU E 41 -78.78 -26.62 44.16
C GLU E 41 -77.45 -25.88 44.32
N GLN E 42 -77.00 -25.19 43.28
CA GLN E 42 -75.78 -24.39 43.33
C GLN E 42 -76.13 -22.93 43.09
N ARG E 43 -75.47 -22.06 43.85
CA ARG E 43 -75.55 -20.62 43.63
C ARG E 43 -74.16 -20.04 43.79
N LEU E 44 -73.81 -19.09 42.92
CA LEU E 44 -72.45 -18.58 42.83
C LEU E 44 -72.40 -17.11 43.24
N TYR E 45 -71.26 -16.72 43.79
CA TYR E 45 -71.06 -15.37 44.29
C TYR E 45 -69.71 -14.84 43.81
N LYS E 46 -69.66 -13.53 43.53
CA LYS E 46 -68.41 -12.82 43.32
C LYS E 46 -68.19 -11.96 44.55
N ASP E 47 -67.17 -12.30 45.33
CA ASP E 47 -66.90 -11.64 46.61
C ASP E 47 -68.19 -11.39 47.37
N ASP E 48 -68.92 -12.49 47.61
CA ASP E 48 -70.17 -12.54 48.36
C ASP E 48 -71.37 -11.97 47.61
N GLN E 49 -71.17 -11.40 46.42
CA GLN E 49 -72.28 -10.86 45.64
C GLN E 49 -72.86 -11.97 44.76
N LEU E 50 -74.12 -12.32 45.01
CA LEU E 50 -74.74 -13.43 44.30
C LEU E 50 -74.69 -13.20 42.79
N LEU E 51 -74.42 -14.28 42.07
CA LEU E 51 -74.35 -14.26 40.62
C LEU E 51 -75.64 -14.84 40.04
N ASP E 52 -76.28 -14.08 39.15
CA ASP E 52 -77.47 -14.57 38.47
C ASP E 52 -77.10 -15.74 37.58
N ASP E 53 -77.79 -16.87 37.77
CA ASP E 53 -77.51 -18.06 36.97
C ASP E 53 -77.74 -17.80 35.49
N GLY E 54 -78.71 -16.95 35.14
CA GLY E 54 -78.95 -16.61 33.76
C GLY E 54 -78.03 -15.56 33.19
N LYS E 55 -77.28 -14.86 34.04
CA LYS E 55 -76.38 -13.82 33.58
C LYS E 55 -75.16 -14.42 32.89
N THR E 56 -74.67 -13.73 31.88
CA THR E 56 -73.52 -14.18 31.13
C THR E 56 -72.22 -13.74 31.82
N LEU E 57 -71.15 -14.49 31.53
CA LEU E 57 -69.87 -14.22 32.17
C LEU E 57 -69.31 -12.86 31.76
N GLY E 58 -69.49 -12.47 30.50
CA GLY E 58 -68.94 -11.21 30.05
C GLY E 58 -69.51 -10.02 30.80
N GLU E 59 -70.83 -10.03 31.03
CA GLU E 59 -71.49 -8.91 31.71
C GLU E 59 -71.32 -8.95 33.21
N CYS E 60 -70.90 -10.08 33.79
CA CYS E 60 -70.70 -10.17 35.22
C CYS E 60 -69.35 -9.55 35.59
N GLY E 61 -68.93 -9.73 36.83
CA GLY E 61 -67.68 -9.16 37.30
C GLY E 61 -66.48 -10.04 36.99
N PHE E 62 -66.54 -10.77 35.89
CA PHE E 62 -65.45 -11.64 35.46
C PHE E 62 -65.23 -11.47 33.96
N THR E 63 -63.96 -11.32 33.58
CA THR E 63 -63.60 -11.18 32.17
C THR E 63 -62.13 -11.56 32.02
N SER E 64 -61.75 -11.87 30.77
CA SER E 64 -60.39 -12.33 30.53
C SER E 64 -59.35 -11.33 31.01
N GLN E 65 -59.61 -10.04 30.78
CA GLN E 65 -58.67 -9.02 31.25
C GLN E 65 -58.57 -9.03 32.77
N THR E 66 -59.71 -9.17 33.45
CA THR E 66 -59.70 -9.17 34.91
C THR E 66 -58.95 -10.38 35.45
N ALA E 67 -59.21 -11.56 34.88
CA ALA E 67 -58.65 -12.81 35.39
C ALA E 67 -57.86 -13.50 34.28
N ARG E 68 -56.65 -13.90 34.60
CA ARG E 68 -55.77 -14.64 33.72
C ARG E 68 -55.60 -16.06 34.26
N PRO E 69 -55.17 -17.00 33.41
CA PRO E 69 -54.93 -18.35 33.94
C PRO E 69 -53.95 -18.36 35.09
N GLN E 70 -52.92 -17.52 35.04
CA GLN E 70 -52.02 -17.35 36.18
C GLN E 70 -52.66 -16.53 37.30
N ALA E 71 -53.64 -15.69 36.98
CA ALA E 71 -54.29 -14.80 37.94
C ALA E 71 -55.79 -14.99 37.84
N PRO E 72 -56.32 -16.10 38.35
CA PRO E 72 -57.76 -16.36 38.24
C PRO E 72 -58.56 -15.44 39.13
N ALA E 73 -59.88 -15.62 39.07
CA ALA E 73 -60.83 -14.90 39.91
C ALA E 73 -61.57 -15.89 40.79
N THR E 74 -61.60 -15.60 42.09
CA THR E 74 -62.28 -16.49 43.02
C THR E 74 -63.79 -16.43 42.82
N VAL E 75 -64.44 -17.58 42.94
CA VAL E 75 -65.89 -17.70 42.81
C VAL E 75 -66.41 -18.45 44.03
N GLY E 76 -67.37 -17.85 44.73
CA GLY E 76 -67.98 -18.48 45.88
C GLY E 76 -69.16 -19.34 45.47
N LEU E 77 -69.31 -20.48 46.15
CA LEU E 77 -70.35 -21.45 45.82
C LEU E 77 -71.02 -21.91 47.10
N ALA E 78 -72.34 -22.16 47.01
CA ALA E 78 -73.11 -22.63 48.14
C ALA E 78 -74.03 -23.77 47.71
N PHE E 79 -74.22 -24.74 48.60
CA PHE E 79 -75.14 -25.84 48.39
C PHE E 79 -76.49 -25.54 49.05
N ARG E 80 -77.42 -26.49 48.91
CA ARG E 80 -78.66 -26.46 49.67
C ARG E 80 -78.51 -27.29 50.94
N ALA E 81 -77.59 -26.85 51.80
CA ALA E 81 -77.31 -27.56 53.04
C ALA E 81 -78.60 -27.78 53.82
N ASP E 82 -78.98 -29.05 53.98
CA ASP E 82 -80.24 -29.41 54.63
C ASP E 82 -81.41 -28.73 53.93
N ASP E 83 -81.42 -28.79 52.61
CA ASP E 83 -82.46 -28.17 51.79
C ASP E 83 -82.54 -26.67 52.06
N THR E 84 -81.38 -26.03 52.19
CA THR E 84 -81.32 -24.60 52.44
C THR E 84 -79.97 -24.08 51.98
N PHE E 85 -79.97 -22.89 51.37
CA PHE E 85 -78.73 -22.28 50.91
C PHE E 85 -77.77 -22.06 52.07
N GLU E 86 -76.67 -22.82 52.10
CA GLU E 86 -75.66 -22.61 53.11
C GLU E 86 -75.03 -21.24 52.93
N ALA E 87 -74.81 -20.53 54.04
CA ALA E 87 -74.12 -19.26 53.98
C ALA E 87 -72.74 -19.45 53.37
N LEU E 88 -72.41 -18.59 52.41
CA LEU E 88 -71.13 -18.75 51.70
C LEU E 88 -69.98 -18.67 52.69
N CYS E 89 -69.07 -19.63 52.59
CA CYS E 89 -67.90 -19.68 53.46
C CYS E 89 -66.75 -20.30 52.68
N ILE E 90 -65.75 -19.49 52.36
CA ILE E 90 -64.57 -19.94 51.63
C ILE E 90 -63.42 -20.01 52.61
N GLU E 91 -62.91 -21.21 52.86
CA GLU E 91 -61.83 -21.39 53.80
C GLU E 91 -60.54 -20.85 53.19
N PRO E 92 -59.90 -19.84 53.79
CA PRO E 92 -58.67 -19.31 53.19
C PRO E 92 -57.52 -20.30 53.25
N PHE E 93 -56.57 -20.10 52.35
CA PHE E 93 -55.39 -20.94 52.30
C PHE E 93 -54.50 -20.68 53.52
N SER E 94 -53.65 -21.64 53.83
CA SER E 94 -52.72 -21.48 54.94
C SER E 94 -51.86 -20.24 54.72
N SER E 95 -51.72 -19.43 55.76
CA SER E 95 -50.97 -18.20 55.64
C SER E 95 -49.51 -18.52 55.30
N PRO E 96 -48.87 -17.72 54.46
CA PRO E 96 -47.48 -18.00 54.09
C PRO E 96 -46.55 -17.79 55.28
N PRO E 97 -45.40 -18.46 55.30
CA PRO E 97 -44.45 -18.23 56.39
C PRO E 97 -43.85 -16.84 56.32
N GLU E 98 -42.91 -16.53 57.20
CA GLU E 98 -42.29 -15.22 57.25
C GLU E 98 -40.99 -15.22 56.46
N LEU E 99 -40.76 -14.13 55.71
CA LEU E 99 -39.59 -13.98 54.86
C LEU E 99 -38.32 -14.06 55.69
N PRO E 100 -37.33 -14.87 55.30
CA PRO E 100 -36.06 -14.87 56.02
C PRO E 100 -35.37 -13.51 55.97
N ASP E 101 -34.33 -13.38 56.79
CA ASP E 101 -33.66 -12.10 56.95
C ASP E 101 -33.05 -11.63 55.64
N VAL E 102 -32.43 -12.54 54.89
CA VAL E 102 -31.64 -12.16 53.73
C VAL E 102 -32.51 -11.44 52.69
N MET E 103 -33.79 -11.78 52.60
CA MET E 103 -34.63 -11.30 51.52
C MET E 103 -35.41 -10.04 51.86
N LYS E 104 -35.22 -9.44 53.03
CA LYS E 104 -35.84 -8.15 53.27
C LYS E 104 -35.29 -7.11 52.29
N PRO E 105 -36.10 -6.12 51.94
CA PRO E 105 -35.63 -5.05 51.06
C PRO E 105 -34.36 -4.39 51.59
N GLN E 106 -33.71 -3.60 50.75
CA GLN E 106 -32.47 -2.92 51.12
C GLN E 106 -32.67 -2.07 52.37
C10 V6A F . -19.68 -0.69 11.07
C11 V6A F . -21.42 -0.58 12.84
C12 V6A F . -22.72 -0.03 12.24
C13 V6A F . -22.58 0.21 10.74
C14 V6A F . -22.55 2.39 8.19
C15 V6A F . -22.09 3.43 7.39
C16 V6A F . -24.24 4.01 6.88
C17 V6A F . -24.70 2.97 7.68
C01 V6A F . -19.30 -6.52 10.00
C02 V6A F . -18.67 -6.51 8.77
C03 V6A F . -18.37 -5.30 8.17
C04 V6A F . -18.72 -4.12 8.78
C05 V6A F . -19.36 -4.13 10.00
C06 V6A F . -19.65 -5.33 10.62
C07 V6A F . -19.61 -7.85 10.65
C08 V6A F . -17.67 -5.27 6.82
C09 V6A F . -19.71 -2.80 10.65
F01 V6A F . -18.60 -8.73 10.39
F02 V6A F . -19.72 -7.69 12.00
F03 V6A F . -20.78 -8.33 10.14
F04 V6A F . -17.64 -6.53 6.31
F05 V6A F . -16.40 -4.81 6.98
F06 V6A F . -18.36 -4.44 5.99
N01 V6A F . -19.14 -1.64 10.32
N02 V6A F . -20.59 -1.25 11.84
N03 V6A F . -20.60 -2.57 11.58
N04 V6A F . -21.75 1.30 10.27
N05 V6A F . -21.61 1.53 8.89
N06 V6A F . -22.94 4.21 6.76
N07 V6A F . -23.85 2.19 8.32
O01 V6A F . -23.15 -0.49 9.97
H1 V6A F . -19.42 0.36 11.03
H2 V6A F . -21.66 -1.28 13.64
H4 V6A F . -23.54 -0.72 12.44
H5 V6A F . -22.94 0.92 12.72
H6 V6A F . -21.02 3.59 7.29
H7 V6A F . -24.95 4.65 6.36
H8 V6A F . -25.78 2.81 7.79
H9 V6A F . -18.39 -7.44 8.29
H10 V6A F . -18.49 -3.18 8.30
H11 V6A F . -20.15 -5.35 11.58
H12 V6A F . -21.28 1.89 10.92
H13 V6A F . -20.86 1.11 8.38
PG GTP G . 14.15 15.89 -23.62
O1G GTP G . 15.43 15.56 -22.88
O2G GTP G . 14.50 16.33 -25.02
O3G GTP G . 13.42 16.98 -22.91
O3B GTP G . 13.26 14.55 -23.67
PB GTP G . 12.60 13.94 -22.34
O1B GTP G . 12.17 12.52 -22.55
O2B GTP G . 13.55 14.04 -21.17
O3A GTP G . 11.28 14.83 -22.08
PA GTP G . 10.24 15.11 -23.27
O1A GTP G . 9.09 15.90 -22.72
O2A GTP G . 10.90 15.85 -24.41
O5' GTP G . 9.67 13.67 -23.73
C5' GTP G . 9.07 12.83 -22.78
C4' GTP G . 8.56 11.52 -23.38
O4' GTP G . 8.38 10.59 -22.33
C3' GTP G . 7.21 11.69 -24.06
O3' GTP G . 7.34 11.59 -25.47
C2' GTP G . 6.34 10.57 -23.53
O2' GTP G . 6.16 9.59 -24.53
C1' GTP G . 7.10 10.02 -22.33
N9 GTP G . 6.39 10.42 -21.09
C8 GTP G . 6.27 11.70 -20.65
N7 GTP G . 5.58 11.69 -19.49
C5 GTP G . 5.26 10.42 -19.19
C6 GTP G . 4.58 9.86 -18.12
O6 GTP G . 4.12 10.57 -17.23
N1 GTP G . 4.41 8.49 -18.07
C2 GTP G . 4.92 7.70 -19.06
N2 GTP G . 4.76 6.39 -19.01
N3 GTP G . 5.60 8.27 -20.12
C4 GTP G . 5.78 9.60 -20.19
H5' GTP G . 8.25 13.36 -22.30
H5'' GTP G . 9.80 12.59 -22.01
H4' GTP G . 9.28 11.14 -24.10
H3' GTP G . 6.77 12.64 -23.78
HO3' GTP G . 6.84 10.82 -25.78
H2' GTP G . 5.39 10.97 -23.22
HO2' GTP G . 6.60 8.75 -24.26
H1' GTP G . 7.16 8.93 -22.39
H8 GTP G . 6.79 12.57 -21.05
HN1 GTP G . 4.04 8.05 -17.19
HN21 GTP G . 5.14 5.80 -19.74
HN22 GTP G . 4.34 5.96 -18.19
MG MG H . 11.89 17.53 -23.71
#